data_1X69
#
_entry.id   1X69
#
_entity_poly.entity_id   1
_entity_poly.type   'polypeptide(L)'
_entity_poly.pdbx_seq_one_letter_code
;GSSGSSGTYDEYENDLGITAVALYDYQAAGDDEISFDPDDIITNIEMIDDGWWRGVCKGRYGLFPANYVELRQSGPSSG
;
_entity_poly.pdbx_strand_id   A
#
# COMPACT_ATOMS: atom_id res chain seq x y z
N GLY A 1 24.87 14.22 11.84
CA GLY A 1 25.14 12.95 12.47
C GLY A 1 23.91 12.35 13.11
N SER A 2 23.61 11.09 12.77
CA SER A 2 22.44 10.40 13.31
C SER A 2 22.77 8.95 13.59
N SER A 3 21.88 8.29 14.34
CA SER A 3 22.07 6.89 14.69
C SER A 3 20.83 6.33 15.41
N GLY A 4 20.81 5.02 15.59
CA GLY A 4 19.69 4.39 16.27
C GLY A 4 19.92 2.92 16.54
N SER A 5 18.93 2.09 16.24
CA SER A 5 19.03 0.66 16.46
C SER A 5 19.37 -0.07 15.16
N SER A 6 20.31 0.49 14.40
CA SER A 6 20.73 -0.10 13.14
C SER A 6 20.72 -1.62 13.23
N GLY A 7 21.55 -2.16 14.12
CA GLY A 7 21.62 -3.61 14.29
C GLY A 7 23.04 -4.12 14.18
N THR A 8 23.19 -5.36 13.71
CA THR A 8 24.50 -5.97 13.56
C THR A 8 25.04 -5.78 12.15
N TYR A 9 24.19 -5.31 11.25
CA TYR A 9 24.58 -5.09 9.86
C TYR A 9 23.60 -4.17 9.16
N ASP A 10 24.10 -3.38 8.22
CA ASP A 10 23.27 -2.45 7.47
C ASP A 10 23.20 -2.84 6.00
N GLU A 11 23.11 -4.14 5.74
CA GLU A 11 23.03 -4.65 4.38
C GLU A 11 21.71 -5.36 4.13
N TYR A 12 20.62 -4.65 4.34
CA TYR A 12 19.28 -5.22 4.14
C TYR A 12 18.72 -4.82 2.78
N GLU A 13 17.54 -5.34 2.46
CA GLU A 13 16.89 -5.04 1.19
C GLU A 13 15.40 -4.78 1.39
N ASN A 14 15.02 -3.50 1.32
CA ASN A 14 13.62 -3.12 1.49
C ASN A 14 13.11 -2.37 0.26
N ASP A 15 12.26 -3.03 -0.52
CA ASP A 15 11.69 -2.43 -1.72
C ASP A 15 10.18 -2.23 -1.57
N LEU A 16 9.81 -1.16 -0.86
CA LEU A 16 8.39 -0.87 -0.64
C LEU A 16 7.82 -0.07 -1.81
N GLY A 17 8.66 0.77 -2.41
CA GLY A 17 8.22 1.57 -3.54
C GLY A 17 7.36 2.75 -3.10
N ILE A 18 6.16 2.85 -3.67
CA ILE A 18 5.25 3.93 -3.34
C ILE A 18 4.32 3.54 -2.19
N THR A 19 3.98 4.52 -1.36
CA THR A 19 3.10 4.27 -0.22
C THR A 19 1.99 5.31 -0.17
N ALA A 20 0.87 4.95 0.46
CA ALA A 20 -0.27 5.84 0.59
C ALA A 20 -1.05 5.56 1.87
N VAL A 21 -1.91 6.50 2.25
CA VAL A 21 -2.71 6.35 3.45
C VAL A 21 -4.20 6.43 3.14
N ALA A 22 -4.94 5.41 3.57
CA ALA A 22 -6.39 5.37 3.33
C ALA A 22 -7.10 6.53 4.03
N LEU A 23 -8.18 7.01 3.43
CA LEU A 23 -8.94 8.11 4.00
C LEU A 23 -10.24 7.60 4.61
N TYR A 24 -10.84 6.60 3.99
CA TYR A 24 -12.09 6.03 4.46
C TYR A 24 -12.09 4.50 4.31
N ASP A 25 -12.89 3.84 5.12
CA ASP A 25 -12.98 2.39 5.08
C ASP A 25 -13.58 1.92 3.76
N TYR A 26 -12.93 0.93 3.14
CA TYR A 26 -13.39 0.40 1.86
C TYR A 26 -13.65 -1.10 1.96
N GLN A 27 -14.47 -1.61 1.05
CA GLN A 27 -14.80 -3.03 1.04
C GLN A 27 -14.69 -3.60 -0.38
N ALA A 28 -13.56 -4.22 -0.68
CA ALA A 28 -13.33 -4.81 -1.99
C ALA A 28 -14.56 -5.57 -2.47
N ALA A 29 -15.24 -5.03 -3.48
CA ALA A 29 -16.42 -5.66 -4.03
C ALA A 29 -16.21 -7.16 -4.20
N GLY A 30 -15.05 -7.54 -4.71
CA GLY A 30 -14.74 -8.94 -4.92
C GLY A 30 -13.32 -9.30 -4.53
N ASP A 31 -12.82 -10.40 -5.05
CA ASP A 31 -11.47 -10.85 -4.75
C ASP A 31 -10.44 -9.94 -5.41
N ASP A 32 -10.68 -9.59 -6.67
CA ASP A 32 -9.77 -8.73 -7.41
C ASP A 32 -9.40 -7.49 -6.59
N GLU A 33 -10.42 -6.86 -6.00
CA GLU A 33 -10.20 -5.67 -5.19
C GLU A 33 -9.81 -6.05 -3.77
N ILE A 34 -9.10 -5.14 -3.10
CA ILE A 34 -8.65 -5.38 -1.73
C ILE A 34 -9.39 -4.47 -0.75
N SER A 35 -9.54 -4.94 0.49
CA SER A 35 -10.23 -4.17 1.52
C SER A 35 -9.26 -3.73 2.60
N PHE A 36 -9.19 -2.41 2.83
CA PHE A 36 -8.31 -1.86 3.84
C PHE A 36 -9.06 -0.88 4.73
N ASP A 37 -8.57 -0.71 5.96
CA ASP A 37 -9.18 0.19 6.92
C ASP A 37 -8.72 1.63 6.68
N PRO A 38 -9.49 2.59 7.21
CA PRO A 38 -9.18 4.02 7.08
C PRO A 38 -7.95 4.42 7.86
N ASP A 39 -7.10 5.25 7.26
CA ASP A 39 -5.89 5.72 7.91
C ASP A 39 -4.86 4.59 8.00
N ASP A 40 -4.93 3.66 7.07
CA ASP A 40 -4.00 2.54 7.04
C ASP A 40 -2.80 2.84 6.15
N ILE A 41 -1.80 1.97 6.20
CA ILE A 41 -0.59 2.16 5.40
C ILE A 41 -0.45 1.05 4.35
N ILE A 42 -0.19 1.45 3.11
CA ILE A 42 -0.04 0.49 2.02
C ILE A 42 1.34 0.62 1.38
N THR A 43 1.93 -0.53 1.03
CA THR A 43 3.24 -0.54 0.40
C THR A 43 3.18 -1.14 -0.99
N ASN A 44 4.24 -0.94 -1.77
CA ASN A 44 4.30 -1.47 -3.13
C ASN A 44 3.10 -0.99 -3.94
N ILE A 45 2.83 0.31 -3.91
CA ILE A 45 1.72 0.89 -4.64
C ILE A 45 2.08 1.12 -6.10
N GLU A 46 1.45 0.34 -6.99
CA GLU A 46 1.72 0.46 -8.42
C GLU A 46 0.69 1.36 -9.08
N MET A 47 1.16 2.39 -9.79
CA MET A 47 0.29 3.33 -10.47
C MET A 47 -0.13 2.78 -11.83
N ILE A 48 -1.36 2.27 -11.92
CA ILE A 48 -1.88 1.72 -13.16
C ILE A 48 -2.96 2.61 -13.75
N ASP A 49 -4.04 2.80 -13.00
CA ASP A 49 -5.14 3.65 -13.45
C ASP A 49 -5.24 4.91 -12.61
N ASP A 50 -5.27 6.06 -13.28
CA ASP A 50 -5.35 7.35 -12.60
C ASP A 50 -6.44 7.32 -11.53
N GLY A 51 -7.37 6.37 -11.65
CA GLY A 51 -8.44 6.27 -10.68
C GLY A 51 -8.32 5.03 -9.81
N TRP A 52 -7.62 4.02 -10.33
CA TRP A 52 -7.43 2.78 -9.59
C TRP A 52 -5.95 2.38 -9.56
N TRP A 53 -5.53 1.77 -8.46
CA TRP A 53 -4.15 1.34 -8.31
C TRP A 53 -4.08 -0.08 -7.76
N ARG A 54 -2.86 -0.59 -7.60
CA ARG A 54 -2.65 -1.94 -7.08
C ARG A 54 -1.46 -1.98 -6.13
N GLY A 55 -1.73 -2.32 -4.87
CA GLY A 55 -0.67 -2.38 -3.88
C GLY A 55 -0.85 -3.55 -2.92
N VAL A 56 0.21 -3.85 -2.17
CA VAL A 56 0.15 -4.95 -1.20
C VAL A 56 -0.24 -4.45 0.18
N CYS A 57 -1.48 -4.73 0.57
CA CYS A 57 -1.99 -4.30 1.86
C CYS A 57 -2.32 -5.51 2.74
N LYS A 58 -1.97 -5.43 4.02
CA LYS A 58 -2.23 -6.51 4.95
C LYS A 58 -2.05 -7.87 4.29
N GLY A 59 -1.09 -7.95 3.36
CA GLY A 59 -0.84 -9.19 2.65
C GLY A 59 -1.88 -9.47 1.58
N ARG A 60 -2.24 -8.44 0.83
CA ARG A 60 -3.24 -8.59 -0.23
C ARG A 60 -2.96 -7.58 -1.35
N TYR A 61 -2.80 -8.10 -2.57
CA TYR A 61 -2.54 -7.26 -3.73
C TYR A 61 -3.71 -7.30 -4.71
N GLY A 62 -4.38 -6.17 -4.86
CA GLY A 62 -5.51 -6.09 -5.76
C GLY A 62 -5.80 -4.67 -6.21
N LEU A 63 -6.89 -4.50 -6.97
CA LEU A 63 -7.28 -3.19 -7.46
C LEU A 63 -8.00 -2.39 -6.38
N PHE A 64 -7.74 -1.09 -6.34
CA PHE A 64 -8.36 -0.22 -5.36
C PHE A 64 -8.41 1.22 -5.85
N PRO A 65 -9.49 1.93 -5.52
CA PRO A 65 -9.68 3.33 -5.91
C PRO A 65 -8.72 4.27 -5.19
N ALA A 66 -8.05 5.13 -5.97
CA ALA A 66 -7.10 6.07 -5.40
C ALA A 66 -7.84 7.24 -4.73
N ASN A 67 -9.16 7.20 -4.79
CA ASN A 67 -9.98 8.25 -4.18
C ASN A 67 -10.12 8.03 -2.68
N TYR A 68 -10.17 6.76 -2.28
CA TYR A 68 -10.30 6.41 -0.87
C TYR A 68 -8.94 6.35 -0.18
N VAL A 69 -7.93 6.86 -0.87
CA VAL A 69 -6.57 6.87 -0.32
C VAL A 69 -5.81 8.12 -0.77
N GLU A 70 -4.80 8.50 0.01
CA GLU A 70 -4.00 9.67 -0.30
C GLU A 70 -2.52 9.30 -0.42
N LEU A 71 -1.85 9.84 -1.44
CA LEU A 71 -0.44 9.57 -1.66
C LEU A 71 0.41 10.24 -0.59
N ARG A 72 1.13 9.43 0.17
CA ARG A 72 2.00 9.94 1.23
C ARG A 72 2.92 11.04 0.69
N GLN A 73 3.08 12.11 1.47
CA GLN A 73 3.93 13.22 1.07
C GLN A 73 4.11 14.21 2.22
N SER A 74 5.35 14.65 2.42
CA SER A 74 5.66 15.59 3.49
C SER A 74 6.21 16.90 2.92
N GLY A 75 6.12 17.96 3.71
CA GLY A 75 6.63 19.25 3.27
C GLY A 75 7.61 19.86 4.26
N PRO A 76 8.89 19.44 4.15
CA PRO A 76 9.95 19.93 5.03
C PRO A 76 10.30 21.39 4.75
N SER A 77 11.28 21.91 5.49
CA SER A 77 11.71 23.29 5.33
C SER A 77 12.01 23.59 3.86
N SER A 78 13.01 22.92 3.33
CA SER A 78 13.41 23.13 1.94
C SER A 78 12.67 22.17 1.01
N GLY A 79 11.51 22.62 0.51
CA GLY A 79 10.72 21.80 -0.37
C GLY A 79 11.55 21.11 -1.44
N GLY A 1 35.64 -8.79 -4.57
CA GLY A 1 34.60 -9.78 -4.73
C GLY A 1 33.53 -9.68 -3.66
N SER A 2 32.62 -10.65 -3.65
CA SER A 2 31.54 -10.66 -2.67
C SER A 2 31.52 -11.99 -1.90
N SER A 3 31.86 -11.92 -0.62
CA SER A 3 31.88 -13.10 0.23
C SER A 3 31.24 -12.82 1.59
N GLY A 4 30.08 -13.41 1.83
CA GLY A 4 29.38 -13.21 3.09
C GLY A 4 28.60 -14.43 3.51
N SER A 5 28.87 -14.93 4.71
CA SER A 5 28.18 -16.09 5.24
C SER A 5 27.61 -15.82 6.62
N SER A 6 26.35 -15.38 6.65
CA SER A 6 25.69 -15.07 7.91
C SER A 6 25.05 -16.33 8.51
N GLY A 7 24.36 -17.09 7.67
CA GLY A 7 23.71 -18.30 8.13
C GLY A 7 22.54 -18.71 7.26
N THR A 8 21.41 -19.00 7.89
CA THR A 8 20.21 -19.40 7.16
C THR A 8 19.14 -18.30 7.22
N TYR A 9 19.22 -17.36 6.29
CA TYR A 9 18.27 -16.26 6.23
C TYR A 9 18.48 -15.41 4.99
N ASP A 10 17.39 -14.95 4.39
CA ASP A 10 17.46 -14.13 3.20
C ASP A 10 16.90 -12.73 3.46
N GLU A 11 17.78 -11.79 3.78
CA GLU A 11 17.37 -10.41 4.06
C GLU A 11 18.26 -9.43 3.33
N TYR A 12 18.59 -9.74 2.08
CA TYR A 12 19.45 -8.87 1.27
C TYR A 12 19.03 -7.40 1.42
N GLU A 13 17.77 -7.13 1.08
CA GLU A 13 17.25 -5.77 1.16
C GLU A 13 15.73 -5.77 1.17
N ASN A 14 15.14 -4.61 1.43
CA ASN A 14 13.69 -4.48 1.47
C ASN A 14 13.21 -3.44 0.45
N ASP A 15 12.10 -3.74 -0.22
CA ASP A 15 11.54 -2.83 -1.21
C ASP A 15 10.08 -2.52 -0.90
N LEU A 16 9.77 -1.25 -0.75
CA LEU A 16 8.41 -0.82 -0.45
C LEU A 16 7.80 -0.07 -1.63
N GLY A 17 8.56 0.85 -2.21
CA GLY A 17 8.08 1.62 -3.35
C GLY A 17 7.14 2.73 -2.93
N ILE A 18 6.17 3.03 -3.79
CA ILE A 18 5.21 4.08 -3.51
C ILE A 18 4.24 3.67 -2.41
N THR A 19 4.09 4.52 -1.40
CA THR A 19 3.19 4.23 -0.29
C THR A 19 2.03 5.22 -0.25
N ALA A 20 0.96 4.84 0.43
CA ALA A 20 -0.22 5.69 0.54
C ALA A 20 -1.01 5.38 1.80
N VAL A 21 -1.88 6.31 2.20
CA VAL A 21 -2.70 6.11 3.40
C VAL A 21 -4.18 6.21 3.06
N ALA A 22 -4.96 5.29 3.61
CA ALA A 22 -6.40 5.27 3.38
C ALA A 22 -7.09 6.43 4.07
N LEU A 23 -8.18 6.91 3.48
CA LEU A 23 -8.93 8.02 4.06
C LEU A 23 -10.26 7.55 4.64
N TYR A 24 -10.81 6.50 4.05
CA TYR A 24 -12.08 5.93 4.51
C TYR A 24 -12.09 4.42 4.38
N ASP A 25 -12.82 3.75 5.27
CA ASP A 25 -12.91 2.31 5.25
C ASP A 25 -13.48 1.81 3.94
N TYR A 26 -12.80 0.84 3.31
CA TYR A 26 -13.24 0.30 2.04
C TYR A 26 -13.53 -1.20 2.16
N GLN A 27 -14.36 -1.70 1.27
CA GLN A 27 -14.72 -3.12 1.28
C GLN A 27 -14.63 -3.72 -0.12
N ALA A 28 -13.53 -4.41 -0.39
CA ALA A 28 -13.32 -5.04 -1.69
C ALA A 28 -14.61 -5.64 -2.23
N ALA A 29 -15.05 -5.14 -3.38
CA ALA A 29 -16.27 -5.63 -4.00
C ALA A 29 -15.98 -6.80 -4.94
N GLY A 30 -14.78 -7.37 -4.82
CA GLY A 30 -14.40 -8.49 -5.66
C GLY A 30 -13.01 -9.00 -5.35
N ASP A 31 -12.82 -10.31 -5.47
CA ASP A 31 -11.53 -10.92 -5.20
C ASP A 31 -10.40 -10.08 -5.77
N ASP A 32 -10.65 -9.47 -6.92
CA ASP A 32 -9.65 -8.63 -7.58
C ASP A 32 -9.35 -7.39 -6.73
N GLU A 33 -10.38 -6.82 -6.14
CA GLU A 33 -10.23 -5.63 -5.31
C GLU A 33 -9.74 -6.00 -3.91
N ILE A 34 -9.13 -5.03 -3.23
CA ILE A 34 -8.62 -5.25 -1.88
C ILE A 34 -9.33 -4.36 -0.87
N SER A 35 -9.43 -4.83 0.37
CA SER A 35 -10.07 -4.08 1.44
C SER A 35 -9.07 -3.66 2.49
N PHE A 36 -9.20 -2.42 2.96
CA PHE A 36 -8.30 -1.88 3.98
C PHE A 36 -9.05 -0.96 4.94
N ASP A 37 -8.45 -0.73 6.10
CA ASP A 37 -9.06 0.15 7.11
C ASP A 37 -8.68 1.60 6.87
N PRO A 38 -9.46 2.53 7.46
CA PRO A 38 -9.22 3.96 7.33
C PRO A 38 -7.97 4.41 8.07
N ASP A 39 -7.14 5.21 7.39
CA ASP A 39 -5.91 5.71 7.98
C ASP A 39 -4.86 4.60 8.06
N ASP A 40 -4.98 3.62 7.19
CA ASP A 40 -4.04 2.51 7.16
C ASP A 40 -2.85 2.81 6.25
N ILE A 41 -1.76 2.09 6.45
CA ILE A 41 -0.56 2.30 5.65
C ILE A 41 -0.42 1.22 4.58
N ILE A 42 -0.17 1.65 3.34
CA ILE A 42 -0.02 0.72 2.23
C ILE A 42 1.35 0.85 1.58
N THR A 43 1.88 -0.27 1.10
CA THR A 43 3.19 -0.27 0.46
C THR A 43 3.16 -1.08 -0.84
N ASN A 44 4.20 -0.93 -1.65
CA ASN A 44 4.29 -1.64 -2.92
C ASN A 44 3.15 -1.23 -3.84
N ILE A 45 2.88 0.06 -3.91
CA ILE A 45 1.81 0.57 -4.76
C ILE A 45 2.22 0.55 -6.23
N GLU A 46 1.25 0.30 -7.11
CA GLU A 46 1.51 0.24 -8.54
C GLU A 46 0.47 1.04 -9.32
N MET A 47 0.82 2.27 -9.68
CA MET A 47 -0.08 3.14 -10.42
C MET A 47 -0.57 2.45 -11.69
N ILE A 48 -1.80 1.94 -11.65
CA ILE A 48 -2.38 1.26 -12.80
C ILE A 48 -2.97 2.26 -13.80
N ASP A 49 -3.96 3.03 -13.34
CA ASP A 49 -4.59 4.03 -14.18
C ASP A 49 -4.77 5.34 -13.43
N ASP A 50 -5.44 6.29 -14.07
CA ASP A 50 -5.68 7.60 -13.47
C ASP A 50 -6.93 7.58 -12.59
N GLY A 51 -7.21 6.41 -12.00
CA GLY A 51 -8.37 6.27 -11.15
C GLY A 51 -8.18 5.20 -10.09
N TRP A 52 -7.64 4.06 -10.50
CA TRP A 52 -7.42 2.95 -9.59
C TRP A 52 -5.96 2.51 -9.60
N TRP A 53 -5.50 1.97 -8.49
CA TRP A 53 -4.12 1.50 -8.39
C TRP A 53 -4.05 0.09 -7.81
N ARG A 54 -2.85 -0.43 -7.65
CA ARG A 54 -2.65 -1.77 -7.11
C ARG A 54 -1.45 -1.81 -6.17
N GLY A 55 -1.70 -2.18 -4.92
CA GLY A 55 -0.63 -2.26 -3.93
C GLY A 55 -0.83 -3.39 -2.95
N VAL A 56 0.20 -3.67 -2.16
CA VAL A 56 0.14 -4.75 -1.17
C VAL A 56 -0.29 -4.21 0.18
N CYS A 57 -1.55 -4.48 0.55
CA CYS A 57 -2.09 -4.03 1.82
C CYS A 57 -2.44 -5.20 2.72
N LYS A 58 -1.95 -5.18 3.95
CA LYS A 58 -2.21 -6.25 4.90
C LYS A 58 -1.98 -7.62 4.27
N GLY A 59 -1.04 -7.67 3.32
CA GLY A 59 -0.74 -8.92 2.66
C GLY A 59 -1.73 -9.25 1.56
N ARG A 60 -2.13 -8.24 0.80
CA ARG A 60 -3.09 -8.42 -0.29
C ARG A 60 -2.83 -7.43 -1.42
N TYR A 61 -2.67 -7.94 -2.62
CA TYR A 61 -2.42 -7.10 -3.79
C TYR A 61 -3.59 -7.17 -4.77
N GLY A 62 -4.28 -6.05 -4.93
CA GLY A 62 -5.41 -6.00 -5.84
C GLY A 62 -5.72 -4.58 -6.30
N LEU A 63 -6.81 -4.44 -7.03
CA LEU A 63 -7.23 -3.12 -7.53
C LEU A 63 -7.96 -2.34 -6.45
N PHE A 64 -7.64 -1.05 -6.35
CA PHE A 64 -8.28 -0.18 -5.36
C PHE A 64 -8.36 1.25 -5.87
N PRO A 65 -9.45 1.95 -5.49
CA PRO A 65 -9.67 3.35 -5.89
C PRO A 65 -8.69 4.30 -5.22
N ALA A 66 -8.13 5.22 -6.02
CA ALA A 66 -7.18 6.20 -5.50
C ALA A 66 -7.90 7.32 -4.77
N ASN A 67 -9.22 7.28 -4.78
CA ASN A 67 -10.03 8.30 -4.13
C ASN A 67 -10.17 8.00 -2.63
N TYR A 68 -10.22 6.72 -2.30
CA TYR A 68 -10.36 6.32 -0.90
C TYR A 68 -9.00 6.28 -0.20
N VAL A 69 -7.97 6.71 -0.93
CA VAL A 69 -6.62 6.74 -0.38
C VAL A 69 -5.87 7.99 -0.83
N GLU A 70 -4.80 8.33 -0.11
CA GLU A 70 -4.00 9.49 -0.45
C GLU A 70 -2.52 9.13 -0.52
N LEU A 71 -1.80 9.79 -1.43
CA LEU A 71 -0.37 9.53 -1.59
C LEU A 71 0.43 10.15 -0.44
N ARG A 72 1.30 9.36 0.17
CA ARG A 72 2.12 9.82 1.27
C ARG A 72 3.00 10.99 0.84
N GLN A 73 3.40 11.81 1.81
CA GLN A 73 4.25 12.97 1.52
C GLN A 73 5.72 12.60 1.60
N SER A 74 6.06 11.42 1.06
CA SER A 74 7.44 10.94 1.08
C SER A 74 8.40 12.04 0.64
N GLY A 75 8.04 12.75 -0.44
CA GLY A 75 8.89 13.82 -0.93
C GLY A 75 8.30 15.19 -0.66
N PRO A 76 7.49 15.69 -1.60
CA PRO A 76 6.86 17.00 -1.49
C PRO A 76 5.77 17.02 -0.42
N SER A 77 6.14 17.44 0.79
CA SER A 77 5.20 17.50 1.90
C SER A 77 4.71 18.93 2.11
N SER A 78 3.43 19.15 1.78
CA SER A 78 2.84 20.48 1.92
C SER A 78 3.11 21.05 3.32
N GLY A 79 2.96 20.20 4.33
CA GLY A 79 3.19 20.64 5.70
C GLY A 79 2.47 19.78 6.71
N GLY A 1 27.32 -18.50 4.17
CA GLY A 1 28.24 -17.38 4.30
C GLY A 1 29.44 -17.72 5.17
N SER A 2 30.30 -16.72 5.38
CA SER A 2 31.50 -16.91 6.20
C SER A 2 31.13 -17.25 7.64
N SER A 3 30.27 -16.43 8.23
CA SER A 3 29.84 -16.63 9.60
C SER A 3 28.83 -17.78 9.69
N GLY A 4 29.02 -18.65 10.68
CA GLY A 4 28.11 -19.77 10.86
C GLY A 4 26.80 -19.36 11.49
N SER A 5 26.49 -19.95 12.64
CA SER A 5 25.25 -19.65 13.34
C SER A 5 25.17 -18.17 13.70
N SER A 6 24.30 -17.45 12.98
CA SER A 6 24.13 -16.02 13.21
C SER A 6 22.82 -15.74 13.93
N GLY A 7 21.72 -16.24 13.37
CA GLY A 7 20.42 -16.02 13.97
C GLY A 7 19.69 -14.83 13.38
N THR A 8 20.35 -13.69 13.33
CA THR A 8 19.77 -12.47 12.80
C THR A 8 18.87 -12.79 11.60
N TYR A 9 17.86 -11.94 11.38
CA TYR A 9 16.92 -12.13 10.29
C TYR A 9 17.56 -11.70 8.96
N ASP A 10 17.21 -12.41 7.89
CA ASP A 10 17.73 -12.11 6.57
C ASP A 10 16.68 -11.44 5.70
N GLU A 11 16.94 -10.18 5.35
CA GLU A 11 16.01 -9.42 4.51
C GLU A 11 15.36 -10.32 3.47
N TYR A 12 14.04 -10.21 3.33
CA TYR A 12 13.30 -11.01 2.37
C TYR A 12 12.83 -10.15 1.20
N GLU A 13 12.05 -9.12 1.51
CA GLU A 13 11.54 -8.22 0.49
C GLU A 13 11.84 -6.77 0.84
N ASN A 14 13.11 -6.39 0.68
CA ASN A 14 13.54 -5.02 0.98
C ASN A 14 13.12 -4.07 -0.14
N ASP A 15 11.83 -3.75 -0.17
CA ASP A 15 11.30 -2.84 -1.19
C ASP A 15 9.85 -2.47 -0.87
N LEU A 16 9.56 -1.17 -0.89
CA LEU A 16 8.22 -0.68 -0.61
C LEU A 16 7.70 0.20 -1.75
N GLY A 17 8.56 1.10 -2.23
CA GLY A 17 8.17 1.98 -3.31
C GLY A 17 7.21 3.07 -2.87
N ILE A 18 6.16 3.28 -3.65
CA ILE A 18 5.16 4.28 -3.33
C ILE A 18 4.30 3.86 -2.14
N THR A 19 3.91 4.82 -1.32
CA THR A 19 3.07 4.54 -0.16
C THR A 19 1.91 5.53 -0.06
N ALA A 20 0.77 5.04 0.41
CA ALA A 20 -0.42 5.88 0.55
C ALA A 20 -1.22 5.49 1.78
N VAL A 21 -1.99 6.44 2.30
CA VAL A 21 -2.81 6.19 3.49
C VAL A 21 -4.29 6.25 3.14
N ALA A 22 -5.06 5.34 3.74
CA ALA A 22 -6.50 5.29 3.51
C ALA A 22 -7.23 6.39 4.26
N LEU A 23 -8.19 7.02 3.60
CA LEU A 23 -8.96 8.09 4.22
C LEU A 23 -10.28 7.57 4.79
N TYR A 24 -10.84 6.57 4.13
CA TYR A 24 -12.10 5.98 4.57
C TYR A 24 -12.09 4.47 4.38
N ASP A 25 -12.91 3.77 5.16
CA ASP A 25 -13.00 2.32 5.09
C ASP A 25 -13.59 1.88 3.74
N TYR A 26 -12.92 0.94 3.10
CA TYR A 26 -13.37 0.43 1.81
C TYR A 26 -13.63 -1.07 1.86
N GLN A 27 -14.55 -1.55 1.02
CA GLN A 27 -14.89 -2.96 0.99
C GLN A 27 -14.84 -3.49 -0.44
N ALA A 28 -13.72 -4.12 -0.79
CA ALA A 28 -13.54 -4.68 -2.13
C ALA A 28 -14.86 -5.21 -2.68
N ALA A 29 -15.23 -4.75 -3.86
CA ALA A 29 -16.47 -5.19 -4.51
C ALA A 29 -16.24 -6.44 -5.36
N GLY A 30 -15.06 -7.04 -5.21
CA GLY A 30 -14.74 -8.23 -5.97
C GLY A 30 -13.38 -8.81 -5.61
N ASP A 31 -13.29 -10.13 -5.57
CA ASP A 31 -12.04 -10.80 -5.24
C ASP A 31 -10.85 -10.05 -5.83
N ASP A 32 -11.08 -9.36 -6.95
CA ASP A 32 -10.02 -8.61 -7.60
C ASP A 32 -9.61 -7.40 -6.77
N GLU A 33 -10.60 -6.67 -6.27
CA GLU A 33 -10.33 -5.49 -5.45
C GLU A 33 -9.91 -5.89 -4.04
N ILE A 34 -9.24 -4.98 -3.35
CA ILE A 34 -8.78 -5.23 -2.00
C ILE A 34 -9.53 -4.37 -0.99
N SER A 35 -9.55 -4.81 0.27
CA SER A 35 -10.23 -4.07 1.32
C SER A 35 -9.26 -3.67 2.42
N PHE A 36 -9.25 -2.39 2.75
CA PHE A 36 -8.36 -1.87 3.79
C PHE A 36 -9.11 -0.95 4.76
N ASP A 37 -8.68 -0.93 6.01
CA ASP A 37 -9.31 -0.10 7.02
C ASP A 37 -8.96 1.37 6.82
N PRO A 38 -9.76 2.26 7.43
CA PRO A 38 -9.55 3.71 7.33
C PRO A 38 -8.31 4.16 8.08
N ASP A 39 -7.53 5.03 7.45
CA ASP A 39 -6.31 5.56 8.07
C ASP A 39 -5.25 4.45 8.19
N ASP A 40 -5.16 3.61 7.17
CA ASP A 40 -4.19 2.52 7.18
C ASP A 40 -2.99 2.86 6.30
N ILE A 41 -1.98 1.99 6.33
CA ILE A 41 -0.78 2.19 5.53
C ILE A 41 -0.65 1.14 4.45
N ILE A 42 -0.29 1.58 3.24
CA ILE A 42 -0.14 0.67 2.11
C ILE A 42 1.22 0.86 1.45
N THR A 43 1.82 -0.24 1.01
CA THR A 43 3.12 -0.19 0.35
C THR A 43 3.10 -0.99 -0.96
N ASN A 44 4.14 -0.82 -1.77
CA ASN A 44 4.25 -1.53 -3.03
C ASN A 44 3.08 -1.18 -3.94
N ILE A 45 2.74 0.10 -4.00
CA ILE A 45 1.65 0.57 -4.84
C ILE A 45 2.06 0.66 -6.30
N GLU A 46 1.16 0.31 -7.20
CA GLU A 46 1.44 0.36 -8.64
C GLU A 46 0.45 1.28 -9.35
N MET A 47 0.98 2.15 -10.20
CA MET A 47 0.15 3.08 -10.95
C MET A 47 -0.23 2.50 -12.31
N ILE A 48 -1.46 2.01 -12.41
CA ILE A 48 -1.95 1.42 -13.66
C ILE A 48 -2.93 2.36 -14.36
N ASP A 49 -4.03 2.65 -13.69
CA ASP A 49 -5.05 3.54 -14.24
C ASP A 49 -5.00 4.91 -13.59
N ASP A 50 -5.68 5.88 -14.18
CA ASP A 50 -5.71 7.23 -13.65
C ASP A 50 -6.77 7.37 -12.57
N GLY A 51 -7.07 6.27 -11.90
CA GLY A 51 -8.07 6.29 -10.84
C GLY A 51 -7.92 5.13 -9.88
N TRP A 52 -7.48 3.99 -10.41
CA TRP A 52 -7.29 2.79 -9.58
C TRP A 52 -5.84 2.38 -9.54
N TRP A 53 -5.41 1.85 -8.41
CA TRP A 53 -4.02 1.41 -8.24
C TRP A 53 -3.96 0.03 -7.60
N ARG A 54 -2.79 -0.61 -7.68
CA ARG A 54 -2.60 -1.93 -7.12
C ARG A 54 -1.41 -1.96 -6.17
N GLY A 55 -1.66 -2.31 -4.92
CA GLY A 55 -0.59 -2.36 -3.94
C GLY A 55 -0.78 -3.48 -2.93
N VAL A 56 0.26 -3.77 -2.16
CA VAL A 56 0.21 -4.83 -1.16
C VAL A 56 -0.23 -4.28 0.19
N CYS A 57 -1.48 -4.56 0.56
CA CYS A 57 -2.04 -4.10 1.83
C CYS A 57 -2.33 -5.26 2.76
N LYS A 58 -1.85 -5.17 3.99
CA LYS A 58 -2.06 -6.23 4.98
C LYS A 58 -1.81 -7.61 4.36
N GLY A 59 -0.99 -7.64 3.32
CA GLY A 59 -0.67 -8.90 2.67
C GLY A 59 -1.67 -9.24 1.58
N ARG A 60 -2.15 -8.23 0.86
CA ARG A 60 -3.11 -8.43 -0.21
C ARG A 60 -2.86 -7.46 -1.36
N TYR A 61 -2.66 -8.00 -2.56
CA TYR A 61 -2.40 -7.19 -3.73
C TYR A 61 -3.59 -7.24 -4.70
N GLY A 62 -4.28 -6.11 -4.85
CA GLY A 62 -5.41 -6.05 -5.74
C GLY A 62 -5.72 -4.64 -6.20
N LEU A 63 -6.81 -4.48 -6.93
CA LEU A 63 -7.22 -3.16 -7.44
C LEU A 63 -7.95 -2.37 -6.36
N PHE A 64 -7.70 -1.06 -6.33
CA PHE A 64 -8.34 -0.19 -5.35
C PHE A 64 -8.36 1.26 -5.84
N PRO A 65 -9.40 2.00 -5.46
CA PRO A 65 -9.56 3.41 -5.86
C PRO A 65 -8.54 4.31 -5.17
N ALA A 66 -7.94 5.22 -5.94
CA ALA A 66 -6.95 6.14 -5.41
C ALA A 66 -7.62 7.30 -4.68
N ASN A 67 -8.94 7.32 -4.69
CA ASN A 67 -9.71 8.36 -4.03
C ASN A 67 -9.83 8.10 -2.53
N TYR A 68 -10.06 6.83 -2.18
CA TYR A 68 -10.19 6.45 -0.79
C TYR A 68 -8.83 6.41 -0.09
N VAL A 69 -7.80 6.83 -0.82
CA VAL A 69 -6.45 6.86 -0.28
C VAL A 69 -5.72 8.14 -0.66
N GLU A 70 -4.65 8.44 0.06
CA GLU A 70 -3.87 9.64 -0.21
C GLU A 70 -2.36 9.33 -0.24
N LEU A 71 -1.71 9.74 -1.32
CA LEU A 71 -0.28 9.50 -1.47
C LEU A 71 0.51 10.21 -0.37
N ARG A 72 1.38 9.45 0.30
CA ARG A 72 2.20 10.01 1.37
C ARG A 72 3.15 11.07 0.83
N GLN A 73 3.54 12.00 1.70
CA GLN A 73 4.44 13.08 1.31
C GLN A 73 5.89 12.60 1.35
N SER A 74 6.52 12.54 0.19
CA SER A 74 7.91 12.09 0.10
C SER A 74 8.79 13.20 -0.48
N GLY A 75 9.67 13.74 0.36
CA GLY A 75 10.56 14.80 -0.07
C GLY A 75 11.53 14.34 -1.14
N PRO A 76 12.43 15.24 -1.55
CA PRO A 76 13.43 14.95 -2.58
C PRO A 76 14.49 13.97 -2.09
N SER A 77 14.60 13.84 -0.77
CA SER A 77 15.58 12.94 -0.17
C SER A 77 14.95 12.12 0.94
N SER A 78 15.40 10.87 1.07
CA SER A 78 14.87 9.96 2.08
C SER A 78 15.19 10.47 3.48
N GLY A 79 16.48 10.60 3.78
CA GLY A 79 16.89 11.08 5.08
C GLY A 79 17.67 10.04 5.86
N GLY A 1 17.97 -35.70 8.98
CA GLY A 1 17.24 -36.93 8.68
C GLY A 1 16.19 -36.72 7.60
N SER A 2 15.24 -35.83 7.87
CA SER A 2 14.17 -35.56 6.91
C SER A 2 14.03 -34.05 6.69
N SER A 3 13.96 -33.66 5.42
CA SER A 3 13.83 -32.24 5.07
C SER A 3 12.38 -31.79 5.16
N GLY A 4 11.49 -32.57 4.55
CA GLY A 4 10.07 -32.23 4.58
C GLY A 4 9.79 -30.89 3.96
N SER A 5 10.36 -30.64 2.79
CA SER A 5 10.17 -29.37 2.09
C SER A 5 8.69 -29.15 1.77
N SER A 6 8.17 -27.98 2.15
CA SER A 6 6.77 -27.65 1.89
C SER A 6 6.66 -26.42 1.02
N GLY A 7 7.36 -25.35 1.42
CA GLY A 7 7.32 -24.12 0.65
C GLY A 7 7.12 -22.90 1.54
N THR A 8 8.16 -22.52 2.28
CA THR A 8 8.09 -21.37 3.17
C THR A 8 9.43 -20.63 3.22
N TYR A 9 9.38 -19.32 3.06
CA TYR A 9 10.57 -18.49 3.08
C TYR A 9 10.30 -17.14 3.74
N ASP A 10 11.37 -16.42 4.06
CA ASP A 10 11.24 -15.11 4.69
C ASP A 10 11.91 -14.04 3.85
N GLU A 11 11.19 -12.96 3.57
CA GLU A 11 11.73 -11.86 2.77
C GLU A 11 11.52 -10.52 3.48
N TYR A 12 12.57 -10.03 4.12
CA TYR A 12 12.50 -8.76 4.83
C TYR A 12 11.94 -7.65 3.94
N GLU A 13 11.87 -6.44 4.48
CA GLU A 13 11.35 -5.30 3.73
C GLU A 13 12.48 -4.42 3.23
N ASN A 14 12.76 -4.50 1.93
CA ASN A 14 13.83 -3.71 1.32
C ASN A 14 13.26 -2.47 0.63
N ASP A 15 12.37 -2.69 -0.34
CA ASP A 15 11.75 -1.59 -1.07
C ASP A 15 10.23 -1.65 -0.94
N LEU A 16 9.63 -0.51 -0.60
CA LEU A 16 8.18 -0.44 -0.45
C LEU A 16 7.57 0.48 -1.52
N GLY A 17 8.32 0.71 -2.59
CA GLY A 17 7.83 1.56 -3.66
C GLY A 17 7.02 2.73 -3.15
N ILE A 18 5.93 3.03 -3.85
CA ILE A 18 5.05 4.13 -3.47
C ILE A 18 4.14 3.73 -2.31
N THR A 19 3.89 4.68 -1.41
CA THR A 19 3.04 4.42 -0.26
C THR A 19 1.91 5.43 -0.18
N ALA A 20 0.83 5.07 0.51
CA ALA A 20 -0.32 5.94 0.66
C ALA A 20 -1.09 5.62 1.94
N VAL A 21 -1.94 6.55 2.36
CA VAL A 21 -2.74 6.36 3.56
C VAL A 21 -4.22 6.45 3.26
N ALA A 22 -4.97 5.42 3.67
CA ALA A 22 -6.41 5.38 3.43
C ALA A 22 -7.11 6.56 4.11
N LEU A 23 -8.14 7.08 3.45
CA LEU A 23 -8.89 8.21 3.99
C LEU A 23 -10.21 7.74 4.59
N TYR A 24 -10.82 6.74 3.97
CA TYR A 24 -12.10 6.20 4.44
C TYR A 24 -12.14 4.69 4.28
N ASP A 25 -12.85 4.02 5.18
CA ASP A 25 -12.97 2.57 5.13
C ASP A 25 -13.41 2.11 3.75
N TYR A 26 -12.88 0.97 3.32
CA TYR A 26 -13.21 0.41 2.02
C TYR A 26 -13.25 -1.11 2.06
N GLN A 27 -14.39 -1.68 1.67
CA GLN A 27 -14.56 -3.13 1.66
C GLN A 27 -14.67 -3.66 0.24
N ALA A 28 -13.56 -4.16 -0.29
CA ALA A 28 -13.54 -4.70 -1.65
C ALA A 28 -14.76 -5.56 -1.91
N ALA A 29 -15.36 -5.39 -3.09
CA ALA A 29 -16.54 -6.16 -3.46
C ALA A 29 -16.15 -7.54 -3.98
N GLY A 30 -15.07 -7.60 -4.74
CA GLY A 30 -14.61 -8.86 -5.29
C GLY A 30 -13.16 -9.15 -4.97
N ASP A 31 -12.77 -10.41 -5.09
CA ASP A 31 -11.39 -10.80 -4.81
C ASP A 31 -10.40 -9.89 -5.53
N ASP A 32 -10.78 -9.42 -6.69
CA ASP A 32 -9.94 -8.53 -7.48
C ASP A 32 -9.56 -7.28 -6.67
N GLU A 33 -10.53 -6.75 -5.94
CA GLU A 33 -10.29 -5.56 -5.13
C GLU A 33 -9.78 -5.94 -3.75
N ILE A 34 -9.16 -4.97 -3.06
CA ILE A 34 -8.63 -5.20 -1.73
C ILE A 34 -9.38 -4.40 -0.68
N SER A 35 -9.41 -4.91 0.54
CA SER A 35 -10.12 -4.24 1.63
C SER A 35 -9.12 -3.74 2.68
N PHE A 36 -9.24 -2.46 3.03
CA PHE A 36 -8.36 -1.86 4.03
C PHE A 36 -9.12 -0.85 4.89
N ASP A 37 -8.66 -0.68 6.12
CA ASP A 37 -9.30 0.26 7.04
C ASP A 37 -8.81 1.69 6.78
N PRO A 38 -9.59 2.66 7.28
CA PRO A 38 -9.27 4.09 7.11
C PRO A 38 -8.04 4.50 7.91
N ASP A 39 -7.18 5.31 7.31
CA ASP A 39 -5.97 5.78 7.97
C ASP A 39 -4.94 4.67 8.06
N ASP A 40 -5.00 3.72 7.14
CA ASP A 40 -4.08 2.60 7.12
C ASP A 40 -2.85 2.92 6.28
N ILE A 41 -1.89 2.00 6.26
CA ILE A 41 -0.67 2.19 5.49
C ILE A 41 -0.51 1.10 4.42
N ILE A 42 -0.24 1.52 3.20
CA ILE A 42 -0.06 0.58 2.09
C ILE A 42 1.34 0.69 1.49
N THR A 43 1.88 -0.43 1.05
CA THR A 43 3.20 -0.46 0.44
C THR A 43 3.17 -1.09 -0.94
N ASN A 44 4.23 -0.88 -1.71
CA ASN A 44 4.33 -1.43 -3.06
C ASN A 44 3.13 -1.01 -3.89
N ILE A 45 2.81 0.28 -3.86
CA ILE A 45 1.68 0.81 -4.61
C ILE A 45 2.03 0.96 -6.09
N GLU A 46 1.27 0.29 -6.95
CA GLU A 46 1.50 0.35 -8.39
C GLU A 46 0.52 1.32 -9.05
N MET A 47 1.05 2.22 -9.88
CA MET A 47 0.23 3.19 -10.57
C MET A 47 -0.22 2.66 -11.94
N ILE A 48 -1.46 2.20 -12.02
CA ILE A 48 -2.00 1.67 -13.26
C ILE A 48 -3.07 2.59 -13.83
N ASP A 49 -4.13 2.83 -13.05
CA ASP A 49 -5.21 3.69 -13.48
C ASP A 49 -5.27 4.96 -12.63
N ASP A 50 -5.34 6.11 -13.29
CA ASP A 50 -5.40 7.39 -12.59
C ASP A 50 -6.47 7.37 -11.51
N GLY A 51 -7.39 6.41 -11.61
CA GLY A 51 -8.46 6.29 -10.63
C GLY A 51 -8.33 5.05 -9.78
N TRP A 52 -7.63 4.04 -10.30
CA TRP A 52 -7.43 2.79 -9.57
C TRP A 52 -5.97 2.40 -9.57
N TRP A 53 -5.53 1.76 -8.49
CA TRP A 53 -4.14 1.32 -8.36
C TRP A 53 -4.07 -0.11 -7.85
N ARG A 54 -2.85 -0.63 -7.70
CA ARG A 54 -2.65 -1.98 -7.21
C ARG A 54 -1.42 -2.05 -6.31
N GLY A 55 -1.65 -2.34 -5.02
CA GLY A 55 -0.55 -2.43 -4.08
C GLY A 55 -0.76 -3.53 -3.06
N VAL A 56 0.29 -3.83 -2.30
CA VAL A 56 0.22 -4.88 -1.28
C VAL A 56 -0.17 -4.30 0.08
N CYS A 57 -1.42 -4.52 0.47
CA CYS A 57 -1.91 -4.01 1.74
C CYS A 57 -2.29 -5.16 2.68
N LYS A 58 -1.72 -5.16 3.88
CA LYS A 58 -2.00 -6.19 4.86
C LYS A 58 -1.82 -7.59 4.24
N GLY A 59 -0.90 -7.69 3.30
CA GLY A 59 -0.65 -8.97 2.65
C GLY A 59 -1.69 -9.29 1.59
N ARG A 60 -2.07 -8.28 0.81
CA ARG A 60 -3.07 -8.46 -0.24
C ARG A 60 -2.83 -7.49 -1.39
N TYR A 61 -2.71 -8.03 -2.59
CA TYR A 61 -2.47 -7.21 -3.78
C TYR A 61 -3.66 -7.26 -4.73
N GLY A 62 -4.34 -6.12 -4.88
CA GLY A 62 -5.50 -6.05 -5.76
C GLY A 62 -5.79 -4.64 -6.23
N LEU A 63 -6.90 -4.48 -6.93
CA LEU A 63 -7.29 -3.17 -7.44
C LEU A 63 -8.00 -2.35 -6.35
N PHE A 64 -7.71 -1.06 -6.31
CA PHE A 64 -8.32 -0.17 -5.33
C PHE A 64 -8.37 1.26 -5.84
N PRO A 65 -9.46 1.98 -5.50
CA PRO A 65 -9.66 3.36 -5.92
C PRO A 65 -8.69 4.32 -5.23
N ALA A 66 -8.00 5.13 -6.04
CA ALA A 66 -7.05 6.09 -5.50
C ALA A 66 -7.76 7.23 -4.79
N ASN A 67 -9.09 7.19 -4.79
CA ASN A 67 -9.89 8.22 -4.15
C ASN A 67 -10.00 7.97 -2.65
N TYR A 68 -10.18 6.72 -2.28
CA TYR A 68 -10.31 6.33 -0.87
C TYR A 68 -8.94 6.30 -0.20
N VAL A 69 -7.92 6.78 -0.91
CA VAL A 69 -6.56 6.81 -0.38
C VAL A 69 -5.84 8.07 -0.80
N GLU A 70 -4.72 8.36 -0.14
CA GLU A 70 -3.92 9.54 -0.45
C GLU A 70 -2.43 9.23 -0.40
N LEU A 71 -1.71 9.62 -1.44
CA LEU A 71 -0.27 9.39 -1.51
C LEU A 71 0.48 10.26 -0.51
N ARG A 72 1.36 9.64 0.27
CA ARG A 72 2.14 10.37 1.27
C ARG A 72 3.40 10.95 0.65
N GLN A 73 4.03 11.86 1.37
CA GLN A 73 5.25 12.50 0.89
C GLN A 73 5.05 13.08 -0.51
N SER A 74 3.96 13.82 -0.69
CA SER A 74 3.64 14.43 -1.98
C SER A 74 3.28 15.89 -1.81
N GLY A 75 4.05 16.77 -2.46
CA GLY A 75 3.79 18.19 -2.37
C GLY A 75 4.60 18.86 -1.28
N PRO A 76 5.87 19.17 -1.59
CA PRO A 76 6.77 19.82 -0.64
C PRO A 76 6.39 21.27 -0.36
N SER A 77 6.19 22.03 -1.42
CA SER A 77 5.81 23.44 -1.30
C SER A 77 4.34 23.58 -0.95
N SER A 78 4.00 24.66 -0.25
CA SER A 78 2.62 24.91 0.16
C SER A 78 2.02 23.67 0.82
N GLY A 79 2.81 23.01 1.66
CA GLY A 79 2.34 21.82 2.34
C GLY A 79 2.60 21.87 3.83
N GLY A 1 5.40 7.33 18.46
CA GLY A 1 4.97 5.94 18.48
C GLY A 1 5.39 5.20 17.22
N SER A 2 6.68 5.25 16.91
CA SER A 2 7.21 4.58 15.73
C SER A 2 8.64 4.11 15.97
N SER A 3 9.12 3.23 15.10
CA SER A 3 10.47 2.69 15.20
C SER A 3 10.67 2.01 16.56
N GLY A 4 9.67 1.24 16.97
CA GLY A 4 9.75 0.53 18.24
C GLY A 4 8.73 -0.58 18.36
N SER A 5 7.45 -0.22 18.23
CA SER A 5 6.37 -1.20 18.33
C SER A 5 6.66 -2.41 17.45
N SER A 6 6.22 -3.58 17.92
CA SER A 6 6.44 -4.82 17.19
C SER A 6 5.21 -5.72 17.28
N GLY A 7 5.15 -6.73 16.42
CA GLY A 7 4.04 -7.66 16.42
C GLY A 7 4.19 -8.77 15.40
N THR A 8 3.24 -8.88 14.48
CA THR A 8 3.28 -9.90 13.46
C THR A 8 4.59 -9.85 12.67
N TYR A 9 5.09 -11.02 12.29
CA TYR A 9 6.34 -11.11 11.53
C TYR A 9 6.11 -10.80 10.07
N ASP A 10 7.14 -10.27 9.40
CA ASP A 10 7.05 -9.94 7.99
C ASP A 10 8.44 -9.88 7.35
N GLU A 11 8.59 -10.57 6.23
CA GLU A 11 9.87 -10.61 5.53
C GLU A 11 10.14 -9.28 4.83
N TYR A 12 11.34 -8.74 5.05
CA TYR A 12 11.72 -7.46 4.45
C TYR A 12 11.48 -7.47 2.95
N GLU A 13 11.84 -6.37 2.29
CA GLU A 13 11.66 -6.27 0.84
C GLU A 13 12.73 -5.36 0.24
N ASN A 14 12.93 -5.51 -1.07
CA ASN A 14 13.93 -4.70 -1.77
C ASN A 14 13.55 -3.22 -1.75
N ASP A 15 12.29 -2.93 -2.05
CA ASP A 15 11.81 -1.56 -2.06
C ASP A 15 10.30 -1.51 -1.81
N LEU A 16 9.90 -0.68 -0.85
CA LEU A 16 8.48 -0.54 -0.50
C LEU A 16 7.74 0.28 -1.55
N GLY A 17 8.45 0.62 -2.63
CA GLY A 17 7.83 1.41 -3.69
C GLY A 17 7.02 2.56 -3.16
N ILE A 18 6.00 2.97 -3.91
CA ILE A 18 5.14 4.07 -3.50
C ILE A 18 4.22 3.65 -2.37
N THR A 19 3.93 4.58 -1.47
CA THR A 19 3.06 4.32 -0.33
C THR A 19 1.93 5.34 -0.24
N ALA A 20 0.86 4.97 0.43
CA ALA A 20 -0.29 5.86 0.59
C ALA A 20 -1.06 5.55 1.87
N VAL A 21 -1.89 6.49 2.30
CA VAL A 21 -2.69 6.31 3.51
C VAL A 21 -4.18 6.44 3.21
N ALA A 22 -4.94 5.43 3.62
CA ALA A 22 -6.39 5.44 3.40
C ALA A 22 -7.04 6.62 4.09
N LEU A 23 -8.10 7.15 3.48
CA LEU A 23 -8.82 8.30 4.03
C LEU A 23 -10.19 7.86 4.57
N TYR A 24 -10.74 6.80 3.99
CA TYR A 24 -12.04 6.30 4.40
C TYR A 24 -12.07 4.77 4.35
N ASP A 25 -12.85 4.17 5.25
CA ASP A 25 -12.97 2.72 5.29
C ASP A 25 -13.47 2.17 3.96
N TYR A 26 -12.71 1.24 3.39
CA TYR A 26 -13.07 0.64 2.11
C TYR A 26 -13.42 -0.83 2.29
N GLN A 27 -14.07 -1.41 1.28
CA GLN A 27 -14.47 -2.81 1.32
C GLN A 27 -14.48 -3.41 -0.08
N ALA A 28 -13.53 -4.29 -0.35
CA ALA A 28 -13.43 -4.94 -1.65
C ALA A 28 -14.78 -5.54 -2.07
N ALA A 29 -15.19 -5.22 -3.29
CA ALA A 29 -16.46 -5.72 -3.80
C ALA A 29 -16.23 -6.74 -4.92
N GLY A 30 -15.01 -7.27 -5.00
CA GLY A 30 -14.68 -8.24 -6.03
C GLY A 30 -13.76 -7.68 -7.08
N ASP A 31 -13.77 -8.29 -8.26
CA ASP A 31 -12.93 -7.84 -9.37
C ASP A 31 -11.47 -7.75 -8.93
N ASP A 32 -11.08 -8.63 -8.01
CA ASP A 32 -9.71 -8.65 -7.51
C ASP A 32 -9.42 -7.41 -6.67
N GLU A 33 -10.46 -6.83 -6.10
CA GLU A 33 -10.32 -5.63 -5.27
C GLU A 33 -9.88 -6.00 -3.86
N ILE A 34 -9.21 -5.06 -3.20
CA ILE A 34 -8.73 -5.28 -1.84
C ILE A 34 -9.48 -4.39 -0.85
N SER A 35 -9.39 -4.75 0.44
CA SER A 35 -10.06 -3.99 1.49
C SER A 35 -9.05 -3.54 2.54
N PHE A 36 -9.20 -2.29 2.99
CA PHE A 36 -8.31 -1.73 4.00
C PHE A 36 -9.06 -0.74 4.89
N ASP A 37 -8.59 -0.59 6.13
CA ASP A 37 -9.21 0.32 7.08
C ASP A 37 -8.80 1.75 6.79
N PRO A 38 -9.57 2.71 7.33
CA PRO A 38 -9.31 4.14 7.14
C PRO A 38 -8.06 4.61 7.88
N ASP A 39 -7.22 5.36 7.19
CA ASP A 39 -5.98 5.86 7.78
C ASP A 39 -4.95 4.75 7.92
N ASP A 40 -5.04 3.75 7.06
CA ASP A 40 -4.12 2.62 7.08
C ASP A 40 -2.87 2.93 6.28
N ILE A 41 -1.91 2.01 6.30
CA ILE A 41 -0.66 2.18 5.57
C ILE A 41 -0.49 1.10 4.51
N ILE A 42 -0.18 1.52 3.28
CA ILE A 42 0.02 0.59 2.19
C ILE A 42 1.41 0.75 1.57
N THR A 43 1.94 -0.35 1.04
CA THR A 43 3.26 -0.34 0.43
C THR A 43 3.26 -1.12 -0.89
N ASN A 44 4.28 -0.88 -1.72
CA ASN A 44 4.39 -1.56 -3.00
C ASN A 44 3.25 -1.18 -3.92
N ILE A 45 2.91 0.10 -3.94
CA ILE A 45 1.83 0.60 -4.79
C ILE A 45 2.26 0.65 -6.25
N GLU A 46 1.35 0.25 -7.14
CA GLU A 46 1.63 0.25 -8.57
C GLU A 46 0.57 1.03 -9.33
N MET A 47 0.88 2.28 -9.66
CA MET A 47 -0.04 3.14 -10.39
C MET A 47 -0.52 2.45 -11.66
N ILE A 48 -1.74 1.91 -11.62
CA ILE A 48 -2.32 1.23 -12.77
C ILE A 48 -2.95 2.22 -13.74
N ASP A 49 -3.95 2.94 -13.26
CA ASP A 49 -4.65 3.93 -14.08
C ASP A 49 -4.79 5.25 -13.34
N ASP A 50 -5.50 6.20 -13.94
CA ASP A 50 -5.72 7.51 -13.34
C ASP A 50 -6.95 7.49 -12.43
N GLY A 51 -7.20 6.35 -11.81
CA GLY A 51 -8.33 6.21 -10.93
C GLY A 51 -8.19 5.06 -9.95
N TRP A 52 -7.58 3.98 -10.41
CA TRP A 52 -7.38 2.79 -9.57
C TRP A 52 -5.93 2.35 -9.61
N TRP A 53 -5.43 1.86 -8.48
CA TRP A 53 -4.05 1.39 -8.38
C TRP A 53 -4.00 -0.02 -7.80
N ARG A 54 -2.81 -0.60 -7.78
CA ARG A 54 -2.61 -1.94 -7.25
C ARG A 54 -1.42 -1.98 -6.30
N GLY A 55 -1.67 -2.33 -5.04
CA GLY A 55 -0.61 -2.40 -4.05
C GLY A 55 -0.83 -3.50 -3.05
N VAL A 56 0.19 -3.80 -2.25
CA VAL A 56 0.11 -4.84 -1.25
C VAL A 56 -0.31 -4.27 0.10
N CYS A 57 -1.57 -4.51 0.47
CA CYS A 57 -2.11 -4.02 1.74
C CYS A 57 -2.49 -5.17 2.65
N LYS A 58 -2.00 -5.13 3.90
CA LYS A 58 -2.29 -6.17 4.86
C LYS A 58 -2.08 -7.55 4.26
N GLY A 59 -1.12 -7.65 3.34
CA GLY A 59 -0.84 -8.93 2.71
C GLY A 59 -1.84 -9.27 1.62
N ARG A 60 -2.22 -8.27 0.83
CA ARG A 60 -3.18 -8.46 -0.25
C ARG A 60 -2.92 -7.49 -1.40
N TYR A 61 -2.75 -8.03 -2.60
CA TYR A 61 -2.49 -7.22 -3.78
C TYR A 61 -3.66 -7.27 -4.75
N GLY A 62 -4.36 -6.15 -4.91
CA GLY A 62 -5.50 -6.09 -5.80
C GLY A 62 -5.78 -4.68 -6.27
N LEU A 63 -6.88 -4.52 -7.00
CA LEU A 63 -7.27 -3.21 -7.52
C LEU A 63 -8.01 -2.41 -6.45
N PHE A 64 -7.75 -1.10 -6.43
CA PHE A 64 -8.39 -0.21 -5.46
C PHE A 64 -8.39 1.23 -5.96
N PRO A 65 -9.41 1.99 -5.54
CA PRO A 65 -9.54 3.40 -5.92
C PRO A 65 -8.48 4.29 -5.28
N ALA A 66 -7.91 5.19 -6.07
CA ALA A 66 -6.89 6.10 -5.58
C ALA A 66 -7.51 7.29 -4.85
N ASN A 67 -8.83 7.32 -4.80
CA ASN A 67 -9.55 8.39 -4.12
C ASN A 67 -9.75 8.08 -2.65
N TYR A 68 -10.01 6.81 -2.35
CA TYR A 68 -10.23 6.38 -0.98
C TYR A 68 -8.93 6.44 -0.17
N VAL A 69 -7.85 6.83 -0.84
CA VAL A 69 -6.55 6.94 -0.19
C VAL A 69 -5.88 8.27 -0.51
N GLU A 70 -4.79 8.57 0.18
CA GLU A 70 -4.05 9.80 -0.04
C GLU A 70 -2.57 9.54 -0.20
N LEU A 71 -2.05 9.84 -1.39
CA LEU A 71 -0.63 9.64 -1.68
C LEU A 71 0.25 10.23 -0.59
N ARG A 72 1.09 9.39 0.02
CA ARG A 72 1.97 9.83 1.08
C ARG A 72 3.12 10.66 0.52
N GLN A 73 3.23 11.91 1.00
CA GLN A 73 4.27 12.82 0.54
C GLN A 73 5.65 12.15 0.63
N SER A 74 6.22 11.83 -0.52
CA SER A 74 7.52 11.19 -0.58
C SER A 74 8.62 12.15 -0.12
N GLY A 75 8.24 13.40 0.15
CA GLY A 75 9.19 14.39 0.59
C GLY A 75 8.90 14.89 1.98
N PRO A 76 9.97 15.18 2.75
CA PRO A 76 9.84 15.67 4.13
C PRO A 76 9.30 17.10 4.18
N SER A 77 7.99 17.21 4.33
CA SER A 77 7.34 18.53 4.39
C SER A 77 5.93 18.41 4.97
N SER A 78 5.68 19.12 6.07
CA SER A 78 4.37 19.10 6.72
C SER A 78 3.40 20.02 5.99
N GLY A 79 3.83 21.25 5.73
CA GLY A 79 2.97 22.20 5.05
C GLY A 79 3.73 23.43 4.58
N GLY A 1 37.76 -14.11 23.10
CA GLY A 1 38.97 -13.32 23.01
C GLY A 1 38.71 -11.84 23.22
N SER A 2 39.74 -11.11 23.61
CA SER A 2 39.62 -9.67 23.85
C SER A 2 38.85 -8.99 22.71
N SER A 3 39.39 -9.10 21.50
CA SER A 3 38.76 -8.50 20.33
C SER A 3 39.13 -9.26 19.06
N GLY A 4 38.12 -9.71 18.33
CA GLY A 4 38.37 -10.45 17.10
C GLY A 4 38.58 -9.53 15.91
N SER A 5 38.82 -10.12 14.75
CA SER A 5 39.04 -9.35 13.53
C SER A 5 37.73 -9.11 12.78
N SER A 6 37.80 -8.29 11.74
CA SER A 6 36.61 -7.98 10.94
C SER A 6 36.68 -8.66 9.57
N GLY A 7 35.78 -9.61 9.35
CA GLY A 7 35.74 -10.32 8.09
C GLY A 7 34.62 -9.86 7.19
N THR A 8 34.12 -10.77 6.35
CA THR A 8 33.03 -10.44 5.43
C THR A 8 31.79 -9.98 6.19
N TYR A 9 31.02 -9.09 5.56
CA TYR A 9 29.82 -8.57 6.18
C TYR A 9 28.68 -8.47 5.17
N ASP A 10 27.46 -8.72 5.64
CA ASP A 10 26.29 -8.67 4.77
C ASP A 10 25.46 -7.41 5.04
N GLU A 11 24.82 -6.89 4.00
CA GLU A 11 24.00 -5.69 4.15
C GLU A 11 22.68 -5.86 3.40
N TYR A 12 21.58 -5.64 4.13
CA TYR A 12 20.24 -5.76 3.53
C TYR A 12 19.84 -4.48 2.81
N GLU A 13 18.83 -4.57 1.97
CA GLU A 13 18.34 -3.43 1.22
C GLU A 13 16.96 -3.70 0.63
N ASN A 14 15.94 -3.09 1.23
CA ASN A 14 14.57 -3.27 0.77
C ASN A 14 13.97 -1.94 0.32
N ASP A 15 12.80 -2.01 -0.31
CA ASP A 15 12.12 -0.80 -0.78
C ASP A 15 10.61 -0.97 -0.69
N LEU A 16 9.92 0.12 -0.36
CA LEU A 16 8.46 0.10 -0.24
C LEU A 16 7.81 0.90 -1.36
N GLY A 17 8.57 1.14 -2.42
CA GLY A 17 8.04 1.90 -3.55
C GLY A 17 7.11 3.01 -3.12
N ILE A 18 5.97 3.12 -3.78
CA ILE A 18 4.99 4.15 -3.46
C ILE A 18 4.09 3.72 -2.32
N THR A 19 3.81 4.66 -1.40
CA THR A 19 2.95 4.36 -0.26
C THR A 19 1.80 5.36 -0.17
N ALA A 20 0.70 4.93 0.43
CA ALA A 20 -0.47 5.79 0.58
C ALA A 20 -1.22 5.48 1.88
N VAL A 21 -2.03 6.43 2.32
CA VAL A 21 -2.80 6.26 3.55
C VAL A 21 -4.30 6.36 3.28
N ALA A 22 -5.03 5.32 3.65
CA ALA A 22 -6.47 5.29 3.44
C ALA A 22 -7.15 6.46 4.15
N LEU A 23 -8.21 6.98 3.54
CA LEU A 23 -8.95 8.11 4.10
C LEU A 23 -10.27 7.65 4.71
N TYR A 24 -10.84 6.60 4.13
CA TYR A 24 -12.12 6.06 4.61
C TYR A 24 -12.15 4.54 4.45
N ASP A 25 -13.04 3.90 5.21
CA ASP A 25 -13.17 2.44 5.16
C ASP A 25 -13.69 2.00 3.80
N TYR A 26 -12.97 1.08 3.17
CA TYR A 26 -13.36 0.57 1.86
C TYR A 26 -13.57 -0.94 1.90
N GLN A 27 -14.54 -1.41 1.11
CA GLN A 27 -14.86 -2.84 1.06
C GLN A 27 -14.88 -3.33 -0.38
N ALA A 28 -13.78 -3.93 -0.82
CA ALA A 28 -13.67 -4.44 -2.18
C ALA A 28 -14.97 -5.15 -2.60
N ALA A 29 -15.51 -4.75 -3.74
CA ALA A 29 -16.74 -5.35 -4.24
C ALA A 29 -16.55 -6.82 -4.57
N GLY A 30 -15.37 -7.16 -5.09
CA GLY A 30 -15.08 -8.54 -5.43
C GLY A 30 -13.74 -9.00 -4.90
N ASP A 31 -13.19 -10.05 -5.50
CA ASP A 31 -11.90 -10.59 -5.08
C ASP A 31 -10.76 -9.76 -5.64
N ASP A 32 -10.89 -9.34 -6.89
CA ASP A 32 -9.86 -8.54 -7.54
C ASP A 32 -9.49 -7.34 -6.68
N GLU A 33 -10.49 -6.62 -6.21
CA GLU A 33 -10.27 -5.44 -5.37
C GLU A 33 -9.90 -5.85 -3.95
N ILE A 34 -9.25 -4.94 -3.23
CA ILE A 34 -8.84 -5.21 -1.85
C ILE A 34 -9.56 -4.29 -0.88
N SER A 35 -9.75 -4.76 0.35
CA SER A 35 -10.43 -3.98 1.37
C SER A 35 -9.47 -3.62 2.50
N PHE A 36 -9.46 -2.34 2.87
CA PHE A 36 -8.58 -1.87 3.94
C PHE A 36 -9.34 -0.92 4.87
N ASP A 37 -8.75 -0.65 6.03
CA ASP A 37 -9.36 0.25 7.01
C ASP A 37 -8.94 1.69 6.76
N PRO A 38 -9.69 2.64 7.34
CA PRO A 38 -9.41 4.07 7.19
C PRO A 38 -8.14 4.49 7.93
N ASP A 39 -7.33 5.32 7.27
CA ASP A 39 -6.09 5.79 7.87
C ASP A 39 -5.09 4.67 8.00
N ASP A 40 -5.12 3.72 7.06
CA ASP A 40 -4.21 2.58 7.08
C ASP A 40 -2.93 2.90 6.30
N ILE A 41 -2.00 1.96 6.31
CA ILE A 41 -0.73 2.13 5.60
C ILE A 41 -0.57 1.09 4.51
N ILE A 42 -0.22 1.55 3.31
CA ILE A 42 -0.03 0.66 2.17
C ILE A 42 1.34 0.86 1.55
N THR A 43 1.91 -0.23 1.02
CA THR A 43 3.22 -0.17 0.39
C THR A 43 3.25 -0.99 -0.90
N ASN A 44 4.21 -0.70 -1.76
CA ASN A 44 4.35 -1.42 -3.03
C ASN A 44 3.17 -1.11 -3.94
N ILE A 45 2.74 0.14 -3.95
CA ILE A 45 1.62 0.57 -4.80
C ILE A 45 2.02 0.59 -6.26
N GLU A 46 1.04 0.38 -7.14
CA GLU A 46 1.29 0.38 -8.57
C GLU A 46 0.27 1.27 -9.31
N MET A 47 0.78 2.18 -10.13
CA MET A 47 -0.09 3.07 -10.89
C MET A 47 -0.43 2.48 -12.25
N ILE A 48 -1.63 1.93 -12.37
CA ILE A 48 -2.08 1.34 -13.62
C ILE A 48 -3.05 2.26 -14.36
N ASP A 49 -4.18 2.55 -13.72
CA ASP A 49 -5.19 3.43 -14.30
C ASP A 49 -5.09 4.83 -13.73
N ASP A 50 -5.79 5.78 -14.37
CA ASP A 50 -5.78 7.16 -13.91
C ASP A 50 -6.79 7.38 -12.79
N GLY A 51 -7.03 6.34 -12.00
CA GLY A 51 -7.98 6.43 -10.91
C GLY A 51 -7.83 5.31 -9.91
N TRP A 52 -7.42 4.14 -10.39
CA TRP A 52 -7.24 2.97 -9.52
C TRP A 52 -5.78 2.52 -9.53
N TRP A 53 -5.34 1.94 -8.42
CA TRP A 53 -3.98 1.46 -8.30
C TRP A 53 -3.94 0.09 -7.63
N ARG A 54 -2.77 -0.55 -7.65
CA ARG A 54 -2.60 -1.86 -7.04
C ARG A 54 -1.44 -1.86 -6.05
N GLY A 55 -1.72 -2.24 -4.80
CA GLY A 55 -0.69 -2.27 -3.79
C GLY A 55 -0.86 -3.44 -2.83
N VAL A 56 0.17 -3.73 -2.06
CA VAL A 56 0.14 -4.83 -1.10
C VAL A 56 -0.29 -4.33 0.28
N CYS A 57 -1.54 -4.63 0.65
CA CYS A 57 -2.07 -4.22 1.94
C CYS A 57 -2.37 -5.43 2.82
N LYS A 58 -1.87 -5.42 4.04
CA LYS A 58 -2.08 -6.51 4.98
C LYS A 58 -1.89 -7.86 4.29
N GLY A 59 -0.99 -7.89 3.30
CA GLY A 59 -0.72 -9.12 2.59
C GLY A 59 -1.76 -9.40 1.50
N ARG A 60 -2.15 -8.35 0.79
CA ARG A 60 -3.14 -8.47 -0.28
C ARG A 60 -2.85 -7.48 -1.40
N TYR A 61 -2.68 -8.00 -2.60
CA TYR A 61 -2.40 -7.16 -3.77
C TYR A 61 -3.55 -7.21 -4.77
N GLY A 62 -4.25 -6.09 -4.89
CA GLY A 62 -5.37 -6.02 -5.82
C GLY A 62 -5.69 -4.60 -6.25
N LEU A 63 -6.77 -4.44 -7.00
CA LEU A 63 -7.18 -3.12 -7.48
C LEU A 63 -7.85 -2.32 -6.37
N PHE A 64 -7.62 -1.01 -6.36
CA PHE A 64 -8.21 -0.15 -5.36
C PHE A 64 -8.26 1.30 -5.85
N PRO A 65 -9.34 2.00 -5.49
CA PRO A 65 -9.54 3.40 -5.89
C PRO A 65 -8.57 4.36 -5.20
N ALA A 66 -7.92 5.21 -5.97
CA ALA A 66 -6.98 6.18 -5.43
C ALA A 66 -7.69 7.31 -4.70
N ASN A 67 -9.02 7.27 -4.72
CA ASN A 67 -9.83 8.30 -4.07
C ASN A 67 -9.95 8.02 -2.58
N TYR A 68 -10.16 6.76 -2.23
CA TYR A 68 -10.30 6.36 -0.83
C TYR A 68 -8.94 6.30 -0.14
N VAL A 69 -7.92 6.78 -0.83
CA VAL A 69 -6.56 6.78 -0.28
C VAL A 69 -5.80 8.04 -0.69
N GLU A 70 -4.66 8.26 -0.05
CA GLU A 70 -3.84 9.43 -0.33
C GLU A 70 -2.37 9.06 -0.43
N LEU A 71 -1.72 9.45 -1.53
CA LEU A 71 -0.31 9.15 -1.74
C LEU A 71 0.56 9.94 -0.77
N ARG A 72 1.33 9.22 0.03
CA ARG A 72 2.21 9.86 1.00
C ARG A 72 3.51 10.31 0.35
N GLN A 73 3.80 11.60 0.47
CA GLN A 73 5.02 12.17 -0.12
C GLN A 73 6.25 11.74 0.66
N SER A 74 7.17 11.08 -0.03
CA SER A 74 8.41 10.60 0.60
C SER A 74 9.61 10.88 -0.30
N GLY A 75 10.80 10.61 0.24
CA GLY A 75 12.02 10.84 -0.53
C GLY A 75 12.14 12.26 -1.02
N PRO A 76 12.29 13.21 -0.08
CA PRO A 76 12.42 14.64 -0.40
C PRO A 76 13.75 14.96 -1.07
N SER A 77 14.55 13.93 -1.32
CA SER A 77 15.85 14.10 -1.96
C SER A 77 15.71 14.18 -3.47
N SER A 78 15.09 13.17 -4.05
CA SER A 78 14.89 13.11 -5.50
C SER A 78 14.29 14.42 -6.01
N GLY A 79 14.84 14.92 -7.11
CA GLY A 79 14.36 16.16 -7.69
C GLY A 79 15.47 17.00 -8.28
N GLY A 1 15.59 -0.67 14.36
CA GLY A 1 14.31 -1.34 14.24
C GLY A 1 14.45 -2.85 14.23
N SER A 2 13.35 -3.54 13.92
CA SER A 2 13.35 -5.00 13.88
C SER A 2 13.99 -5.51 12.59
N SER A 3 13.41 -5.11 11.46
CA SER A 3 13.91 -5.53 10.15
C SER A 3 13.82 -7.04 10.01
N GLY A 4 12.70 -7.61 10.43
CA GLY A 4 12.52 -9.05 10.34
C GLY A 4 11.74 -9.61 11.51
N SER A 5 10.59 -9.00 11.80
CA SER A 5 9.76 -9.44 12.91
C SER A 5 8.51 -10.17 12.39
N SER A 6 8.71 -11.04 11.41
CA SER A 6 7.61 -11.79 10.82
C SER A 6 8.10 -13.13 10.27
N GLY A 7 7.17 -13.98 9.86
CA GLY A 7 7.53 -15.27 9.31
C GLY A 7 7.53 -15.28 7.79
N THR A 8 8.05 -14.22 7.20
CA THR A 8 8.10 -14.11 5.74
C THR A 8 8.36 -15.46 5.11
N TYR A 9 7.72 -15.72 3.97
CA TYR A 9 7.88 -16.97 3.26
C TYR A 9 9.13 -16.96 2.38
N ASP A 10 10.23 -16.48 2.95
CA ASP A 10 11.50 -16.42 2.23
C ASP A 10 11.46 -15.31 1.18
N GLU A 11 10.76 -14.23 1.50
CA GLU A 11 10.65 -13.09 0.58
C GLU A 11 10.71 -11.77 1.34
N TYR A 12 11.81 -11.04 1.17
CA TYR A 12 11.99 -9.76 1.83
C TYR A 12 11.41 -8.63 1.00
N GLU A 13 11.16 -7.49 1.65
CA GLU A 13 10.61 -6.33 0.97
C GLU A 13 11.53 -5.11 1.11
N ASN A 14 12.80 -5.30 0.77
CA ASN A 14 13.78 -4.22 0.87
C ASN A 14 13.22 -2.92 0.30
N ASP A 15 12.62 -3.01 -0.88
CA ASP A 15 12.05 -1.84 -1.54
C ASP A 15 10.53 -1.81 -1.37
N LEU A 16 10.02 -0.71 -0.85
CA LEU A 16 8.59 -0.55 -0.64
C LEU A 16 7.93 0.17 -1.81
N GLY A 17 8.65 1.14 -2.37
CA GLY A 17 8.13 1.90 -3.49
C GLY A 17 7.17 2.99 -3.06
N ILE A 18 6.09 3.17 -3.81
CA ILE A 18 5.09 4.18 -3.50
C ILE A 18 4.22 3.76 -2.33
N THR A 19 3.96 4.69 -1.43
CA THR A 19 3.13 4.41 -0.26
C THR A 19 1.98 5.40 -0.15
N ALA A 20 0.85 4.94 0.38
CA ALA A 20 -0.32 5.78 0.53
C ALA A 20 -1.09 5.43 1.81
N VAL A 21 -1.99 6.32 2.23
CA VAL A 21 -2.77 6.10 3.42
C VAL A 21 -4.26 6.23 3.14
N ALA A 22 -5.03 5.21 3.51
CA ALA A 22 -6.47 5.21 3.28
C ALA A 22 -7.14 6.36 4.04
N LEU A 23 -8.24 6.87 3.47
CA LEU A 23 -8.97 7.96 4.09
C LEU A 23 -10.29 7.48 4.67
N TYR A 24 -10.90 6.51 4.00
CA TYR A 24 -12.18 5.95 4.43
C TYR A 24 -12.21 4.44 4.24
N ASP A 25 -12.98 3.76 5.08
CA ASP A 25 -13.11 2.30 5.01
C ASP A 25 -13.57 1.87 3.62
N TYR A 26 -12.99 0.79 3.11
CA TYR A 26 -13.34 0.27 1.80
C TYR A 26 -13.55 -1.24 1.85
N GLN A 27 -14.45 -1.73 0.98
CA GLN A 27 -14.74 -3.15 0.93
C GLN A 27 -14.69 -3.66 -0.51
N ALA A 28 -13.56 -4.24 -0.89
CA ALA A 28 -13.38 -4.77 -2.24
C ALA A 28 -14.58 -5.59 -2.66
N ALA A 29 -15.24 -5.15 -3.73
CA ALA A 29 -16.41 -5.85 -4.24
C ALA A 29 -16.09 -7.31 -4.54
N GLY A 30 -14.88 -7.56 -5.01
CA GLY A 30 -14.47 -8.92 -5.33
C GLY A 30 -12.99 -9.16 -5.07
N ASP A 31 -12.55 -10.39 -5.29
CA ASP A 31 -11.16 -10.74 -5.08
C ASP A 31 -10.23 -9.76 -5.80
N ASP A 32 -10.59 -9.41 -7.03
CA ASP A 32 -9.80 -8.48 -7.82
C ASP A 32 -9.40 -7.26 -6.99
N GLU A 33 -10.36 -6.70 -6.27
CA GLU A 33 -10.11 -5.53 -5.44
C GLU A 33 -9.73 -5.95 -4.02
N ILE A 34 -9.13 -5.02 -3.27
CA ILE A 34 -8.72 -5.29 -1.90
C ILE A 34 -9.49 -4.41 -0.91
N SER A 35 -9.56 -4.86 0.34
CA SER A 35 -10.27 -4.12 1.37
C SER A 35 -9.32 -3.72 2.49
N PHE A 36 -9.28 -2.43 2.80
CA PHE A 36 -8.41 -1.91 3.85
C PHE A 36 -9.19 -1.02 4.82
N ASP A 37 -8.57 -0.69 5.94
CA ASP A 37 -9.21 0.16 6.95
C ASP A 37 -8.88 1.63 6.71
N PRO A 38 -9.68 2.52 7.31
CA PRO A 38 -9.49 3.97 7.19
C PRO A 38 -8.23 4.45 7.91
N ASP A 39 -7.42 5.23 7.21
CA ASP A 39 -6.19 5.76 7.78
C ASP A 39 -5.13 4.67 7.93
N ASP A 40 -5.21 3.66 7.06
CA ASP A 40 -4.26 2.55 7.09
C ASP A 40 -3.01 2.88 6.29
N ILE A 41 -2.04 1.97 6.31
CA ILE A 41 -0.79 2.16 5.60
C ILE A 41 -0.64 1.13 4.48
N ILE A 42 -0.30 1.61 3.29
CA ILE A 42 -0.11 0.72 2.14
C ILE A 42 1.27 0.92 1.51
N THR A 43 1.85 -0.17 1.01
CA THR A 43 3.15 -0.12 0.38
C THR A 43 3.18 -0.91 -0.92
N ASN A 44 4.20 -0.68 -1.73
CA ASN A 44 4.33 -1.37 -3.01
C ASN A 44 3.13 -1.09 -3.91
N ILE A 45 2.76 0.18 -4.01
CA ILE A 45 1.63 0.59 -4.84
C ILE A 45 2.02 0.63 -6.31
N GLU A 46 1.03 0.44 -7.18
CA GLU A 46 1.27 0.46 -8.62
C GLU A 46 0.25 1.35 -9.33
N MET A 47 0.71 2.14 -10.28
CA MET A 47 -0.16 3.04 -11.03
C MET A 47 -0.59 2.39 -12.36
N ILE A 48 -1.82 1.87 -12.38
CA ILE A 48 -2.34 1.22 -13.58
C ILE A 48 -3.37 2.12 -14.28
N ASP A 49 -4.45 2.42 -13.57
CA ASP A 49 -5.51 3.26 -14.12
C ASP A 49 -5.32 4.72 -13.67
N ASP A 50 -6.29 5.55 -14.02
CA ASP A 50 -6.25 6.96 -13.66
C ASP A 50 -6.86 7.18 -12.28
N GLY A 51 -7.54 6.17 -11.77
CA GLY A 51 -8.17 6.28 -10.46
C GLY A 51 -8.09 4.99 -9.67
N TRP A 52 -7.40 4.01 -10.23
CA TRP A 52 -7.25 2.70 -9.57
C TRP A 52 -5.79 2.27 -9.55
N TRP A 53 -5.30 1.90 -8.38
CA TRP A 53 -3.92 1.46 -8.22
C TRP A 53 -3.85 0.10 -7.54
N ARG A 54 -2.70 -0.56 -7.66
CA ARG A 54 -2.51 -1.87 -7.06
C ARG A 54 -1.39 -1.84 -6.03
N GLY A 55 -1.70 -2.24 -4.80
CA GLY A 55 -0.71 -2.25 -3.74
C GLY A 55 -0.89 -3.40 -2.79
N VAL A 56 0.15 -3.71 -2.02
CA VAL A 56 0.11 -4.80 -1.05
C VAL A 56 -0.34 -4.30 0.32
N CYS A 57 -1.59 -4.60 0.68
CA CYS A 57 -2.13 -4.17 1.97
C CYS A 57 -2.44 -5.38 2.84
N LYS A 58 -1.96 -5.35 4.08
CA LYS A 58 -2.19 -6.44 5.02
C LYS A 58 -1.93 -7.79 4.36
N GLY A 59 -1.09 -7.79 3.33
CA GLY A 59 -0.77 -9.01 2.63
C GLY A 59 -1.75 -9.32 1.52
N ARG A 60 -2.26 -8.27 0.88
CA ARG A 60 -3.22 -8.42 -0.21
C ARG A 60 -2.91 -7.46 -1.35
N TYR A 61 -2.76 -8.00 -2.55
CA TYR A 61 -2.46 -7.18 -3.72
C TYR A 61 -3.61 -7.21 -4.72
N GLY A 62 -4.30 -6.09 -4.87
CA GLY A 62 -5.41 -6.01 -5.80
C GLY A 62 -5.71 -4.59 -6.23
N LEU A 63 -6.76 -4.42 -7.04
CA LEU A 63 -7.14 -3.11 -7.52
C LEU A 63 -7.88 -2.32 -6.45
N PHE A 64 -7.58 -1.03 -6.37
CA PHE A 64 -8.22 -0.16 -5.38
C PHE A 64 -8.26 1.29 -5.87
N PRO A 65 -9.35 2.00 -5.56
CA PRO A 65 -9.53 3.39 -5.94
C PRO A 65 -8.59 4.33 -5.19
N ALA A 66 -7.91 5.20 -5.94
CA ALA A 66 -6.98 6.15 -5.34
C ALA A 66 -7.73 7.28 -4.66
N ASN A 67 -9.05 7.28 -4.78
CA ASN A 67 -9.88 8.32 -4.17
C ASN A 67 -10.09 8.04 -2.68
N TYR A 68 -9.99 6.77 -2.31
CA TYR A 68 -10.17 6.37 -0.91
C TYR A 68 -8.84 6.32 -0.18
N VAL A 69 -7.79 6.80 -0.84
CA VAL A 69 -6.45 6.80 -0.27
C VAL A 69 -5.70 8.07 -0.64
N GLU A 70 -4.64 8.36 0.11
CA GLU A 70 -3.82 9.55 -0.15
C GLU A 70 -2.34 9.19 -0.23
N LEU A 71 -1.71 9.56 -1.34
CA LEU A 71 -0.29 9.28 -1.54
C LEU A 71 0.55 9.96 -0.47
N ARG A 72 1.39 9.17 0.20
CA ARG A 72 2.26 9.69 1.25
C ARG A 72 3.53 10.30 0.66
N GLN A 73 4.05 11.31 1.33
CA GLN A 73 5.26 11.99 0.87
C GLN A 73 6.51 11.20 1.24
N SER A 74 6.45 9.88 1.05
CA SER A 74 7.57 9.01 1.37
C SER A 74 8.08 8.31 0.12
N GLY A 75 8.12 9.04 -0.99
CA GLY A 75 8.60 8.47 -2.24
C GLY A 75 8.71 9.51 -3.34
N PRO A 76 8.71 9.04 -4.60
CA PRO A 76 8.81 9.92 -5.77
C PRO A 76 7.54 10.77 -5.97
N SER A 77 6.39 10.16 -5.71
CA SER A 77 5.12 10.85 -5.87
C SER A 77 5.12 11.70 -7.14
N SER A 78 5.57 11.11 -8.24
CA SER A 78 5.63 11.82 -9.51
C SER A 78 4.33 12.57 -9.76
N GLY A 79 3.21 11.87 -9.71
CA GLY A 79 1.92 12.49 -9.93
C GLY A 79 1.75 13.77 -9.14
N GLY A 1 26.87 -13.01 -11.00
CA GLY A 1 27.60 -12.38 -9.92
C GLY A 1 26.70 -11.57 -9.01
N SER A 2 25.88 -10.70 -9.60
CA SER A 2 24.96 -9.87 -8.83
C SER A 2 23.55 -9.95 -9.40
N SER A 3 22.66 -10.61 -8.66
CA SER A 3 21.27 -10.76 -9.08
C SER A 3 20.39 -9.68 -8.47
N GLY A 4 20.89 -8.45 -8.44
CA GLY A 4 20.15 -7.34 -7.89
C GLY A 4 20.87 -6.02 -7.99
N SER A 5 20.13 -4.93 -7.90
CA SER A 5 20.72 -3.59 -7.99
C SER A 5 21.84 -3.42 -6.97
N SER A 6 22.49 -2.26 -7.01
CA SER A 6 23.58 -1.96 -6.09
C SER A 6 23.18 -0.88 -5.09
N GLY A 7 23.44 -1.15 -3.81
CA GLY A 7 23.09 -0.18 -2.78
C GLY A 7 24.25 0.10 -1.84
N THR A 8 24.01 0.94 -0.85
CA THR A 8 25.04 1.30 0.12
C THR A 8 24.60 0.97 1.54
N TYR A 9 23.33 0.63 1.70
CA TYR A 9 22.79 0.29 3.00
C TYR A 9 22.68 -1.22 3.18
N ASP A 10 22.32 -1.65 4.38
CA ASP A 10 22.18 -3.08 4.67
C ASP A 10 20.80 -3.58 4.28
N GLU A 11 20.29 -3.07 3.16
CA GLU A 11 18.97 -3.47 2.67
C GLU A 11 19.09 -4.54 1.59
N TYR A 12 18.72 -5.76 1.92
CA TYR A 12 18.79 -6.87 0.98
C TYR A 12 17.59 -6.86 0.02
N GLU A 13 16.40 -7.02 0.58
CA GLU A 13 15.18 -7.02 -0.21
C GLU A 13 14.14 -6.08 0.37
N ASN A 14 14.50 -4.80 0.47
CA ASN A 14 13.60 -3.79 1.01
C ASN A 14 13.14 -2.82 -0.08
N ASP A 15 12.16 -3.25 -0.85
CA ASP A 15 11.62 -2.43 -1.94
C ASP A 15 10.13 -2.17 -1.73
N LEU A 16 9.81 -1.21 -0.88
CA LEU A 16 8.42 -0.88 -0.59
C LEU A 16 7.81 -0.10 -1.76
N GLY A 17 8.57 0.84 -2.31
CA GLY A 17 8.08 1.64 -3.42
C GLY A 17 7.21 2.80 -2.96
N ILE A 18 6.11 3.02 -3.68
CA ILE A 18 5.19 4.10 -3.35
C ILE A 18 4.27 3.70 -2.21
N THR A 19 4.08 4.61 -1.25
CA THR A 19 3.21 4.35 -0.11
C THR A 19 2.11 5.40 -0.01
N ALA A 20 0.98 5.00 0.57
CA ALA A 20 -0.15 5.90 0.73
C ALA A 20 -0.95 5.57 1.99
N VAL A 21 -1.86 6.47 2.36
CA VAL A 21 -2.68 6.27 3.55
C VAL A 21 -4.17 6.33 3.21
N ALA A 22 -4.92 5.35 3.69
CA ALA A 22 -6.36 5.30 3.44
C ALA A 22 -7.09 6.42 4.16
N LEU A 23 -8.20 6.88 3.57
CA LEU A 23 -8.98 7.95 4.15
C LEU A 23 -10.29 7.42 4.72
N TYR A 24 -10.84 6.40 4.08
CA TYR A 24 -12.09 5.80 4.53
C TYR A 24 -12.06 4.28 4.35
N ASP A 25 -12.89 3.59 5.12
CA ASP A 25 -12.96 2.13 5.04
C ASP A 25 -13.49 1.68 3.69
N TYR A 26 -12.77 0.78 3.04
CA TYR A 26 -13.17 0.27 1.73
C TYR A 26 -13.41 -1.23 1.78
N GLN A 27 -14.38 -1.70 1.01
CA GLN A 27 -14.70 -3.12 0.96
C GLN A 27 -14.74 -3.63 -0.48
N ALA A 28 -13.64 -4.24 -0.91
CA ALA A 28 -13.54 -4.77 -2.28
C ALA A 28 -14.87 -5.39 -2.71
N ALA A 29 -15.44 -4.85 -3.79
CA ALA A 29 -16.70 -5.35 -4.30
C ALA A 29 -16.58 -6.81 -4.73
N GLY A 30 -15.41 -7.18 -5.24
CA GLY A 30 -15.19 -8.55 -5.67
C GLY A 30 -13.93 -9.14 -5.09
N ASP A 31 -13.29 -10.03 -5.84
CA ASP A 31 -12.07 -10.68 -5.39
C ASP A 31 -10.83 -9.90 -5.86
N ASP A 32 -10.89 -9.40 -7.09
CA ASP A 32 -9.78 -8.64 -7.65
C ASP A 32 -9.43 -7.45 -6.77
N GLU A 33 -10.45 -6.70 -6.36
CA GLU A 33 -10.24 -5.54 -5.50
C GLU A 33 -9.80 -5.95 -4.11
N ILE A 34 -9.15 -5.03 -3.40
CA ILE A 34 -8.69 -5.31 -2.04
C ILE A 34 -9.41 -4.44 -1.02
N SER A 35 -9.48 -4.92 0.21
CA SER A 35 -10.15 -4.19 1.28
C SER A 35 -9.16 -3.81 2.38
N PHE A 36 -9.05 -2.51 2.65
CA PHE A 36 -8.14 -2.02 3.67
C PHE A 36 -8.86 -1.08 4.63
N ASP A 37 -8.44 -1.11 5.90
CA ASP A 37 -9.05 -0.26 6.92
C ASP A 37 -8.70 1.21 6.69
N PRO A 38 -9.48 2.10 7.32
CA PRO A 38 -9.28 3.55 7.19
C PRO A 38 -8.01 4.02 7.89
N ASP A 39 -7.47 5.14 7.43
CA ASP A 39 -6.25 5.70 8.02
C ASP A 39 -5.17 4.63 8.12
N ASP A 40 -5.18 3.69 7.20
CA ASP A 40 -4.20 2.60 7.19
C ASP A 40 -3.00 2.97 6.32
N ILE A 41 -2.00 2.09 6.29
CA ILE A 41 -0.80 2.32 5.50
C ILE A 41 -0.63 1.23 4.45
N ILE A 42 -0.39 1.64 3.21
CA ILE A 42 -0.19 0.70 2.12
C ILE A 42 1.18 0.87 1.48
N THR A 43 1.73 -0.23 0.98
CA THR A 43 3.05 -0.20 0.34
C THR A 43 3.04 -0.97 -0.98
N ASN A 44 4.08 -0.76 -1.78
CA ASN A 44 4.19 -1.44 -3.07
C ASN A 44 3.02 -1.05 -3.98
N ILE A 45 2.64 0.22 -3.95
CA ILE A 45 1.55 0.72 -4.76
C ILE A 45 1.94 0.74 -6.24
N GLU A 46 0.99 0.38 -7.11
CA GLU A 46 1.24 0.36 -8.54
C GLU A 46 0.21 1.22 -9.28
N MET A 47 0.71 2.12 -10.13
CA MET A 47 -0.17 3.00 -10.90
C MET A 47 -0.58 2.35 -12.22
N ILE A 48 -1.79 1.82 -12.26
CA ILE A 48 -2.29 1.16 -13.47
C ILE A 48 -3.30 2.05 -14.18
N ASP A 49 -4.40 2.37 -13.50
CA ASP A 49 -5.44 3.21 -14.08
C ASP A 49 -5.27 4.66 -13.64
N ASP A 50 -6.21 5.51 -14.02
CA ASP A 50 -6.16 6.92 -13.67
C ASP A 50 -6.76 7.16 -12.28
N GLY A 51 -7.50 6.17 -11.78
CA GLY A 51 -8.10 6.29 -10.47
C GLY A 51 -8.04 4.99 -9.68
N TRP A 52 -7.36 4.00 -10.24
CA TRP A 52 -7.23 2.70 -9.59
C TRP A 52 -5.77 2.25 -9.57
N TRP A 53 -5.29 1.87 -8.39
CA TRP A 53 -3.91 1.41 -8.24
C TRP A 53 -3.86 0.04 -7.57
N ARG A 54 -2.73 -0.63 -7.70
CA ARG A 54 -2.55 -1.95 -7.09
C ARG A 54 -1.40 -1.94 -6.08
N GLY A 55 -1.71 -2.30 -4.85
CA GLY A 55 -0.70 -2.32 -3.81
C GLY A 55 -0.87 -3.49 -2.86
N VAL A 56 0.17 -3.77 -2.07
CA VAL A 56 0.13 -4.86 -1.11
C VAL A 56 -0.35 -4.38 0.26
N CYS A 57 -1.59 -4.70 0.60
CA CYS A 57 -2.16 -4.31 1.88
C CYS A 57 -2.49 -5.53 2.74
N LYS A 58 -2.00 -5.51 3.98
CA LYS A 58 -2.24 -6.63 4.89
C LYS A 58 -2.00 -7.96 4.20
N GLY A 59 -1.08 -7.98 3.25
CA GLY A 59 -0.78 -9.20 2.53
C GLY A 59 -1.77 -9.49 1.42
N ARG A 60 -2.17 -8.43 0.70
CA ARG A 60 -3.13 -8.58 -0.39
C ARG A 60 -2.84 -7.57 -1.49
N TYR A 61 -2.65 -8.07 -2.71
CA TYR A 61 -2.36 -7.21 -3.85
C TYR A 61 -3.51 -7.25 -4.86
N GLY A 62 -4.23 -6.13 -4.95
CA GLY A 62 -5.35 -6.06 -5.88
C GLY A 62 -5.65 -4.63 -6.31
N LEU A 63 -6.71 -4.47 -7.08
CA LEU A 63 -7.11 -3.14 -7.56
C LEU A 63 -7.83 -2.36 -6.46
N PHE A 64 -7.60 -1.05 -6.43
CA PHE A 64 -8.22 -0.19 -5.42
C PHE A 64 -8.24 1.26 -5.90
N PRO A 65 -9.34 1.97 -5.57
CA PRO A 65 -9.51 3.37 -5.95
C PRO A 65 -8.56 4.30 -5.19
N ALA A 66 -7.84 5.13 -5.94
CA ALA A 66 -6.89 6.07 -5.34
C ALA A 66 -7.62 7.20 -4.63
N ASN A 67 -8.94 7.22 -4.75
CA ASN A 67 -9.76 8.25 -4.12
C ASN A 67 -9.92 7.97 -2.63
N TYR A 68 -10.05 6.69 -2.28
CA TYR A 68 -10.22 6.29 -0.89
C TYR A 68 -8.88 6.26 -0.17
N VAL A 69 -7.86 6.80 -0.81
CA VAL A 69 -6.52 6.84 -0.23
C VAL A 69 -5.78 8.11 -0.63
N GLU A 70 -4.67 8.38 0.04
CA GLU A 70 -3.87 9.57 -0.24
C GLU A 70 -2.38 9.24 -0.26
N LEU A 71 -1.72 9.59 -1.35
CA LEU A 71 -0.29 9.33 -1.50
C LEU A 71 0.52 10.15 -0.50
N ARG A 72 1.40 9.48 0.24
CA ARG A 72 2.23 10.16 1.23
C ARG A 72 3.44 10.82 0.57
N GLN A 73 3.87 11.94 1.12
CA GLN A 73 5.02 12.66 0.58
C GLN A 73 6.26 11.79 0.58
N SER A 74 7.21 12.12 -0.31
CA SER A 74 8.45 11.36 -0.41
C SER A 74 9.65 12.29 -0.58
N GLY A 75 10.82 11.82 -0.15
CA GLY A 75 12.02 12.63 -0.27
C GLY A 75 13.28 11.79 -0.17
N PRO A 76 13.69 11.20 -1.31
CA PRO A 76 14.89 10.37 -1.38
C PRO A 76 16.18 11.18 -1.23
N SER A 77 16.21 12.34 -1.86
CA SER A 77 17.38 13.22 -1.80
C SER A 77 17.68 13.61 -0.35
N SER A 78 18.89 13.27 0.10
CA SER A 78 19.29 13.59 1.47
C SER A 78 20.42 14.62 1.47
N GLY A 79 21.53 14.28 0.82
CA GLY A 79 22.67 15.17 0.76
C GLY A 79 23.65 14.94 1.89
N GLY A 1 -2.38 -12.95 30.36
CA GLY A 1 -2.04 -12.09 29.24
C GLY A 1 -0.74 -12.48 28.59
N SER A 2 -0.15 -11.54 27.85
CA SER A 2 1.12 -11.80 27.16
C SER A 2 1.04 -13.08 26.34
N SER A 3 -0.08 -13.27 25.66
CA SER A 3 -0.29 -14.46 24.84
C SER A 3 0.95 -14.77 24.02
N GLY A 4 1.55 -13.74 23.43
CA GLY A 4 2.74 -13.91 22.63
C GLY A 4 2.79 -12.97 21.44
N SER A 5 3.68 -13.26 20.50
CA SER A 5 3.83 -12.44 19.31
C SER A 5 4.30 -13.27 18.12
N SER A 6 3.68 -13.06 16.97
CA SER A 6 4.04 -13.79 15.76
C SER A 6 5.54 -13.77 15.53
N GLY A 7 6.11 -14.94 15.22
CA GLY A 7 7.53 -15.03 14.98
C GLY A 7 7.86 -15.52 13.59
N THR A 8 7.44 -14.77 12.58
CA THR A 8 7.68 -15.14 11.20
C THR A 8 9.04 -14.66 10.73
N TYR A 9 9.84 -15.57 10.18
CA TYR A 9 11.17 -15.24 9.69
C TYR A 9 11.14 -13.97 8.85
N ASP A 10 12.32 -13.46 8.50
CA ASP A 10 12.43 -12.26 7.69
C ASP A 10 12.29 -12.58 6.20
N GLU A 11 11.53 -11.75 5.49
CA GLU A 11 11.31 -11.95 4.07
C GLU A 11 12.08 -10.92 3.25
N TYR A 12 12.54 -11.33 2.08
CA TYR A 12 13.30 -10.44 1.19
C TYR A 12 12.65 -9.06 1.14
N GLU A 13 13.49 -8.02 1.17
CA GLU A 13 13.01 -6.65 1.12
C GLU A 13 13.94 -5.77 0.29
N ASN A 14 13.35 -5.00 -0.62
CA ASN A 14 14.13 -4.11 -1.48
C ASN A 14 13.67 -2.67 -1.32
N ASP A 15 12.40 -2.41 -1.58
CA ASP A 15 11.85 -1.07 -1.45
C ASP A 15 10.33 -1.11 -1.36
N LEU A 16 9.76 -0.21 -0.57
CA LEU A 16 8.32 -0.14 -0.40
C LEU A 16 7.67 0.74 -1.47
N GLY A 17 8.41 0.98 -2.56
CA GLY A 17 7.90 1.82 -3.62
C GLY A 17 7.05 2.97 -3.12
N ILE A 18 5.92 3.20 -3.78
CA ILE A 18 5.02 4.28 -3.40
C ILE A 18 4.13 3.87 -2.23
N THR A 19 3.96 4.76 -1.27
CA THR A 19 3.13 4.48 -0.10
C THR A 19 1.99 5.49 0.02
N ALA A 20 0.85 5.04 0.52
CA ALA A 20 -0.31 5.90 0.69
C ALA A 20 -1.11 5.51 1.93
N VAL A 21 -1.97 6.43 2.38
CA VAL A 21 -2.79 6.16 3.56
C VAL A 21 -4.27 6.31 3.22
N ALA A 22 -5.07 5.34 3.67
CA ALA A 22 -6.51 5.36 3.42
C ALA A 22 -7.18 6.47 4.21
N LEU A 23 -8.19 7.09 3.61
CA LEU A 23 -8.92 8.17 4.26
C LEU A 23 -10.28 7.69 4.76
N TYR A 24 -10.88 6.76 4.03
CA TYR A 24 -12.18 6.22 4.41
C TYR A 24 -12.19 4.70 4.28
N ASP A 25 -13.08 4.06 5.03
CA ASP A 25 -13.19 2.60 5.01
C ASP A 25 -13.50 2.10 3.60
N TYR A 26 -12.89 0.97 3.23
CA TYR A 26 -13.11 0.39 1.92
C TYR A 26 -13.20 -1.13 2.00
N GLN A 27 -14.28 -1.68 1.46
CA GLN A 27 -14.49 -3.12 1.47
C GLN A 27 -14.54 -3.68 0.05
N ALA A 28 -13.42 -4.23 -0.40
CA ALA A 28 -13.33 -4.80 -1.74
C ALA A 28 -14.66 -5.42 -2.16
N ALA A 29 -15.09 -5.11 -3.38
CA ALA A 29 -16.35 -5.64 -3.90
C ALA A 29 -16.12 -6.93 -4.68
N GLY A 30 -14.86 -7.25 -4.94
CA GLY A 30 -14.53 -8.45 -5.66
C GLY A 30 -13.28 -9.14 -5.13
N ASP A 31 -12.99 -10.32 -5.65
CA ASP A 31 -11.82 -11.09 -5.22
C ASP A 31 -10.55 -10.53 -5.84
N ASP A 32 -10.72 -9.60 -6.78
CA ASP A 32 -9.57 -8.98 -7.46
C ASP A 32 -9.12 -7.73 -6.71
N GLU A 33 -10.05 -7.09 -6.01
CA GLU A 33 -9.75 -5.88 -5.26
C GLU A 33 -9.28 -6.22 -3.84
N ILE A 34 -8.89 -5.20 -3.09
CA ILE A 34 -8.44 -5.38 -1.72
C ILE A 34 -9.20 -4.49 -0.75
N SER A 35 -9.39 -4.97 0.48
CA SER A 35 -10.10 -4.22 1.49
C SER A 35 -9.15 -3.71 2.56
N PHE A 36 -9.30 -2.45 2.93
CA PHE A 36 -8.44 -1.84 3.95
C PHE A 36 -9.23 -0.84 4.79
N ASP A 37 -8.82 -0.67 6.04
CA ASP A 37 -9.47 0.26 6.95
C ASP A 37 -8.95 1.68 6.77
N PRO A 38 -9.70 2.66 7.26
CA PRO A 38 -9.34 4.08 7.17
C PRO A 38 -8.14 4.43 8.05
N ASP A 39 -7.23 5.22 7.52
CA ASP A 39 -6.04 5.64 8.25
C ASP A 39 -5.03 4.49 8.34
N ASP A 40 -4.96 3.70 7.27
CA ASP A 40 -4.04 2.58 7.22
C ASP A 40 -2.81 2.91 6.37
N ILE A 41 -1.86 1.99 6.31
CA ILE A 41 -0.64 2.19 5.54
C ILE A 41 -0.50 1.12 4.47
N ILE A 42 -0.23 1.57 3.24
CA ILE A 42 -0.06 0.64 2.12
C ILE A 42 1.30 0.82 1.46
N THR A 43 1.87 -0.27 0.97
CA THR A 43 3.17 -0.24 0.32
C THR A 43 3.15 -1.03 -0.98
N ASN A 44 4.18 -0.84 -1.80
CA ASN A 44 4.28 -1.54 -3.08
C ASN A 44 3.12 -1.16 -3.99
N ILE A 45 2.78 0.12 -4.02
CA ILE A 45 1.68 0.61 -4.86
C ILE A 45 2.13 0.77 -6.30
N GLU A 46 1.27 0.38 -7.23
CA GLU A 46 1.57 0.48 -8.65
C GLU A 46 0.54 1.35 -9.37
N MET A 47 1.02 2.27 -10.19
CA MET A 47 0.14 3.18 -10.93
C MET A 47 -0.20 2.59 -12.29
N ILE A 48 -1.41 2.02 -12.40
CA ILE A 48 -1.85 1.42 -13.65
C ILE A 48 -2.79 2.36 -14.40
N ASP A 49 -3.93 2.68 -13.77
CA ASP A 49 -4.91 3.57 -14.38
C ASP A 49 -4.92 4.93 -13.67
N ASP A 50 -5.70 5.86 -14.21
CA ASP A 50 -5.80 7.20 -13.63
C ASP A 50 -6.91 7.25 -12.60
N GLY A 51 -7.14 6.14 -11.91
CA GLY A 51 -8.17 6.09 -10.90
C GLY A 51 -8.01 4.91 -9.96
N TRP A 52 -7.54 3.79 -10.51
CA TRP A 52 -7.35 2.58 -9.71
C TRP A 52 -5.88 2.18 -9.68
N TRP A 53 -5.43 1.71 -8.53
CA TRP A 53 -4.03 1.29 -8.37
C TRP A 53 -3.96 -0.09 -7.73
N ARG A 54 -2.76 -0.66 -7.73
CA ARG A 54 -2.55 -1.99 -7.15
C ARG A 54 -1.40 -1.97 -6.15
N GLY A 55 -1.69 -2.35 -4.91
CA GLY A 55 -0.67 -2.35 -3.87
C GLY A 55 -0.87 -3.49 -2.88
N VAL A 56 0.18 -3.79 -2.13
CA VAL A 56 0.12 -4.87 -1.14
C VAL A 56 -0.28 -4.33 0.23
N CYS A 57 -1.53 -4.60 0.61
CA CYS A 57 -2.04 -4.13 1.91
C CYS A 57 -2.38 -5.31 2.80
N LYS A 58 -1.90 -5.27 4.05
CA LYS A 58 -2.15 -6.33 5.00
C LYS A 58 -1.99 -7.70 4.35
N GLY A 59 -1.08 -7.79 3.39
CA GLY A 59 -0.84 -9.05 2.70
C GLY A 59 -1.88 -9.33 1.64
N ARG A 60 -2.24 -8.30 0.88
CA ARG A 60 -3.24 -8.44 -0.17
C ARG A 60 -2.94 -7.49 -1.33
N TYR A 61 -2.82 -8.05 -2.53
CA TYR A 61 -2.53 -7.25 -3.72
C TYR A 61 -3.71 -7.28 -4.69
N GLY A 62 -4.38 -6.14 -4.83
CA GLY A 62 -5.52 -6.06 -5.73
C GLY A 62 -5.79 -4.64 -6.19
N LEU A 63 -6.88 -4.45 -6.92
CA LEU A 63 -7.25 -3.14 -7.42
C LEU A 63 -7.95 -2.31 -6.35
N PHE A 64 -7.63 -1.02 -6.31
CA PHE A 64 -8.22 -0.12 -5.32
C PHE A 64 -8.24 1.32 -5.84
N PRO A 65 -9.32 2.05 -5.53
CA PRO A 65 -9.49 3.44 -5.95
C PRO A 65 -8.53 4.38 -5.23
N ALA A 66 -7.84 5.22 -6.00
CA ALA A 66 -6.90 6.18 -5.44
C ALA A 66 -7.63 7.33 -4.74
N ASN A 67 -8.95 7.33 -4.84
CA ASN A 67 -9.76 8.38 -4.24
C ASN A 67 -10.01 8.09 -2.75
N TYR A 68 -10.04 6.80 -2.41
CA TYR A 68 -10.27 6.40 -1.04
C TYR A 68 -8.96 6.36 -0.25
N VAL A 69 -7.90 6.86 -0.86
CA VAL A 69 -6.59 6.90 -0.23
C VAL A 69 -5.84 8.18 -0.55
N GLU A 70 -4.74 8.42 0.16
CA GLU A 70 -3.95 9.63 -0.06
C GLU A 70 -2.46 9.27 -0.20
N LEU A 71 -1.83 9.83 -1.23
CA LEU A 71 -0.42 9.58 -1.48
C LEU A 71 0.46 10.34 -0.48
N ARG A 72 1.37 9.62 0.17
CA ARG A 72 2.26 10.22 1.15
C ARG A 72 3.59 10.59 0.50
N GLN A 73 4.09 11.79 0.80
CA GLN A 73 5.35 12.26 0.25
C GLN A 73 6.53 11.48 0.85
N SER A 74 7.70 11.65 0.26
CA SER A 74 8.90 10.97 0.72
C SER A 74 9.91 11.96 1.29
N GLY A 75 10.30 12.93 0.45
CA GLY A 75 11.25 13.93 0.89
C GLY A 75 12.63 13.34 1.14
N PRO A 76 13.26 12.82 0.08
CA PRO A 76 14.60 12.22 0.17
C PRO A 76 15.69 13.25 0.43
N SER A 77 15.33 14.52 0.30
CA SER A 77 16.27 15.62 0.52
C SER A 77 16.21 16.12 1.96
N SER A 78 16.98 15.49 2.83
CA SER A 78 17.01 15.85 4.24
C SER A 78 18.30 16.61 4.58
N GLY A 79 18.15 17.85 5.03
CA GLY A 79 19.31 18.64 5.39
C GLY A 79 19.72 19.60 4.28
N GLY A 1 18.83 8.42 5.41
CA GLY A 1 19.03 6.98 5.39
C GLY A 1 19.20 6.45 3.98
N SER A 2 20.22 6.93 3.28
CA SER A 2 20.49 6.50 1.91
C SER A 2 20.57 4.98 1.83
N SER A 3 21.47 4.40 2.61
CA SER A 3 21.65 2.95 2.63
C SER A 3 20.61 2.28 3.51
N GLY A 4 20.60 2.63 4.79
CA GLY A 4 19.64 2.05 5.71
C GLY A 4 20.25 1.73 7.07
N SER A 5 19.96 2.56 8.06
CA SER A 5 20.50 2.36 9.40
C SER A 5 20.59 0.88 9.73
N SER A 6 19.46 0.19 9.67
CA SER A 6 19.42 -1.24 9.97
C SER A 6 20.32 -2.02 9.01
N GLY A 7 20.60 -3.27 9.37
CA GLY A 7 21.45 -4.10 8.53
C GLY A 7 21.41 -5.56 8.95
N THR A 8 20.22 -6.14 8.94
CA THR A 8 20.05 -7.54 9.32
C THR A 8 19.48 -8.36 8.16
N TYR A 9 20.08 -9.51 7.92
CA TYR A 9 19.65 -10.39 6.84
C TYR A 9 18.21 -10.84 7.06
N ASP A 10 17.40 -10.77 6.01
CA ASP A 10 16.00 -11.18 6.09
C ASP A 10 15.41 -11.38 4.68
N GLU A 11 14.64 -12.45 4.53
CA GLU A 11 14.02 -12.75 3.24
C GLU A 11 12.73 -11.96 3.06
N TYR A 12 12.76 -10.69 3.44
CA TYR A 12 11.58 -9.82 3.33
C TYR A 12 11.80 -8.76 2.26
N GLU A 13 10.71 -8.12 1.85
CA GLU A 13 10.78 -7.07 0.83
C GLU A 13 11.78 -5.99 1.23
N ASN A 14 12.48 -5.45 0.24
CA ASN A 14 13.46 -4.40 0.49
C ASN A 14 12.97 -3.05 -0.05
N ASP A 15 12.44 -3.08 -1.27
CA ASP A 15 11.92 -1.86 -1.89
C ASP A 15 10.42 -1.75 -1.73
N LEU A 16 9.97 -1.01 -0.72
CA LEU A 16 8.55 -0.83 -0.46
C LEU A 16 7.87 -0.10 -1.61
N GLY A 17 8.60 0.82 -2.24
CA GLY A 17 8.05 1.56 -3.36
C GLY A 17 7.09 2.64 -2.91
N ILE A 18 6.22 3.08 -3.83
CA ILE A 18 5.25 4.12 -3.52
C ILE A 18 4.33 3.69 -2.38
N THR A 19 4.15 4.58 -1.41
CA THR A 19 3.29 4.30 -0.27
C THR A 19 2.12 5.29 -0.19
N ALA A 20 1.01 4.84 0.38
CA ALA A 20 -0.17 5.68 0.51
C ALA A 20 -0.94 5.34 1.79
N VAL A 21 -1.81 6.26 2.20
CA VAL A 21 -2.61 6.06 3.40
C VAL A 21 -4.10 6.18 3.10
N ALA A 22 -4.89 5.26 3.64
CA ALA A 22 -6.33 5.26 3.43
C ALA A 22 -6.98 6.42 4.16
N LEU A 23 -8.06 6.96 3.58
CA LEU A 23 -8.77 8.08 4.19
C LEU A 23 -10.09 7.61 4.80
N TYR A 24 -10.71 6.61 4.17
CA TYR A 24 -11.97 6.08 4.65
C TYR A 24 -12.05 4.57 4.42
N ASP A 25 -12.86 3.90 5.21
CA ASP A 25 -13.03 2.46 5.09
C ASP A 25 -13.50 2.08 3.68
N TYR A 26 -12.99 0.96 3.19
CA TYR A 26 -13.35 0.49 1.85
C TYR A 26 -13.48 -1.02 1.82
N GLN A 27 -14.67 -1.51 1.47
CA GLN A 27 -14.92 -2.94 1.41
C GLN A 27 -14.95 -3.43 -0.03
N ALA A 28 -13.84 -4.00 -0.49
CA ALA A 28 -13.74 -4.51 -1.85
C ALA A 28 -15.04 -5.19 -2.28
N ALA A 29 -15.50 -4.86 -3.48
CA ALA A 29 -16.74 -5.45 -4.00
C ALA A 29 -16.51 -6.89 -4.46
N GLY A 30 -15.37 -7.12 -5.08
CA GLY A 30 -15.04 -8.46 -5.57
C GLY A 30 -13.72 -8.97 -5.03
N ASP A 31 -13.18 -9.99 -5.68
CA ASP A 31 -11.90 -10.57 -5.27
C ASP A 31 -10.73 -9.73 -5.77
N ASP A 32 -10.84 -9.26 -7.01
CA ASP A 32 -9.80 -8.44 -7.61
C ASP A 32 -9.47 -7.24 -6.73
N GLU A 33 -10.51 -6.56 -6.26
CA GLU A 33 -10.34 -5.39 -5.41
C GLU A 33 -9.90 -5.80 -4.00
N ILE A 34 -9.25 -4.88 -3.29
CA ILE A 34 -8.78 -5.15 -1.94
C ILE A 34 -9.51 -4.26 -0.92
N SER A 35 -9.60 -4.74 0.31
CA SER A 35 -10.26 -4.00 1.37
C SER A 35 -9.28 -3.59 2.46
N PHE A 36 -9.44 -2.38 2.97
CA PHE A 36 -8.55 -1.86 4.02
C PHE A 36 -9.29 -0.89 4.92
N ASP A 37 -8.82 -0.77 6.16
CA ASP A 37 -9.43 0.13 7.13
C ASP A 37 -9.02 1.58 6.86
N PRO A 38 -9.80 2.53 7.41
CA PRO A 38 -9.54 3.96 7.25
C PRO A 38 -8.29 4.41 8.00
N ASP A 39 -7.45 5.19 7.32
CA ASP A 39 -6.22 5.68 7.93
C ASP A 39 -5.18 4.57 8.05
N ASP A 40 -5.25 3.62 7.13
CA ASP A 40 -4.31 2.49 7.13
C ASP A 40 -3.07 2.81 6.31
N ILE A 41 -2.08 1.94 6.36
CA ILE A 41 -0.84 2.13 5.62
C ILE A 41 -0.70 1.10 4.51
N ILE A 42 -0.32 1.56 3.32
CA ILE A 42 -0.15 0.68 2.17
C ILE A 42 1.23 0.87 1.55
N THR A 43 1.82 -0.24 1.09
CA THR A 43 3.13 -0.20 0.45
C THR A 43 3.13 -0.97 -0.86
N ASN A 44 4.18 -0.78 -1.66
CA ASN A 44 4.31 -1.46 -2.94
C ASN A 44 3.16 -1.09 -3.86
N ILE A 45 2.91 0.21 -4.01
CA ILE A 45 1.84 0.70 -4.87
C ILE A 45 2.27 0.70 -6.33
N GLU A 46 1.34 0.36 -7.21
CA GLU A 46 1.63 0.33 -8.64
C GLU A 46 0.55 1.08 -9.44
N MET A 47 0.84 2.32 -9.79
CA MET A 47 -0.10 3.13 -10.54
C MET A 47 -0.57 2.41 -11.79
N ILE A 48 -1.78 1.86 -11.72
CA ILE A 48 -2.36 1.13 -12.86
C ILE A 48 -3.04 2.08 -13.83
N ASP A 49 -4.06 2.78 -13.36
CA ASP A 49 -4.79 3.74 -14.19
C ASP A 49 -4.89 5.10 -13.51
N ASP A 50 -5.63 6.01 -14.12
CA ASP A 50 -5.81 7.35 -13.58
C ASP A 50 -6.94 7.37 -12.55
N GLY A 51 -7.15 6.24 -11.87
CA GLY A 51 -8.20 6.15 -10.88
C GLY A 51 -7.98 5.00 -9.92
N TRP A 52 -7.64 3.84 -10.46
CA TRP A 52 -7.42 2.65 -9.64
C TRP A 52 -5.94 2.24 -9.66
N TRP A 53 -5.43 1.82 -8.51
CA TRP A 53 -4.04 1.40 -8.40
C TRP A 53 -3.94 0.00 -7.80
N ARG A 54 -2.72 -0.54 -7.76
CA ARG A 54 -2.48 -1.86 -7.21
C ARG A 54 -1.37 -1.83 -6.18
N GLY A 55 -1.71 -2.19 -4.94
CA GLY A 55 -0.72 -2.20 -3.87
C GLY A 55 -0.95 -3.32 -2.88
N VAL A 56 0.09 -3.66 -2.13
CA VAL A 56 0.00 -4.73 -1.13
C VAL A 56 -0.42 -4.18 0.22
N CYS A 57 -1.69 -4.42 0.59
CA CYS A 57 -2.22 -3.95 1.86
C CYS A 57 -2.59 -5.13 2.77
N LYS A 58 -2.10 -5.09 4.00
CA LYS A 58 -2.37 -6.15 4.96
C LYS A 58 -2.14 -7.52 4.34
N GLY A 59 -1.21 -7.59 3.39
CA GLY A 59 -0.91 -8.85 2.73
C GLY A 59 -1.88 -9.17 1.63
N ARG A 60 -2.28 -8.15 0.88
CA ARG A 60 -3.23 -8.34 -0.22
C ARG A 60 -2.94 -7.36 -1.36
N TYR A 61 -2.71 -7.91 -2.56
CA TYR A 61 -2.42 -7.09 -3.72
C TYR A 61 -3.58 -7.14 -4.73
N GLY A 62 -4.29 -6.03 -4.85
CA GLY A 62 -5.40 -5.96 -5.78
C GLY A 62 -5.71 -4.54 -6.21
N LEU A 63 -6.80 -4.38 -6.96
CA LEU A 63 -7.21 -3.06 -7.44
C LEU A 63 -7.89 -2.26 -6.33
N PHE A 64 -7.67 -0.96 -6.32
CA PHE A 64 -8.25 -0.09 -5.31
C PHE A 64 -8.33 1.36 -5.82
N PRO A 65 -9.42 2.06 -5.46
CA PRO A 65 -9.63 3.45 -5.86
C PRO A 65 -8.67 4.40 -5.16
N ALA A 66 -8.03 5.27 -5.95
CA ALA A 66 -7.09 6.24 -5.41
C ALA A 66 -7.82 7.35 -4.66
N ASN A 67 -9.14 7.28 -4.64
CA ASN A 67 -9.94 8.29 -3.96
C ASN A 67 -10.04 8.00 -2.46
N TYR A 68 -10.26 6.74 -2.12
CA TYR A 68 -10.36 6.33 -0.73
C TYR A 68 -8.98 6.27 -0.08
N VAL A 69 -7.96 6.71 -0.81
CA VAL A 69 -6.60 6.71 -0.31
C VAL A 69 -5.87 8.00 -0.65
N GLU A 70 -4.73 8.21 -0.02
CA GLU A 70 -3.94 9.42 -0.26
C GLU A 70 -2.46 9.09 -0.43
N LEU A 71 -1.84 9.71 -1.42
CA LEU A 71 -0.42 9.48 -1.70
C LEU A 71 0.46 10.16 -0.66
N ARG A 72 1.42 9.41 -0.12
CA ARG A 72 2.33 9.95 0.88
C ARG A 72 3.64 10.41 0.24
N GLN A 73 3.75 10.20 -1.06
CA GLN A 73 4.94 10.60 -1.79
C GLN A 73 5.11 12.12 -1.81
N SER A 74 6.19 12.60 -1.20
CA SER A 74 6.46 14.03 -1.14
C SER A 74 7.94 14.31 -1.39
N GLY A 75 8.25 15.58 -1.66
CA GLY A 75 9.62 15.96 -1.91
C GLY A 75 10.61 15.25 -0.99
N PRO A 76 11.80 14.98 -1.51
CA PRO A 76 12.86 14.30 -0.75
C PRO A 76 13.44 15.17 0.35
N SER A 77 13.31 16.48 0.19
CA SER A 77 13.82 17.43 1.17
C SER A 77 13.43 17.00 2.58
N SER A 78 14.41 16.52 3.35
CA SER A 78 14.17 16.08 4.71
C SER A 78 14.90 16.97 5.71
N GLY A 79 14.21 17.31 6.79
CA GLY A 79 14.81 18.16 7.81
C GLY A 79 13.90 18.36 9.01
N GLY A 1 5.86 2.75 30.15
CA GLY A 1 6.79 2.61 29.04
C GLY A 1 6.09 2.64 27.70
N SER A 2 6.67 1.95 26.72
CA SER A 2 6.10 1.90 25.38
C SER A 2 6.47 0.60 24.68
N SER A 3 5.50 -0.03 24.05
CA SER A 3 5.72 -1.29 23.34
C SER A 3 4.65 -1.51 22.27
N GLY A 4 5.08 -1.60 21.01
CA GLY A 4 4.15 -1.83 19.93
C GLY A 4 4.84 -2.26 18.65
N SER A 5 5.35 -1.29 17.89
CA SER A 5 6.03 -1.58 16.64
C SER A 5 7.32 -2.37 16.89
N SER A 6 7.57 -3.35 16.02
CA SER A 6 8.76 -4.18 16.16
C SER A 6 10.01 -3.43 15.68
N GLY A 7 11.04 -3.42 16.52
CA GLY A 7 12.27 -2.73 16.17
C GLY A 7 13.33 -3.68 15.65
N THR A 8 13.25 -4.01 14.36
CA THR A 8 14.21 -4.92 13.75
C THR A 8 14.63 -4.42 12.37
N TYR A 9 15.86 -4.73 11.97
CA TYR A 9 16.37 -4.33 10.68
C TYR A 9 15.68 -5.09 9.55
N ASP A 10 14.72 -4.44 8.90
CA ASP A 10 13.98 -5.06 7.81
C ASP A 10 14.01 -4.17 6.57
N GLU A 11 15.13 -3.49 6.36
CA GLU A 11 15.28 -2.60 5.21
C GLU A 11 16.51 -2.97 4.39
N TYR A 12 16.69 -4.26 4.15
CA TYR A 12 17.83 -4.75 3.39
C TYR A 12 17.41 -5.15 1.98
N GLU A 13 16.43 -6.05 1.89
CA GLU A 13 15.94 -6.52 0.60
C GLU A 13 14.44 -6.32 0.49
N ASN A 14 13.98 -5.10 0.80
CA ASN A 14 12.57 -4.77 0.73
C ASN A 14 12.34 -3.42 0.06
N ASP A 15 11.74 -3.44 -1.12
CA ASP A 15 11.47 -2.22 -1.87
C ASP A 15 10.00 -1.84 -1.77
N LEU A 16 9.66 -1.08 -0.73
CA LEU A 16 8.27 -0.65 -0.52
C LEU A 16 7.81 0.23 -1.68
N GLY A 17 8.67 1.13 -2.12
CA GLY A 17 8.33 2.02 -3.21
C GLY A 17 7.35 3.11 -2.79
N ILE A 18 6.30 3.28 -3.59
CA ILE A 18 5.29 4.30 -3.29
C ILE A 18 4.37 3.85 -2.17
N THR A 19 3.91 4.80 -1.36
CA THR A 19 3.03 4.50 -0.25
C THR A 19 1.84 5.44 -0.22
N ALA A 20 0.76 5.02 0.44
CA ALA A 20 -0.44 5.84 0.54
C ALA A 20 -1.19 5.55 1.85
N VAL A 21 -2.03 6.49 2.26
CA VAL A 21 -2.80 6.34 3.48
C VAL A 21 -4.30 6.42 3.20
N ALA A 22 -5.03 5.39 3.61
CA ALA A 22 -6.47 5.34 3.41
C ALA A 22 -7.17 6.47 4.15
N LEU A 23 -8.18 7.06 3.52
CA LEU A 23 -8.92 8.16 4.13
C LEU A 23 -10.24 7.65 4.71
N TYR A 24 -10.86 6.69 4.03
CA TYR A 24 -12.13 6.13 4.48
C TYR A 24 -12.12 4.61 4.35
N ASP A 25 -12.98 3.96 5.13
CA ASP A 25 -13.07 2.50 5.09
C ASP A 25 -13.55 2.01 3.73
N TYR A 26 -12.91 0.98 3.21
CA TYR A 26 -13.28 0.42 1.91
C TYR A 26 -13.54 -1.08 2.02
N GLN A 27 -14.46 -1.56 1.20
CA GLN A 27 -14.81 -2.98 1.20
C GLN A 27 -14.85 -3.54 -0.22
N ALA A 28 -13.76 -4.19 -0.62
CA ALA A 28 -13.67 -4.76 -1.95
C ALA A 28 -14.93 -5.54 -2.31
N ALA A 29 -15.48 -5.27 -3.49
CA ALA A 29 -16.69 -5.94 -3.94
C ALA A 29 -16.42 -7.41 -4.24
N GLY A 30 -15.23 -7.70 -4.75
CA GLY A 30 -14.87 -9.07 -5.06
C GLY A 30 -13.47 -9.42 -4.61
N ASP A 31 -12.86 -10.40 -5.28
CA ASP A 31 -11.50 -10.82 -4.95
C ASP A 31 -10.47 -9.88 -5.57
N ASP A 32 -10.69 -9.50 -6.82
CA ASP A 32 -9.78 -8.60 -7.52
C ASP A 32 -9.47 -7.37 -6.67
N GLU A 33 -10.52 -6.75 -6.14
CA GLU A 33 -10.35 -5.56 -5.31
C GLU A 33 -9.92 -5.94 -3.90
N ILE A 34 -9.29 -5.00 -3.20
CA ILE A 34 -8.83 -5.23 -1.84
C ILE A 34 -9.56 -4.32 -0.85
N SER A 35 -9.68 -4.78 0.39
CA SER A 35 -10.35 -4.01 1.44
C SER A 35 -9.37 -3.63 2.54
N PHE A 36 -9.36 -2.35 2.89
CA PHE A 36 -8.47 -1.85 3.93
C PHE A 36 -9.20 -0.87 4.85
N ASP A 37 -8.69 -0.71 6.07
CA ASP A 37 -9.30 0.19 7.03
C ASP A 37 -8.89 1.64 6.76
N PRO A 38 -9.66 2.59 7.31
CA PRO A 38 -9.39 4.02 7.15
C PRO A 38 -8.14 4.47 7.89
N ASP A 39 -7.31 5.25 7.21
CA ASP A 39 -6.07 5.75 7.81
C ASP A 39 -5.04 4.62 7.94
N ASP A 40 -5.09 3.66 7.02
CA ASP A 40 -4.17 2.54 7.04
C ASP A 40 -2.92 2.86 6.23
N ILE A 41 -1.95 1.94 6.25
CA ILE A 41 -0.71 2.12 5.52
C ILE A 41 -0.56 1.06 4.43
N ILE A 42 -0.21 1.51 3.22
CA ILE A 42 -0.02 0.60 2.10
C ILE A 42 1.34 0.79 1.46
N THR A 43 1.94 -0.32 1.02
CA THR A 43 3.26 -0.27 0.39
C THR A 43 3.24 -0.97 -0.97
N ASN A 44 4.29 -0.76 -1.75
CA ASN A 44 4.39 -1.37 -3.07
C ASN A 44 3.18 -1.01 -3.93
N ILE A 45 2.88 0.28 -4.02
CA ILE A 45 1.75 0.74 -4.81
C ILE A 45 2.12 0.85 -6.28
N GLU A 46 1.22 0.38 -7.15
CA GLU A 46 1.45 0.42 -8.59
C GLU A 46 0.48 1.38 -9.27
N MET A 47 1.01 2.25 -10.11
CA MET A 47 0.18 3.23 -10.82
C MET A 47 -0.20 2.70 -12.20
N ILE A 48 -1.43 2.20 -12.33
CA ILE A 48 -1.90 1.67 -13.60
C ILE A 48 -2.76 2.70 -14.33
N ASP A 49 -3.87 3.09 -13.71
CA ASP A 49 -4.78 4.06 -14.30
C ASP A 49 -4.84 5.32 -13.45
N ASP A 50 -5.64 6.29 -13.91
CA ASP A 50 -5.79 7.55 -13.19
C ASP A 50 -7.00 7.50 -12.25
N GLY A 51 -7.27 6.31 -11.71
CA GLY A 51 -8.40 6.15 -10.81
C GLY A 51 -8.23 4.98 -9.88
N TRP A 52 -7.57 3.92 -10.37
CA TRP A 52 -7.35 2.72 -9.57
C TRP A 52 -5.87 2.37 -9.52
N TRP A 53 -5.45 1.73 -8.44
CA TRP A 53 -4.06 1.33 -8.27
C TRP A 53 -3.95 -0.06 -7.68
N ARG A 54 -2.76 -0.65 -7.75
CA ARG A 54 -2.53 -1.99 -7.22
C ARG A 54 -1.39 -1.98 -6.21
N GLY A 55 -1.69 -2.32 -4.97
CA GLY A 55 -0.68 -2.35 -3.93
C GLY A 55 -0.90 -3.46 -2.92
N VAL A 56 0.11 -3.75 -2.12
CA VAL A 56 0.02 -4.79 -1.11
C VAL A 56 -0.42 -4.22 0.24
N CYS A 57 -1.68 -4.46 0.59
CA CYS A 57 -2.23 -3.97 1.86
C CYS A 57 -2.60 -5.13 2.77
N LYS A 58 -2.13 -5.07 4.01
CA LYS A 58 -2.42 -6.12 4.99
C LYS A 58 -2.22 -7.50 4.37
N GLY A 59 -1.26 -7.62 3.47
CA GLY A 59 -0.99 -8.88 2.83
C GLY A 59 -1.99 -9.21 1.74
N ARG A 60 -2.35 -8.20 0.94
CA ARG A 60 -3.31 -8.38 -0.14
C ARG A 60 -3.01 -7.44 -1.30
N TYR A 61 -2.82 -8.00 -2.48
CA TYR A 61 -2.52 -7.20 -3.66
C TYR A 61 -3.68 -7.25 -4.66
N GLY A 62 -4.37 -6.12 -4.82
CA GLY A 62 -5.49 -6.06 -5.74
C GLY A 62 -5.77 -4.64 -6.20
N LEU A 63 -6.86 -4.48 -6.95
CA LEU A 63 -7.25 -3.17 -7.45
C LEU A 63 -7.97 -2.36 -6.39
N PHE A 64 -7.67 -1.06 -6.32
CA PHE A 64 -8.30 -0.18 -5.34
C PHE A 64 -8.34 1.25 -5.85
N PRO A 65 -9.42 1.98 -5.49
CA PRO A 65 -9.60 3.37 -5.90
C PRO A 65 -8.61 4.31 -5.22
N ALA A 66 -7.94 5.14 -6.02
CA ALA A 66 -6.98 6.09 -5.49
C ALA A 66 -7.68 7.25 -4.77
N ASN A 67 -9.01 7.21 -4.77
CA ASN A 67 -9.79 8.26 -4.12
C ASN A 67 -9.94 7.99 -2.63
N TYR A 68 -10.06 6.70 -2.28
CA TYR A 68 -10.21 6.30 -0.88
C TYR A 68 -8.86 6.27 -0.18
N VAL A 69 -7.84 6.83 -0.84
CA VAL A 69 -6.50 6.86 -0.28
C VAL A 69 -5.78 8.14 -0.65
N GLU A 70 -4.65 8.41 0.02
CA GLU A 70 -3.87 9.61 -0.25
C GLU A 70 -2.38 9.31 -0.20
N LEU A 71 -1.73 9.38 -1.35
CA LEU A 71 -0.30 9.11 -1.44
C LEU A 71 0.48 9.99 -0.46
N ARG A 72 1.52 9.41 0.15
CA ARG A 72 2.34 10.14 1.10
C ARG A 72 3.64 10.62 0.45
N GLN A 73 3.92 11.91 0.59
CA GLN A 73 5.13 12.48 0.01
C GLN A 73 5.35 13.91 0.52
N SER A 74 6.58 14.21 0.91
CA SER A 74 6.92 15.53 1.42
C SER A 74 7.67 16.34 0.36
N GLY A 75 8.64 15.71 -0.28
CA GLY A 75 9.42 16.39 -1.30
C GLY A 75 10.87 15.97 -1.31
N PRO A 76 11.72 16.72 -0.59
CA PRO A 76 13.16 16.44 -0.50
C PRO A 76 13.45 15.17 0.29
N SER A 77 13.55 14.04 -0.40
CA SER A 77 13.82 12.76 0.24
C SER A 77 15.28 12.67 0.67
N SER A 78 15.54 11.90 1.72
CA SER A 78 16.89 11.72 2.24
C SER A 78 17.60 10.57 1.55
N GLY A 79 18.90 10.47 1.76
CA GLY A 79 19.67 9.40 1.14
C GLY A 79 20.86 9.91 0.35
N GLY A 1 -6.63 -2.25 21.47
CA GLY A 1 -6.98 -2.93 20.23
C GLY A 1 -5.76 -3.50 19.52
N SER A 2 -4.82 -2.62 19.17
CA SER A 2 -3.61 -3.04 18.48
C SER A 2 -2.60 -3.65 19.46
N SER A 3 -2.34 -2.92 20.54
CA SER A 3 -1.40 -3.38 21.55
C SER A 3 -1.98 -4.54 22.35
N GLY A 4 -1.12 -5.22 23.11
CA GLY A 4 -1.57 -6.33 23.92
C GLY A 4 -0.41 -7.19 24.42
N SER A 5 -0.26 -8.38 23.86
CA SER A 5 0.80 -9.29 24.25
C SER A 5 2.09 -8.97 23.51
N SER A 6 3.15 -8.70 24.27
CA SER A 6 4.45 -8.37 23.68
C SER A 6 4.72 -9.24 22.45
N GLY A 7 5.36 -8.65 21.45
CA GLY A 7 5.66 -9.37 20.24
C GLY A 7 5.63 -8.49 19.00
N THR A 8 6.65 -7.66 18.85
CA THR A 8 6.73 -6.76 17.71
C THR A 8 7.81 -7.22 16.72
N TYR A 9 7.39 -7.47 15.48
CA TYR A 9 8.31 -7.91 14.45
C TYR A 9 8.92 -6.72 13.70
N ASP A 10 8.07 -5.76 13.35
CA ASP A 10 8.51 -4.57 12.64
C ASP A 10 9.50 -4.93 11.53
N GLU A 11 9.26 -6.08 10.89
CA GLU A 11 10.14 -6.54 9.82
C GLU A 11 10.31 -5.46 8.75
N TYR A 12 11.54 -5.00 8.57
CA TYR A 12 11.83 -3.98 7.58
C TYR A 12 11.95 -4.57 6.18
N GLU A 13 11.51 -3.81 5.18
CA GLU A 13 11.56 -4.27 3.80
C GLU A 13 12.55 -3.43 2.99
N ASN A 14 13.36 -4.11 2.18
CA ASN A 14 14.35 -3.43 1.35
C ASN A 14 13.77 -2.15 0.74
N ASP A 15 12.68 -2.31 -0.02
CA ASP A 15 12.02 -1.18 -0.66
C ASP A 15 10.51 -1.28 -0.52
N LEU A 16 9.88 -0.19 -0.14
CA LEU A 16 8.42 -0.15 0.02
C LEU A 16 7.77 0.63 -1.10
N GLY A 17 8.53 0.90 -2.16
CA GLY A 17 8.00 1.64 -3.29
C GLY A 17 7.06 2.74 -2.87
N ILE A 18 6.03 2.99 -3.67
CA ILE A 18 5.05 4.03 -3.37
C ILE A 18 4.19 3.64 -2.17
N THR A 19 3.85 4.63 -1.36
CA THR A 19 3.03 4.40 -0.17
C THR A 19 1.86 5.38 -0.11
N ALA A 20 0.77 4.95 0.49
CA ALA A 20 -0.42 5.80 0.62
C ALA A 20 -1.25 5.38 1.83
N VAL A 21 -2.07 6.32 2.32
CA VAL A 21 -2.92 6.07 3.47
C VAL A 21 -4.39 6.15 3.10
N ALA A 22 -5.19 5.26 3.66
CA ALA A 22 -6.63 5.25 3.38
C ALA A 22 -7.33 6.41 4.08
N LEU A 23 -8.30 7.00 3.40
CA LEU A 23 -9.05 8.13 3.95
C LEU A 23 -10.37 7.66 4.56
N TYR A 24 -10.94 6.61 3.98
CA TYR A 24 -12.19 6.06 4.46
C TYR A 24 -12.21 4.54 4.33
N ASP A 25 -12.99 3.89 5.19
CA ASP A 25 -13.10 2.44 5.17
C ASP A 25 -13.65 1.95 3.84
N TYR A 26 -12.94 1.03 3.21
CA TYR A 26 -13.36 0.47 1.93
C TYR A 26 -13.58 -1.03 2.03
N GLN A 27 -14.48 -1.54 1.19
CA GLN A 27 -14.79 -2.97 1.18
C GLN A 27 -14.79 -3.52 -0.23
N ALA A 28 -13.69 -4.16 -0.62
CA ALA A 28 -13.56 -4.73 -1.95
C ALA A 28 -14.82 -5.49 -2.34
N ALA A 29 -15.46 -5.06 -3.43
CA ALA A 29 -16.67 -5.70 -3.90
C ALA A 29 -16.43 -7.17 -4.24
N GLY A 30 -15.27 -7.44 -4.84
CA GLY A 30 -14.93 -8.80 -5.21
C GLY A 30 -13.55 -9.21 -4.71
N ASP A 31 -12.96 -10.21 -5.35
CA ASP A 31 -11.64 -10.70 -4.97
C ASP A 31 -10.55 -9.80 -5.53
N ASP A 32 -10.70 -9.40 -6.79
CA ASP A 32 -9.72 -8.53 -7.44
C ASP A 32 -9.41 -7.32 -6.57
N GLU A 33 -10.45 -6.64 -6.13
CA GLU A 33 -10.29 -5.45 -5.28
C GLU A 33 -9.84 -5.84 -3.88
N ILE A 34 -9.17 -4.92 -3.21
CA ILE A 34 -8.67 -5.16 -1.86
C ILE A 34 -9.45 -4.33 -0.83
N SER A 35 -9.56 -4.86 0.38
CA SER A 35 -10.29 -4.17 1.44
C SER A 35 -9.34 -3.77 2.57
N PHE A 36 -9.33 -2.48 2.89
CA PHE A 36 -8.47 -1.97 3.95
C PHE A 36 -9.24 -1.01 4.86
N ASP A 37 -8.69 -0.78 6.06
CA ASP A 37 -9.33 0.11 7.02
C ASP A 37 -8.94 1.56 6.76
N PRO A 38 -9.73 2.49 7.31
CA PRO A 38 -9.50 3.94 7.15
C PRO A 38 -8.25 4.39 7.91
N ASP A 39 -7.40 5.15 7.23
CA ASP A 39 -6.19 5.67 7.84
C ASP A 39 -5.13 4.56 7.98
N ASP A 40 -5.18 3.60 7.08
CA ASP A 40 -4.24 2.48 7.10
C ASP A 40 -2.97 2.82 6.30
N ILE A 41 -2.01 1.92 6.33
CA ILE A 41 -0.75 2.11 5.62
C ILE A 41 -0.58 1.08 4.52
N ILE A 42 -0.23 1.53 3.32
CA ILE A 42 -0.02 0.65 2.18
C ILE A 42 1.35 0.86 1.56
N THR A 43 1.94 -0.22 1.05
CA THR A 43 3.26 -0.15 0.42
C THR A 43 3.29 -0.98 -0.86
N ASN A 44 4.25 -0.66 -1.73
CA ASN A 44 4.40 -1.38 -2.99
C ASN A 44 3.20 -1.13 -3.90
N ILE A 45 2.78 0.12 -3.98
CA ILE A 45 1.64 0.50 -4.82
C ILE A 45 2.03 0.56 -6.28
N GLU A 46 1.07 0.34 -7.16
CA GLU A 46 1.31 0.37 -8.60
C GLU A 46 0.31 1.28 -9.31
N MET A 47 0.80 2.12 -10.21
CA MET A 47 -0.04 3.03 -10.95
C MET A 47 -0.41 2.46 -12.32
N ILE A 48 -1.62 1.93 -12.43
CA ILE A 48 -2.09 1.35 -13.68
C ILE A 48 -3.05 2.28 -14.40
N ASP A 49 -4.17 2.60 -13.75
CA ASP A 49 -5.16 3.49 -14.33
C ASP A 49 -5.09 4.88 -13.69
N ASP A 50 -5.77 5.84 -14.31
CA ASP A 50 -5.77 7.21 -13.80
C ASP A 50 -6.82 7.37 -12.72
N GLY A 51 -7.08 6.30 -11.97
CA GLY A 51 -8.07 6.36 -10.91
C GLY A 51 -7.92 5.21 -9.93
N TRP A 52 -7.48 4.07 -10.42
CA TRP A 52 -7.30 2.89 -9.57
C TRP A 52 -5.84 2.44 -9.56
N TRP A 53 -5.39 1.91 -8.44
CA TRP A 53 -4.02 1.43 -8.31
C TRP A 53 -3.97 0.05 -7.67
N ARG A 54 -2.78 -0.55 -7.66
CA ARG A 54 -2.61 -1.87 -7.09
C ARG A 54 -1.41 -1.91 -6.16
N GLY A 55 -1.65 -2.26 -4.89
CA GLY A 55 -0.57 -2.32 -3.91
C GLY A 55 -0.77 -3.44 -2.92
N VAL A 56 0.28 -3.73 -2.16
CA VAL A 56 0.23 -4.80 -1.16
C VAL A 56 -0.17 -4.26 0.20
N CYS A 57 -1.42 -4.53 0.60
CA CYS A 57 -1.93 -4.06 1.88
C CYS A 57 -2.24 -5.24 2.80
N LYS A 58 -1.70 -5.19 4.02
CA LYS A 58 -1.92 -6.25 5.00
C LYS A 58 -1.71 -7.63 4.36
N GLY A 59 -0.90 -7.67 3.30
CA GLY A 59 -0.62 -8.93 2.63
C GLY A 59 -1.65 -9.24 1.55
N ARG A 60 -2.10 -8.20 0.86
CA ARG A 60 -3.08 -8.37 -0.20
C ARG A 60 -2.83 -7.40 -1.35
N TYR A 61 -2.68 -7.94 -2.55
CA TYR A 61 -2.42 -7.13 -3.74
C TYR A 61 -3.62 -7.16 -4.69
N GLY A 62 -4.31 -6.03 -4.79
CA GLY A 62 -5.46 -5.95 -5.68
C GLY A 62 -5.74 -4.53 -6.13
N LEU A 63 -6.80 -4.36 -6.92
CA LEU A 63 -7.18 -3.04 -7.42
C LEU A 63 -7.91 -2.24 -6.35
N PHE A 64 -7.58 -0.95 -6.25
CA PHE A 64 -8.20 -0.07 -5.27
C PHE A 64 -8.27 1.36 -5.79
N PRO A 65 -9.37 2.05 -5.45
CA PRO A 65 -9.58 3.44 -5.87
C PRO A 65 -8.63 4.42 -5.18
N ALA A 66 -7.88 5.18 -5.97
CA ALA A 66 -6.93 6.14 -5.43
C ALA A 66 -7.66 7.28 -4.72
N ASN A 67 -8.98 7.25 -4.78
CA ASN A 67 -9.79 8.29 -4.14
C ASN A 67 -9.92 8.02 -2.64
N TYR A 68 -10.10 6.75 -2.28
CA TYR A 68 -10.24 6.36 -0.89
C TYR A 68 -8.89 6.30 -0.20
N VAL A 69 -7.86 6.78 -0.89
CA VAL A 69 -6.50 6.78 -0.34
C VAL A 69 -5.75 8.05 -0.73
N GLU A 70 -4.63 8.30 -0.08
CA GLU A 70 -3.82 9.48 -0.35
C GLU A 70 -2.34 9.13 -0.42
N LEU A 71 -1.68 9.60 -1.46
CA LEU A 71 -0.26 9.33 -1.65
C LEU A 71 0.58 9.99 -0.55
N ARG A 72 1.52 9.24 0.00
CA ARG A 72 2.38 9.76 1.06
C ARG A 72 3.72 10.25 0.49
N GLN A 73 3.97 11.54 0.60
CA GLN A 73 5.21 12.13 0.10
C GLN A 73 6.14 12.50 1.25
N SER A 74 6.86 11.51 1.76
CA SER A 74 7.78 11.72 2.87
C SER A 74 9.03 12.46 2.39
N GLY A 75 8.98 13.79 2.42
CA GLY A 75 10.11 14.58 1.98
C GLY A 75 9.83 15.34 0.71
N PRO A 76 9.67 16.66 0.82
CA PRO A 76 9.40 17.53 -0.34
C PRO A 76 10.60 17.65 -1.27
N SER A 77 10.38 18.26 -2.43
CA SER A 77 11.45 18.44 -3.41
C SER A 77 11.67 19.92 -3.70
N SER A 78 12.90 20.27 -4.07
CA SER A 78 13.24 21.65 -4.38
C SER A 78 13.70 21.79 -5.82
N GLY A 79 14.37 20.76 -6.33
CA GLY A 79 14.85 20.79 -7.69
C GLY A 79 15.97 21.80 -7.90
N GLY A 1 17.92 -30.05 -0.49
CA GLY A 1 16.71 -30.34 -1.24
C GLY A 1 16.85 -30.01 -2.70
N SER A 2 17.18 -28.77 -3.01
CA SER A 2 17.34 -28.32 -4.38
C SER A 2 18.71 -27.67 -4.60
N SER A 3 19.70 -28.49 -4.93
CA SER A 3 21.05 -28.00 -5.15
C SER A 3 21.59 -28.45 -6.50
N GLY A 4 21.44 -27.61 -7.51
CA GLY A 4 21.91 -27.95 -8.84
C GLY A 4 20.90 -27.57 -9.92
N SER A 5 21.36 -26.82 -10.92
CA SER A 5 20.50 -26.39 -12.01
C SER A 5 19.27 -25.64 -11.47
N SER A 6 19.51 -24.72 -10.54
CA SER A 6 18.44 -23.94 -9.95
C SER A 6 17.72 -23.11 -11.01
N GLY A 7 16.45 -22.80 -10.77
CA GLY A 7 15.69 -22.02 -11.71
C GLY A 7 16.03 -20.54 -11.64
N THR A 8 15.03 -19.69 -11.87
CA THR A 8 15.24 -18.24 -11.83
C THR A 8 14.24 -17.57 -10.88
N TYR A 9 14.56 -16.35 -10.49
CA TYR A 9 13.70 -15.59 -9.58
C TYR A 9 14.23 -14.17 -9.39
N ASP A 10 13.31 -13.22 -9.24
CA ASP A 10 13.68 -11.83 -9.05
C ASP A 10 14.76 -11.69 -7.97
N GLU A 11 15.98 -11.43 -8.42
CA GLU A 11 17.11 -11.28 -7.49
C GLU A 11 17.16 -9.87 -6.92
N TYR A 12 15.99 -9.31 -6.65
CA TYR A 12 15.90 -7.95 -6.10
C TYR A 12 14.81 -7.88 -5.03
N GLU A 13 15.15 -7.30 -3.89
CA GLU A 13 14.21 -7.16 -2.79
C GLU A 13 14.60 -6.00 -1.87
N ASN A 14 13.81 -5.80 -0.82
CA ASN A 14 14.08 -4.72 0.12
C ASN A 14 13.69 -3.37 -0.47
N ASP A 15 12.46 -3.27 -0.94
CA ASP A 15 11.97 -2.03 -1.53
C ASP A 15 10.44 -1.94 -1.44
N LEU A 16 9.96 -1.00 -0.63
CA LEU A 16 8.53 -0.82 -0.45
C LEU A 16 7.93 -0.04 -1.62
N GLY A 17 8.66 0.98 -2.09
CA GLY A 17 8.18 1.77 -3.20
C GLY A 17 7.27 2.91 -2.76
N ILE A 18 6.20 3.14 -3.51
CA ILE A 18 5.26 4.20 -3.18
C ILE A 18 4.29 3.77 -2.09
N THR A 19 4.02 4.67 -1.16
CA THR A 19 3.11 4.38 -0.06
C THR A 19 2.02 5.45 0.06
N ALA A 20 0.90 5.07 0.66
CA ALA A 20 -0.21 6.00 0.84
C ALA A 20 -1.00 5.66 2.10
N VAL A 21 -1.94 6.55 2.45
CA VAL A 21 -2.77 6.35 3.64
C VAL A 21 -4.24 6.43 3.28
N ALA A 22 -4.98 5.38 3.60
CA ALA A 22 -6.42 5.33 3.32
C ALA A 22 -7.15 6.45 4.06
N LEU A 23 -8.14 7.04 3.39
CA LEU A 23 -8.93 8.11 3.98
C LEU A 23 -10.23 7.58 4.57
N TYR A 24 -10.86 6.67 3.85
CA TYR A 24 -12.13 6.09 4.30
C TYR A 24 -12.10 4.57 4.14
N ASP A 25 -12.90 3.89 4.96
CA ASP A 25 -12.99 2.43 4.91
C ASP A 25 -13.42 1.96 3.53
N TYR A 26 -12.83 0.86 3.07
CA TYR A 26 -13.16 0.30 1.77
C TYR A 26 -13.15 -1.22 1.80
N GLN A 27 -14.26 -1.83 1.39
CA GLN A 27 -14.37 -3.28 1.37
C GLN A 27 -14.57 -3.80 -0.05
N ALA A 28 -13.48 -4.22 -0.68
CA ALA A 28 -13.54 -4.74 -2.04
C ALA A 28 -14.84 -5.51 -2.28
N ALA A 29 -15.38 -5.38 -3.49
CA ALA A 29 -16.62 -6.06 -3.84
C ALA A 29 -16.34 -7.50 -4.28
N GLY A 30 -15.26 -7.69 -5.02
CA GLY A 30 -14.91 -9.03 -5.49
C GLY A 30 -13.56 -9.48 -4.97
N ASP A 31 -12.93 -10.40 -5.70
CA ASP A 31 -11.62 -10.92 -5.31
C ASP A 31 -10.51 -10.00 -5.79
N ASP A 32 -10.63 -9.51 -7.02
CA ASP A 32 -9.64 -8.62 -7.59
C ASP A 32 -9.38 -7.42 -6.68
N GLU A 33 -10.45 -6.77 -6.25
CA GLU A 33 -10.35 -5.61 -5.37
C GLU A 33 -9.90 -6.03 -3.97
N ILE A 34 -9.28 -5.09 -3.26
CA ILE A 34 -8.80 -5.36 -1.90
C ILE A 34 -9.51 -4.47 -0.89
N SER A 35 -9.68 -4.98 0.32
CA SER A 35 -10.33 -4.23 1.39
C SER A 35 -9.33 -3.82 2.47
N PHE A 36 -9.21 -2.52 2.70
CA PHE A 36 -8.30 -2.01 3.71
C PHE A 36 -9.00 -1.02 4.63
N ASP A 37 -8.59 -1.02 5.90
CA ASP A 37 -9.18 -0.12 6.89
C ASP A 37 -8.73 1.31 6.65
N PRO A 38 -9.54 2.27 7.14
CA PRO A 38 -9.25 3.70 6.99
C PRO A 38 -8.07 4.13 7.85
N ASP A 39 -7.21 4.98 7.28
CA ASP A 39 -6.03 5.47 7.99
C ASP A 39 -4.96 4.39 8.07
N ASP A 40 -4.98 3.48 7.12
CA ASP A 40 -4.00 2.39 7.07
C ASP A 40 -2.81 2.76 6.19
N ILE A 41 -1.82 1.87 6.15
CA ILE A 41 -0.63 2.10 5.33
C ILE A 41 -0.48 1.02 4.27
N ILE A 42 -0.24 1.45 3.03
CA ILE A 42 -0.07 0.52 1.92
C ILE A 42 1.29 0.68 1.29
N THR A 43 1.93 -0.45 0.97
CA THR A 43 3.25 -0.44 0.35
C THR A 43 3.20 -1.04 -1.06
N ASN A 44 4.28 -0.85 -1.81
CA ASN A 44 4.37 -1.37 -3.17
C ASN A 44 3.16 -0.91 -4.00
N ILE A 45 2.87 0.38 -3.95
CA ILE A 45 1.76 0.95 -4.71
C ILE A 45 2.10 1.08 -6.17
N GLU A 46 1.43 0.29 -7.01
CA GLU A 46 1.65 0.32 -8.45
C GLU A 46 0.47 0.97 -9.17
N MET A 47 0.61 2.24 -9.50
CA MET A 47 -0.44 2.97 -10.20
C MET A 47 -0.76 2.31 -11.54
N ILE A 48 -1.86 1.56 -11.58
CA ILE A 48 -2.27 0.89 -12.80
C ILE A 48 -2.90 1.87 -13.78
N ASP A 49 -3.99 2.50 -13.38
CA ASP A 49 -4.69 3.46 -14.23
C ASP A 49 -4.78 4.81 -13.55
N ASP A 50 -5.49 5.74 -14.18
CA ASP A 50 -5.66 7.08 -13.64
C ASP A 50 -6.85 7.13 -12.68
N GLY A 51 -7.08 6.03 -11.96
CA GLY A 51 -8.18 5.97 -11.03
C GLY A 51 -8.08 4.80 -10.08
N TRP A 52 -7.52 3.70 -10.57
CA TRP A 52 -7.35 2.50 -9.75
C TRP A 52 -5.89 2.07 -9.69
N TRP A 53 -5.41 1.79 -8.48
CA TRP A 53 -4.03 1.37 -8.29
C TRP A 53 -3.96 -0.04 -7.71
N ARG A 54 -2.78 -0.64 -7.74
CA ARG A 54 -2.58 -1.98 -7.22
C ARG A 54 -1.41 -2.01 -6.24
N GLY A 55 -1.72 -2.29 -4.97
CA GLY A 55 -0.68 -2.35 -3.95
C GLY A 55 -0.89 -3.48 -2.96
N VAL A 56 0.13 -3.76 -2.17
CA VAL A 56 0.05 -4.83 -1.17
C VAL A 56 -0.40 -4.29 0.18
N CYS A 57 -1.66 -4.55 0.53
CA CYS A 57 -2.20 -4.09 1.79
C CYS A 57 -2.57 -5.27 2.69
N LYS A 58 -2.21 -5.18 3.96
CA LYS A 58 -2.49 -6.24 4.92
C LYS A 58 -2.29 -7.61 4.29
N GLY A 59 -1.31 -7.71 3.40
CA GLY A 59 -1.04 -8.97 2.74
C GLY A 59 -2.04 -9.28 1.64
N ARG A 60 -2.39 -8.27 0.86
CA ARG A 60 -3.34 -8.43 -0.23
C ARG A 60 -3.04 -7.46 -1.37
N TYR A 61 -2.83 -8.00 -2.56
CA TYR A 61 -2.53 -7.19 -3.74
C TYR A 61 -3.67 -7.25 -4.74
N GLY A 62 -4.37 -6.13 -4.90
CA GLY A 62 -5.48 -6.07 -5.84
C GLY A 62 -5.78 -4.65 -6.29
N LEU A 63 -6.87 -4.50 -7.05
CA LEU A 63 -7.26 -3.18 -7.55
C LEU A 63 -7.96 -2.38 -6.46
N PHE A 64 -7.66 -1.09 -6.39
CA PHE A 64 -8.26 -0.21 -5.40
C PHE A 64 -8.29 1.23 -5.89
N PRO A 65 -9.38 1.95 -5.57
CA PRO A 65 -9.55 3.35 -5.97
C PRO A 65 -8.59 4.28 -5.25
N ALA A 66 -7.95 5.18 -6.00
CA ALA A 66 -7.01 6.13 -5.43
C ALA A 66 -7.75 7.27 -4.72
N ASN A 67 -9.07 7.24 -4.78
CA ASN A 67 -9.89 8.27 -4.15
C ASN A 67 -10.01 8.03 -2.65
N TYR A 68 -10.14 6.75 -2.28
CA TYR A 68 -10.27 6.38 -0.87
C TYR A 68 -8.90 6.34 -0.19
N VAL A 69 -7.90 6.90 -0.87
CA VAL A 69 -6.54 6.93 -0.32
C VAL A 69 -5.80 8.19 -0.79
N GLU A 70 -4.69 8.48 -0.12
CA GLU A 70 -3.89 9.65 -0.45
C GLU A 70 -2.40 9.33 -0.37
N LEU A 71 -1.62 9.97 -1.25
CA LEU A 71 -0.18 9.75 -1.26
C LEU A 71 0.51 10.51 -0.13
N ARG A 72 1.34 9.81 0.63
CA ARG A 72 2.06 10.42 1.74
C ARG A 72 3.31 11.15 1.25
N GLN A 73 3.89 11.96 2.13
CA GLN A 73 5.09 12.71 1.79
C GLN A 73 6.30 12.20 2.55
N SER A 74 7.49 12.41 2.00
CA SER A 74 8.72 11.97 2.63
C SER A 74 8.75 10.44 2.74
N GLY A 75 8.33 9.77 1.67
CA GLY A 75 8.32 8.32 1.67
C GLY A 75 9.71 7.72 1.49
N PRO A 76 9.83 6.41 1.73
CA PRO A 76 11.10 5.70 1.59
C PRO A 76 11.55 5.56 0.15
N SER A 77 10.70 6.03 -0.77
CA SER A 77 11.00 5.97 -2.20
C SER A 77 12.27 6.76 -2.51
N SER A 78 12.35 7.98 -2.01
CA SER A 78 13.50 8.84 -2.25
C SER A 78 14.80 8.03 -2.22
N GLY A 79 15.07 7.40 -1.08
CA GLY A 79 16.28 6.61 -0.94
C GLY A 79 16.12 5.23 -1.52
N GLY A 1 13.39 7.87 14.11
CA GLY A 1 13.37 8.92 15.12
C GLY A 1 14.74 9.51 15.36
N SER A 2 15.13 9.58 16.63
CA SER A 2 16.43 10.14 17.00
C SER A 2 17.55 9.19 16.61
N SER A 3 18.04 9.34 15.38
CA SER A 3 19.12 8.49 14.89
C SER A 3 20.14 8.21 15.98
N GLY A 4 20.54 6.95 16.10
CA GLY A 4 21.51 6.58 17.12
C GLY A 4 22.77 5.97 16.52
N SER A 5 22.76 4.66 16.34
CA SER A 5 23.92 3.95 15.78
C SER A 5 23.78 3.82 14.26
N SER A 6 24.82 3.28 13.63
CA SER A 6 24.83 3.11 12.18
C SER A 6 24.96 1.64 11.82
N GLY A 7 24.82 1.33 10.53
CA GLY A 7 24.94 -0.04 10.07
C GLY A 7 24.22 -1.01 10.98
N THR A 8 22.91 -1.17 10.76
CA THR A 8 22.11 -2.07 11.57
C THR A 8 21.24 -2.98 10.69
N TYR A 9 21.03 -4.21 11.14
CA TYR A 9 20.22 -5.16 10.39
C TYR A 9 18.74 -4.91 10.61
N ASP A 10 18.17 -3.99 9.84
CA ASP A 10 16.76 -3.65 9.95
C ASP A 10 16.04 -3.89 8.63
N GLU A 11 16.44 -4.95 7.93
CA GLU A 11 15.83 -5.29 6.65
C GLU A 11 16.00 -4.16 5.65
N TYR A 12 17.20 -3.60 5.60
CA TYR A 12 17.49 -2.50 4.69
C TYR A 12 17.29 -2.94 3.24
N GLU A 13 17.17 -4.24 3.02
CA GLU A 13 16.96 -4.79 1.69
C GLU A 13 15.48 -4.97 1.39
N ASN A 14 14.69 -3.94 1.65
CA ASN A 14 13.25 -3.99 1.42
C ASN A 14 12.84 -3.00 0.33
N ASP A 15 11.93 -3.43 -0.53
CA ASP A 15 11.45 -2.59 -1.62
C ASP A 15 9.97 -2.27 -1.46
N LEU A 16 9.67 -1.32 -0.59
CA LEU A 16 8.29 -0.93 -0.33
C LEU A 16 7.72 -0.14 -1.51
N GLY A 17 8.48 0.85 -1.97
CA GLY A 17 8.04 1.67 -3.09
C GLY A 17 7.11 2.79 -2.66
N ILE A 18 6.17 3.14 -3.52
CA ILE A 18 5.21 4.21 -3.23
C ILE A 18 4.19 3.75 -2.20
N THR A 19 3.97 4.57 -1.18
CA THR A 19 3.02 4.26 -0.13
C THR A 19 1.93 5.32 -0.04
N ALA A 20 0.79 4.96 0.54
CA ALA A 20 -0.33 5.89 0.69
C ALA A 20 -1.12 5.59 1.96
N VAL A 21 -1.97 6.53 2.35
CA VAL A 21 -2.79 6.37 3.54
C VAL A 21 -4.28 6.39 3.20
N ALA A 22 -5.01 5.44 3.77
CA ALA A 22 -6.44 5.35 3.52
C ALA A 22 -7.20 6.48 4.21
N LEU A 23 -8.21 7.01 3.54
CA LEU A 23 -9.00 8.11 4.09
C LEU A 23 -10.33 7.60 4.63
N TYR A 24 -10.88 6.59 3.98
CA TYR A 24 -12.16 6.00 4.41
C TYR A 24 -12.16 4.49 4.18
N ASP A 25 -12.89 3.78 5.03
CA ASP A 25 -12.98 2.32 4.92
C ASP A 25 -13.46 1.92 3.54
N TYR A 26 -13.06 0.72 3.11
CA TYR A 26 -13.44 0.21 1.79
C TYR A 26 -13.49 -1.31 1.80
N GLN A 27 -14.64 -1.86 1.42
CA GLN A 27 -14.83 -3.30 1.36
C GLN A 27 -14.87 -3.80 -0.07
N ALA A 28 -13.73 -4.27 -0.57
CA ALA A 28 -13.64 -4.78 -1.93
C ALA A 28 -14.84 -5.67 -2.26
N ALA A 29 -15.42 -5.45 -3.44
CA ALA A 29 -16.57 -6.22 -3.87
C ALA A 29 -16.16 -7.64 -4.24
N GLY A 30 -15.04 -7.77 -4.94
CA GLY A 30 -14.56 -9.08 -5.35
C GLY A 30 -13.10 -9.29 -5.01
N ASP A 31 -12.63 -10.52 -5.19
CA ASP A 31 -11.23 -10.85 -4.88
C ASP A 31 -10.29 -9.88 -5.57
N ASP A 32 -10.58 -9.54 -6.83
CA ASP A 32 -9.76 -8.61 -7.58
C ASP A 32 -9.45 -7.36 -6.77
N GLU A 33 -10.48 -6.81 -6.13
CA GLU A 33 -10.31 -5.62 -5.32
C GLU A 33 -9.83 -5.97 -3.91
N ILE A 34 -9.23 -5.00 -3.23
CA ILE A 34 -8.73 -5.21 -1.88
C ILE A 34 -9.41 -4.27 -0.88
N SER A 35 -9.46 -4.70 0.37
CA SER A 35 -10.09 -3.90 1.42
C SER A 35 -9.05 -3.37 2.39
N PHE A 36 -9.44 -2.38 3.18
CA PHE A 36 -8.53 -1.78 4.16
C PHE A 36 -9.27 -0.76 5.04
N ASP A 37 -8.78 -0.57 6.25
CA ASP A 37 -9.39 0.38 7.18
C ASP A 37 -8.86 1.80 6.95
N PRO A 38 -9.59 2.79 7.45
CA PRO A 38 -9.23 4.20 7.31
C PRO A 38 -7.99 4.56 8.14
N ASP A 39 -7.13 5.40 7.57
CA ASP A 39 -5.92 5.83 8.26
C ASP A 39 -4.90 4.70 8.30
N ASP A 40 -4.95 3.82 7.31
CA ASP A 40 -4.03 2.69 7.24
C ASP A 40 -2.83 3.03 6.34
N ILE A 41 -1.88 2.10 6.26
CA ILE A 41 -0.69 2.29 5.45
C ILE A 41 -0.58 1.20 4.38
N ILE A 42 -0.27 1.62 3.15
CA ILE A 42 -0.13 0.68 2.05
C ILE A 42 1.24 0.80 1.40
N THR A 43 1.81 -0.34 1.01
CA THR A 43 3.13 -0.36 0.38
C THR A 43 3.07 -1.08 -0.96
N ASN A 44 4.14 -0.95 -1.75
CA ASN A 44 4.21 -1.58 -3.06
C ASN A 44 3.09 -1.10 -3.96
N ILE A 45 2.87 0.20 -3.99
CA ILE A 45 1.83 0.79 -4.81
C ILE A 45 2.27 0.88 -6.27
N GLU A 46 1.44 0.33 -7.16
CA GLU A 46 1.74 0.33 -8.59
C GLU A 46 0.66 1.08 -9.37
N MET A 47 0.93 2.35 -9.69
CA MET A 47 -0.02 3.16 -10.43
C MET A 47 -0.50 2.43 -11.69
N ILE A 48 -1.70 1.87 -11.62
CA ILE A 48 -2.27 1.15 -12.75
C ILE A 48 -2.94 2.11 -13.74
N ASP A 49 -3.94 2.83 -13.27
CA ASP A 49 -4.66 3.78 -14.11
C ASP A 49 -4.72 5.15 -13.44
N ASP A 50 -5.45 6.07 -14.06
CA ASP A 50 -5.59 7.43 -13.53
C ASP A 50 -6.69 7.48 -12.48
N GLY A 51 -6.89 6.38 -11.76
CA GLY A 51 -7.91 6.33 -10.74
C GLY A 51 -7.72 5.16 -9.79
N TRP A 52 -7.52 3.98 -10.35
CA TRP A 52 -7.34 2.77 -9.54
C TRP A 52 -5.87 2.35 -9.54
N TRP A 53 -5.39 1.89 -8.39
CA TRP A 53 -4.01 1.45 -8.26
C TRP A 53 -3.93 0.08 -7.60
N ARG A 54 -2.82 -0.61 -7.79
CA ARG A 54 -2.62 -1.93 -7.22
C ARG A 54 -1.44 -1.95 -6.25
N GLY A 55 -1.70 -2.31 -5.00
CA GLY A 55 -0.65 -2.35 -4.00
C GLY A 55 -0.84 -3.50 -3.02
N VAL A 56 0.20 -3.76 -2.23
CA VAL A 56 0.15 -4.82 -1.24
C VAL A 56 -0.26 -4.29 0.13
N CYS A 57 -1.51 -4.55 0.51
CA CYS A 57 -2.02 -4.09 1.80
C CYS A 57 -2.38 -5.28 2.69
N LYS A 58 -1.86 -5.26 3.92
CA LYS A 58 -2.12 -6.33 4.88
C LYS A 58 -1.93 -7.69 4.23
N GLY A 59 -0.98 -7.78 3.29
CA GLY A 59 -0.72 -9.02 2.61
C GLY A 59 -1.74 -9.33 1.54
N ARG A 60 -2.12 -8.31 0.78
CA ARG A 60 -3.11 -8.48 -0.29
C ARG A 60 -2.83 -7.51 -1.43
N TYR A 61 -2.73 -8.04 -2.64
CA TYR A 61 -2.47 -7.22 -3.83
C TYR A 61 -3.65 -7.27 -4.79
N GLY A 62 -4.35 -6.15 -4.91
CA GLY A 62 -5.50 -6.09 -5.80
C GLY A 62 -5.80 -4.67 -6.25
N LEU A 63 -6.89 -4.51 -7.00
CA LEU A 63 -7.28 -3.19 -7.49
C LEU A 63 -7.99 -2.39 -6.41
N PHE A 64 -7.65 -1.11 -6.30
CA PHE A 64 -8.26 -0.24 -5.31
C PHE A 64 -8.29 1.20 -5.81
N PRO A 65 -9.38 1.92 -5.46
CA PRO A 65 -9.56 3.32 -5.86
C PRO A 65 -8.58 4.26 -5.16
N ALA A 66 -8.03 5.21 -5.90
CA ALA A 66 -7.09 6.17 -5.35
C ALA A 66 -7.82 7.30 -4.63
N ASN A 67 -9.15 7.26 -4.67
CA ASN A 67 -9.96 8.28 -4.01
C ASN A 67 -10.06 8.02 -2.51
N TYR A 68 -10.18 6.74 -2.15
CA TYR A 68 -10.30 6.35 -0.76
C TYR A 68 -8.92 6.29 -0.09
N VAL A 69 -7.92 6.84 -0.77
CA VAL A 69 -6.56 6.85 -0.24
C VAL A 69 -5.80 8.09 -0.70
N GLU A 70 -4.72 8.41 0.00
CA GLU A 70 -3.90 9.57 -0.33
C GLU A 70 -2.43 9.19 -0.43
N LEU A 71 -1.75 9.74 -1.44
CA LEU A 71 -0.34 9.46 -1.65
C LEU A 71 0.52 10.20 -0.65
N ARG A 72 1.33 9.46 0.10
CA ARG A 72 2.22 10.06 1.10
C ARG A 72 3.49 10.60 0.46
N GLN A 73 3.98 11.72 0.98
CA GLN A 73 5.18 12.34 0.45
C GLN A 73 6.42 11.89 1.24
N SER A 74 6.83 10.65 1.02
CA SER A 74 7.99 10.11 1.72
C SER A 74 9.27 10.87 1.34
N GLY A 75 10.24 10.86 2.24
CA GLY A 75 11.49 11.55 1.98
C GLY A 75 12.11 11.17 0.65
N PRO A 76 12.93 10.11 0.65
CA PRO A 76 13.59 9.63 -0.56
C PRO A 76 12.61 8.98 -1.54
N SER A 77 12.17 9.76 -2.52
CA SER A 77 11.23 9.27 -3.52
C SER A 77 11.97 8.73 -4.74
N SER A 78 12.91 7.83 -4.51
CA SER A 78 13.69 7.23 -5.59
C SER A 78 13.03 5.96 -6.11
N GLY A 79 11.75 6.06 -6.45
CA GLY A 79 11.02 4.91 -6.95
C GLY A 79 9.78 4.61 -6.13
N GLY A 1 10.04 -15.21 19.47
CA GLY A 1 9.95 -16.34 18.55
C GLY A 1 9.05 -16.05 17.37
N SER A 2 7.75 -16.20 17.57
CA SER A 2 6.78 -15.96 16.51
C SER A 2 5.36 -15.84 17.08
N SER A 3 4.52 -15.07 16.39
CA SER A 3 3.14 -14.86 16.84
C SER A 3 2.16 -15.26 15.74
N GLY A 4 2.45 -16.38 15.08
CA GLY A 4 1.58 -16.85 14.02
C GLY A 4 1.82 -18.31 13.68
N SER A 5 2.09 -18.58 12.41
CA SER A 5 2.33 -19.95 11.95
C SER A 5 3.58 -20.01 11.07
N SER A 6 4.21 -21.18 11.04
CA SER A 6 5.42 -21.37 10.24
C SER A 6 5.26 -20.73 8.86
N GLY A 7 6.23 -19.91 8.48
CA GLY A 7 6.18 -19.26 7.18
C GLY A 7 4.84 -18.61 6.91
N THR A 8 4.71 -17.34 7.28
CA THR A 8 3.47 -16.60 7.08
C THR A 8 3.74 -15.15 6.74
N TYR A 9 3.32 -14.74 5.54
CA TYR A 9 3.53 -13.36 5.10
C TYR A 9 4.85 -12.80 5.62
N ASP A 10 5.90 -13.61 5.52
CA ASP A 10 7.22 -13.20 5.98
C ASP A 10 7.43 -11.70 5.77
N GLU A 11 7.48 -10.96 6.86
CA GLU A 11 7.67 -9.51 6.80
C GLU A 11 9.01 -9.17 6.15
N TYR A 12 8.98 -8.94 4.85
CA TYR A 12 10.20 -8.61 4.11
C TYR A 12 9.86 -8.04 2.73
N GLU A 13 10.49 -6.93 2.38
CA GLU A 13 10.26 -6.28 1.09
C GLU A 13 11.50 -5.51 0.64
N ASN A 14 11.93 -5.80 -0.59
CA ASN A 14 13.11 -5.14 -1.15
C ASN A 14 12.92 -3.62 -1.17
N ASP A 15 11.82 -3.17 -1.78
CA ASP A 15 11.53 -1.75 -1.87
C ASP A 15 10.03 -1.49 -1.79
N LEU A 16 9.61 -0.76 -0.76
CA LEU A 16 8.20 -0.45 -0.57
C LEU A 16 7.65 0.38 -1.73
N GLY A 17 8.48 1.29 -2.23
CA GLY A 17 8.07 2.15 -3.33
C GLY A 17 7.07 3.20 -2.91
N ILE A 18 6.02 3.38 -3.70
CA ILE A 18 5.00 4.37 -3.40
C ILE A 18 4.09 3.90 -2.27
N THR A 19 3.75 4.81 -1.37
CA THR A 19 2.87 4.49 -0.24
C THR A 19 1.72 5.47 -0.14
N ALA A 20 0.59 5.00 0.38
CA ALA A 20 -0.59 5.84 0.53
C ALA A 20 -1.36 5.47 1.80
N VAL A 21 -2.14 6.43 2.30
CA VAL A 21 -2.93 6.21 3.51
C VAL A 21 -4.42 6.34 3.23
N ALA A 22 -5.19 5.32 3.61
CA ALA A 22 -6.63 5.33 3.40
C ALA A 22 -7.29 6.47 4.17
N LEU A 23 -8.27 7.11 3.53
CA LEU A 23 -8.99 8.21 4.16
C LEU A 23 -10.31 7.74 4.75
N TYR A 24 -10.95 6.81 4.07
CA TYR A 24 -12.22 6.27 4.53
C TYR A 24 -12.28 4.75 4.35
N ASP A 25 -13.03 4.09 5.23
CA ASP A 25 -13.17 2.63 5.17
C ASP A 25 -13.67 2.20 3.80
N TYR A 26 -13.09 1.12 3.27
CA TYR A 26 -13.49 0.61 1.97
C TYR A 26 -13.78 -0.89 2.06
N GLN A 27 -14.66 -1.36 1.18
CA GLN A 27 -15.04 -2.77 1.15
C GLN A 27 -15.00 -3.31 -0.27
N ALA A 28 -13.90 -4.00 -0.61
CA ALA A 28 -13.74 -4.58 -1.93
C ALA A 28 -15.03 -5.24 -2.40
N ALA A 29 -15.46 -4.90 -3.62
CA ALA A 29 -16.67 -5.47 -4.19
C ALA A 29 -16.43 -6.89 -4.70
N GLY A 30 -15.16 -7.21 -4.95
CA GLY A 30 -14.82 -8.53 -5.45
C GLY A 30 -13.42 -8.96 -5.05
N ASP A 31 -13.12 -10.24 -5.20
CA ASP A 31 -11.80 -10.77 -4.87
C ASP A 31 -10.70 -9.92 -5.48
N ASP A 32 -10.94 -9.43 -6.69
CA ASP A 32 -9.97 -8.60 -7.39
C ASP A 32 -9.57 -7.39 -6.54
N GLU A 33 -10.58 -6.69 -6.03
CA GLU A 33 -10.33 -5.51 -5.20
C GLU A 33 -9.97 -5.92 -3.77
N ILE A 34 -9.22 -5.06 -3.10
CA ILE A 34 -8.80 -5.32 -1.73
C ILE A 34 -9.48 -4.37 -0.75
N SER A 35 -9.74 -4.85 0.46
CA SER A 35 -10.39 -4.04 1.48
C SER A 35 -9.39 -3.63 2.57
N PHE A 36 -9.43 -2.35 2.93
CA PHE A 36 -8.53 -1.83 3.95
C PHE A 36 -9.26 -0.87 4.89
N ASP A 37 -8.72 -0.71 6.09
CA ASP A 37 -9.34 0.18 7.08
C ASP A 37 -8.93 1.63 6.84
N PRO A 38 -9.69 2.57 7.41
CA PRO A 38 -9.42 4.01 7.26
C PRO A 38 -8.16 4.45 8.00
N ASP A 39 -7.33 5.21 7.32
CA ASP A 39 -6.08 5.70 7.91
C ASP A 39 -5.04 4.59 7.98
N ASP A 40 -5.16 3.61 7.09
CA ASP A 40 -4.23 2.49 7.05
C ASP A 40 -2.99 2.84 6.24
N ILE A 41 -2.03 1.92 6.21
CA ILE A 41 -0.80 2.13 5.48
C ILE A 41 -0.61 1.07 4.40
N ILE A 42 -0.33 1.51 3.18
CA ILE A 42 -0.12 0.60 2.07
C ILE A 42 1.27 0.76 1.46
N THR A 43 1.80 -0.33 0.90
CA THR A 43 3.12 -0.30 0.29
C THR A 43 3.11 -1.02 -1.06
N ASN A 44 4.17 -0.80 -1.83
CA ASN A 44 4.29 -1.43 -3.15
C ASN A 44 3.11 -1.05 -4.05
N ILE A 45 2.71 0.22 -3.97
CA ILE A 45 1.59 0.70 -4.78
C ILE A 45 1.99 0.86 -6.24
N GLU A 46 1.22 0.24 -7.13
CA GLU A 46 1.50 0.31 -8.56
C GLU A 46 0.50 1.22 -9.27
N MET A 47 1.01 2.17 -10.03
CA MET A 47 0.16 3.11 -10.76
C MET A 47 -0.18 2.57 -12.15
N ILE A 48 -1.38 2.04 -12.29
CA ILE A 48 -1.83 1.48 -13.56
C ILE A 48 -2.80 2.44 -14.27
N ASP A 49 -3.92 2.73 -13.63
CA ASP A 49 -4.92 3.63 -14.19
C ASP A 49 -4.88 4.98 -13.49
N ASP A 50 -5.55 5.97 -14.09
CA ASP A 50 -5.59 7.31 -13.51
C ASP A 50 -6.69 7.41 -12.46
N GLY A 51 -6.97 6.30 -11.79
CA GLY A 51 -8.00 6.29 -10.76
C GLY A 51 -7.85 5.11 -9.82
N TRP A 52 -7.43 3.97 -10.35
CA TRP A 52 -7.25 2.78 -9.53
C TRP A 52 -5.78 2.37 -9.48
N TRP A 53 -5.37 1.81 -8.35
CA TRP A 53 -3.99 1.37 -8.18
C TRP A 53 -3.93 -0.03 -7.59
N ARG A 54 -2.77 -0.68 -7.70
CA ARG A 54 -2.59 -2.03 -7.19
C ARG A 54 -1.35 -2.10 -6.30
N GLY A 55 -1.56 -2.35 -5.01
CA GLY A 55 -0.45 -2.45 -4.09
C GLY A 55 -0.67 -3.53 -3.03
N VAL A 56 0.39 -3.87 -2.31
CA VAL A 56 0.32 -4.89 -1.28
C VAL A 56 -0.11 -4.29 0.06
N CYS A 57 -1.36 -4.53 0.42
CA CYS A 57 -1.91 -4.01 1.67
C CYS A 57 -2.28 -5.14 2.62
N LYS A 58 -1.91 -5.01 3.89
CA LYS A 58 -2.21 -6.02 4.89
C LYS A 58 -2.02 -7.43 4.31
N GLY A 59 -1.07 -7.56 3.39
CA GLY A 59 -0.80 -8.85 2.79
C GLY A 59 -1.80 -9.20 1.70
N ARG A 60 -2.20 -8.20 0.92
CA ARG A 60 -3.17 -8.41 -0.16
C ARG A 60 -2.90 -7.45 -1.31
N TYR A 61 -2.71 -7.99 -2.50
CA TYR A 61 -2.44 -7.18 -3.68
C TYR A 61 -3.63 -7.22 -4.64
N GLY A 62 -4.32 -6.09 -4.76
CA GLY A 62 -5.47 -6.01 -5.63
C GLY A 62 -5.75 -4.59 -6.10
N LEU A 63 -6.84 -4.41 -6.85
CA LEU A 63 -7.21 -3.11 -7.36
C LEU A 63 -7.95 -2.29 -6.28
N PHE A 64 -7.63 -1.01 -6.20
CA PHE A 64 -8.25 -0.12 -5.22
C PHE A 64 -8.28 1.31 -5.73
N PRO A 65 -9.38 2.03 -5.44
CA PRO A 65 -9.55 3.42 -5.85
C PRO A 65 -8.62 4.37 -5.11
N ALA A 66 -7.95 5.24 -5.85
CA ALA A 66 -7.03 6.20 -5.26
C ALA A 66 -7.78 7.36 -4.61
N ASN A 67 -9.10 7.34 -4.74
CA ASN A 67 -9.95 8.40 -4.17
C ASN A 67 -10.15 8.17 -2.68
N TYR A 68 -10.06 6.91 -2.26
CA TYR A 68 -10.25 6.55 -0.85
C TYR A 68 -8.90 6.49 -0.13
N VAL A 69 -7.87 7.03 -0.76
CA VAL A 69 -6.54 7.04 -0.18
C VAL A 69 -5.76 8.29 -0.58
N GLU A 70 -4.63 8.51 0.07
CA GLU A 70 -3.80 9.68 -0.22
C GLU A 70 -2.32 9.28 -0.31
N LEU A 71 -1.69 9.65 -1.41
CA LEU A 71 -0.28 9.34 -1.64
C LEU A 71 0.61 10.05 -0.60
N ARG A 72 1.35 9.25 0.17
CA ARG A 72 2.23 9.80 1.19
C ARG A 72 3.46 10.45 0.56
N GLN A 73 4.26 11.12 1.38
CA GLN A 73 5.47 11.78 0.91
C GLN A 73 6.67 11.39 1.74
N SER A 74 7.66 10.78 1.08
CA SER A 74 8.88 10.33 1.76
C SER A 74 9.60 11.51 2.40
N GLY A 75 9.83 11.43 3.70
CA GLY A 75 10.51 12.49 4.41
C GLY A 75 9.68 13.08 5.53
N PRO A 76 9.78 12.46 6.72
CA PRO A 76 9.03 12.91 7.90
C PRO A 76 9.54 14.24 8.44
N SER A 77 8.62 15.03 9.00
CA SER A 77 8.96 16.34 9.55
C SER A 77 8.85 16.34 11.06
N SER A 78 7.79 15.73 11.57
CA SER A 78 7.55 15.65 13.01
C SER A 78 7.44 17.05 13.60
N GLY A 79 6.72 17.94 12.91
CA GLY A 79 6.54 19.30 13.39
C GLY A 79 7.35 20.30 12.58
N GLY A 1 20.36 -11.44 16.08
CA GLY A 1 20.26 -11.69 17.50
C GLY A 1 19.39 -12.89 17.83
N SER A 2 18.11 -12.80 17.46
CA SER A 2 17.17 -13.89 17.71
C SER A 2 17.38 -15.04 16.74
N SER A 3 17.51 -14.70 15.45
CA SER A 3 17.72 -15.71 14.42
C SER A 3 19.09 -16.37 14.58
N GLY A 4 20.14 -15.55 14.58
CA GLY A 4 21.48 -16.08 14.72
C GLY A 4 22.14 -16.37 13.37
N SER A 5 23.35 -15.86 13.19
CA SER A 5 24.07 -16.07 11.94
C SER A 5 25.55 -15.70 12.11
N SER A 6 26.41 -16.37 11.35
CA SER A 6 27.84 -16.11 11.40
C SER A 6 28.41 -15.84 10.01
N GLY A 7 27.67 -15.06 9.23
CA GLY A 7 28.11 -14.74 7.89
C GLY A 7 26.98 -14.23 7.00
N THR A 8 26.73 -14.92 5.89
CA THR A 8 25.68 -14.54 4.97
C THR A 8 24.35 -14.39 5.69
N TYR A 9 23.87 -13.16 5.81
CA TYR A 9 22.61 -12.88 6.48
C TYR A 9 21.50 -12.63 5.46
N ASP A 10 20.31 -13.13 5.78
CA ASP A 10 19.16 -12.96 4.89
C ASP A 10 18.45 -11.63 5.15
N GLU A 11 18.38 -10.79 4.13
CA GLU A 11 17.73 -9.49 4.25
C GLU A 11 16.45 -9.44 3.43
N TYR A 12 15.37 -8.99 4.05
CA TYR A 12 14.08 -8.90 3.38
C TYR A 12 14.25 -8.53 1.91
N GLU A 13 14.72 -7.31 1.66
CA GLU A 13 14.94 -6.85 0.29
C GLU A 13 13.61 -6.64 -0.43
N ASN A 14 12.65 -6.05 0.27
CA ASN A 14 11.32 -5.80 -0.30
C ASN A 14 11.06 -4.30 -0.42
N ASP A 15 11.47 -3.72 -1.54
CA ASP A 15 11.28 -2.29 -1.77
C ASP A 15 9.81 -1.90 -1.57
N LEU A 16 9.58 -0.91 -0.71
CA LEU A 16 8.23 -0.44 -0.43
C LEU A 16 7.70 0.41 -1.58
N GLY A 17 8.61 1.04 -2.32
CA GLY A 17 8.20 1.87 -3.43
C GLY A 17 7.32 3.03 -3.01
N ILE A 18 6.12 3.09 -3.58
CA ILE A 18 5.17 4.16 -3.26
C ILE A 18 4.27 3.75 -2.10
N THR A 19 4.06 4.66 -1.16
CA THR A 19 3.22 4.40 -0.01
C THR A 19 2.06 5.39 0.07
N ALA A 20 0.92 4.93 0.56
CA ALA A 20 -0.26 5.79 0.69
C ALA A 20 -1.02 5.47 1.96
N VAL A 21 -1.88 6.40 2.39
CA VAL A 21 -2.68 6.21 3.59
C VAL A 21 -4.17 6.32 3.28
N ALA A 22 -4.92 5.28 3.63
CA ALA A 22 -6.36 5.27 3.41
C ALA A 22 -7.06 6.38 4.17
N LEU A 23 -8.14 6.90 3.60
CA LEU A 23 -8.90 7.98 4.24
C LEU A 23 -10.23 7.45 4.79
N TYR A 24 -10.82 6.50 4.07
CA TYR A 24 -12.09 5.93 4.48
C TYR A 24 -12.08 4.40 4.32
N ASP A 25 -12.96 3.73 5.05
CA ASP A 25 -13.05 2.28 4.98
C ASP A 25 -13.57 1.82 3.62
N TYR A 26 -13.00 0.74 3.11
CA TYR A 26 -13.39 0.21 1.82
C TYR A 26 -13.61 -1.31 1.89
N GLN A 27 -14.47 -1.82 1.01
CA GLN A 27 -14.78 -3.24 0.98
C GLN A 27 -14.71 -3.78 -0.45
N ALA A 28 -13.58 -4.39 -0.79
CA ALA A 28 -13.39 -4.95 -2.12
C ALA A 28 -14.68 -5.54 -2.65
N ALA A 29 -15.24 -4.91 -3.69
CA ALA A 29 -16.48 -5.38 -4.29
C ALA A 29 -16.37 -6.84 -4.71
N GLY A 30 -15.22 -7.21 -5.27
CA GLY A 30 -15.01 -8.58 -5.70
C GLY A 30 -14.22 -8.66 -6.99
N ASP A 31 -14.21 -7.59 -7.76
CA ASP A 31 -13.48 -7.54 -9.01
C ASP A 31 -11.98 -7.38 -8.77
N ASP A 32 -11.38 -8.39 -8.17
CA ASP A 32 -9.95 -8.37 -7.88
C ASP A 32 -9.58 -7.14 -7.05
N GLU A 33 -10.55 -6.64 -6.29
CA GLU A 33 -10.34 -5.47 -5.45
C GLU A 33 -9.85 -5.87 -4.07
N ILE A 34 -9.32 -4.91 -3.33
CA ILE A 34 -8.81 -5.16 -1.98
C ILE A 34 -9.57 -4.36 -0.94
N SER A 35 -9.61 -4.86 0.28
CA SER A 35 -10.31 -4.19 1.38
C SER A 35 -9.35 -3.78 2.47
N PHE A 36 -9.39 -2.51 2.86
CA PHE A 36 -8.52 -2.00 3.90
C PHE A 36 -9.26 -1.00 4.79
N ASP A 37 -8.86 -0.92 6.05
CA ASP A 37 -9.48 0.00 7.00
C ASP A 37 -8.99 1.43 6.77
N PRO A 38 -9.75 2.40 7.30
CA PRO A 38 -9.42 3.82 7.17
C PRO A 38 -8.19 4.20 7.99
N ASP A 39 -7.40 5.13 7.45
CA ASP A 39 -6.19 5.59 8.14
C ASP A 39 -5.16 4.47 8.23
N ASP A 40 -5.14 3.60 7.22
CA ASP A 40 -4.21 2.48 7.19
C ASP A 40 -2.97 2.83 6.36
N ILE A 41 -2.01 1.92 6.34
CA ILE A 41 -0.77 2.13 5.59
C ILE A 41 -0.63 1.09 4.47
N ILE A 42 -0.33 1.57 3.26
CA ILE A 42 -0.16 0.68 2.12
C ILE A 42 1.20 0.89 1.46
N THR A 43 1.78 -0.20 0.97
CA THR A 43 3.08 -0.14 0.31
C THR A 43 3.07 -0.90 -1.01
N ASN A 44 4.04 -0.62 -1.86
CA ASN A 44 4.15 -1.27 -3.16
C ASN A 44 2.98 -0.88 -4.06
N ILE A 45 2.64 0.40 -4.05
CA ILE A 45 1.55 0.90 -4.87
C ILE A 45 1.96 1.05 -6.32
N GLU A 46 1.24 0.38 -7.22
CA GLU A 46 1.54 0.43 -8.64
C GLU A 46 0.54 1.32 -9.37
N MET A 47 1.06 2.22 -10.21
CA MET A 47 0.22 3.13 -10.97
C MET A 47 -0.16 2.54 -12.33
N ILE A 48 -1.37 2.02 -12.43
CA ILE A 48 -1.85 1.42 -13.67
C ILE A 48 -2.85 2.32 -14.36
N ASP A 49 -3.97 2.59 -13.69
CA ASP A 49 -5.02 3.44 -14.24
C ASP A 49 -5.02 4.81 -13.56
N ASP A 50 -5.72 5.75 -14.16
CA ASP A 50 -5.81 7.11 -13.62
C ASP A 50 -6.89 7.21 -12.54
N GLY A 51 -7.14 6.08 -11.88
CA GLY A 51 -8.15 6.06 -10.84
C GLY A 51 -7.97 4.89 -9.89
N TRP A 52 -7.48 3.77 -10.40
CA TRP A 52 -7.27 2.57 -9.59
C TRP A 52 -5.79 2.20 -9.56
N TRP A 53 -5.35 1.65 -8.44
CA TRP A 53 -3.95 1.24 -8.28
C TRP A 53 -3.86 -0.14 -7.64
N ARG A 54 -2.70 -0.77 -7.77
CA ARG A 54 -2.48 -2.10 -7.21
C ARG A 54 -1.34 -2.08 -6.20
N GLY A 55 -1.67 -2.38 -4.95
CA GLY A 55 -0.67 -2.40 -3.90
C GLY A 55 -0.89 -3.52 -2.90
N VAL A 56 0.13 -3.79 -2.09
CA VAL A 56 0.05 -4.84 -1.08
C VAL A 56 -0.39 -4.28 0.26
N CYS A 57 -1.65 -4.52 0.62
CA CYS A 57 -2.19 -4.04 1.89
C CYS A 57 -2.58 -5.20 2.79
N LYS A 58 -2.27 -5.07 4.07
CA LYS A 58 -2.59 -6.12 5.05
C LYS A 58 -2.32 -7.51 4.46
N GLY A 59 -1.43 -7.57 3.48
CA GLY A 59 -1.10 -8.83 2.85
C GLY A 59 -2.05 -9.18 1.72
N ARG A 60 -2.50 -8.17 0.99
CA ARG A 60 -3.42 -8.36 -0.13
C ARG A 60 -3.07 -7.43 -1.28
N TYR A 61 -2.91 -8.01 -2.47
CA TYR A 61 -2.58 -7.23 -3.66
C TYR A 61 -3.71 -7.26 -4.67
N GLY A 62 -4.39 -6.13 -4.83
CA GLY A 62 -5.49 -6.04 -5.77
C GLY A 62 -5.77 -4.62 -6.20
N LEU A 63 -6.85 -4.44 -6.97
CA LEU A 63 -7.22 -3.12 -7.46
C LEU A 63 -7.94 -2.32 -6.37
N PHE A 64 -7.65 -1.01 -6.32
CA PHE A 64 -8.26 -0.14 -5.34
C PHE A 64 -8.28 1.31 -5.83
N PRO A 65 -9.35 2.04 -5.46
CA PRO A 65 -9.51 3.44 -5.86
C PRO A 65 -8.52 4.37 -5.16
N ALA A 66 -7.80 5.15 -5.96
CA ALA A 66 -6.81 6.08 -5.43
C ALA A 66 -7.48 7.24 -4.70
N ASN A 67 -8.81 7.26 -4.74
CA ASN A 67 -9.57 8.32 -4.08
C ASN A 67 -9.74 8.02 -2.59
N TYR A 68 -10.03 6.76 -2.28
CA TYR A 68 -10.21 6.35 -0.89
C TYR A 68 -8.89 6.36 -0.14
N VAL A 69 -7.82 6.73 -0.82
CA VAL A 69 -6.50 6.78 -0.22
C VAL A 69 -5.76 8.05 -0.63
N GLU A 70 -4.70 8.38 0.11
CA GLU A 70 -3.91 9.56 -0.18
C GLU A 70 -2.42 9.22 -0.29
N LEU A 71 -1.77 9.76 -1.32
CA LEU A 71 -0.36 9.51 -1.54
C LEU A 71 0.49 10.19 -0.48
N ARG A 72 1.39 9.43 0.14
CA ARG A 72 2.26 9.97 1.18
C ARG A 72 3.58 10.44 0.59
N GLN A 73 4.38 11.13 1.40
CA GLN A 73 5.67 11.64 0.95
C GLN A 73 6.81 10.88 1.61
N SER A 74 7.13 9.71 1.06
CA SER A 74 8.20 8.88 1.61
C SER A 74 9.57 9.49 1.32
N GLY A 75 10.54 9.21 2.18
CA GLY A 75 11.87 9.75 1.99
C GLY A 75 12.68 8.97 0.97
N PRO A 76 13.26 9.68 0.00
CA PRO A 76 14.06 9.06 -1.06
C PRO A 76 15.39 8.51 -0.54
N SER A 77 15.60 8.64 0.76
CA SER A 77 16.83 8.16 1.38
C SER A 77 16.92 6.63 1.30
N SER A 78 18.01 6.15 0.71
CA SER A 78 18.22 4.71 0.57
C SER A 78 18.10 4.00 1.92
N GLY A 79 18.85 4.49 2.89
CA GLY A 79 18.82 3.89 4.22
C GLY A 79 19.26 2.44 4.21
N GLY A 1 6.87 4.99 7.68
CA GLY A 1 6.98 3.90 8.63
C GLY A 1 5.82 2.92 8.53
N SER A 2 6.04 1.70 8.99
CA SER A 2 5.01 0.67 8.96
C SER A 2 4.94 -0.08 10.29
N SER A 3 6.11 -0.43 10.82
CA SER A 3 6.18 -1.15 12.09
C SER A 3 5.23 -0.54 13.12
N GLY A 4 4.81 -1.36 14.07
CA GLY A 4 3.90 -0.88 15.10
C GLY A 4 3.85 -1.81 16.30
N SER A 5 3.23 -1.35 17.38
CA SER A 5 3.12 -2.14 18.60
C SER A 5 2.02 -3.20 18.47
N SER A 6 2.44 -4.42 18.20
CA SER A 6 1.49 -5.53 18.05
C SER A 6 2.22 -6.85 17.87
N GLY A 7 1.73 -7.89 18.54
CA GLY A 7 2.35 -9.19 18.44
C GLY A 7 1.89 -9.97 17.21
N THR A 8 1.97 -9.33 16.06
CA THR A 8 1.56 -9.95 14.81
C THR A 8 2.70 -9.97 13.79
N TYR A 9 2.95 -11.13 13.21
CA TYR A 9 4.02 -11.28 12.23
C TYR A 9 3.90 -10.22 11.14
N ASP A 10 4.89 -10.18 10.26
CA ASP A 10 4.90 -9.21 9.16
C ASP A 10 5.92 -9.60 8.10
N GLU A 11 5.43 -9.88 6.89
CA GLU A 11 6.30 -10.27 5.79
C GLU A 11 7.47 -9.31 5.65
N TYR A 12 8.65 -9.85 5.38
CA TYR A 12 9.85 -9.05 5.21
C TYR A 12 10.02 -8.58 3.77
N GLU A 13 10.32 -7.30 3.59
CA GLU A 13 10.50 -6.73 2.26
C GLU A 13 11.73 -5.83 2.22
N ASN A 14 12.06 -5.36 1.03
CA ASN A 14 13.22 -4.49 0.84
C ASN A 14 12.82 -3.21 0.11
N ASP A 15 12.09 -3.37 -0.99
CA ASP A 15 11.65 -2.23 -1.78
C ASP A 15 10.15 -2.03 -1.65
N LEU A 16 9.75 -1.15 -0.73
CA LEU A 16 8.34 -0.88 -0.50
C LEU A 16 7.75 -0.06 -1.65
N GLY A 17 8.48 0.97 -2.07
CA GLY A 17 8.02 1.81 -3.16
C GLY A 17 7.07 2.89 -2.70
N ILE A 18 6.04 3.16 -3.50
CA ILE A 18 5.05 4.18 -3.16
C ILE A 18 4.15 3.72 -2.03
N THR A 19 3.74 4.65 -1.18
CA THR A 19 2.87 4.34 -0.05
C THR A 19 1.76 5.38 0.10
N ALA A 20 0.56 4.92 0.40
CA ALA A 20 -0.58 5.81 0.56
C ALA A 20 -1.41 5.41 1.79
N VAL A 21 -2.05 6.41 2.40
CA VAL A 21 -2.86 6.17 3.58
C VAL A 21 -4.35 6.30 3.26
N ALA A 22 -5.14 5.35 3.73
CA ALA A 22 -6.58 5.35 3.49
C ALA A 22 -7.27 6.44 4.33
N LEU A 23 -8.33 7.02 3.77
CA LEU A 23 -9.07 8.07 4.45
C LEU A 23 -10.40 7.53 4.97
N TYR A 24 -11.02 6.63 4.21
CA TYR A 24 -12.29 6.05 4.59
C TYR A 24 -12.28 4.53 4.41
N ASP A 25 -13.11 3.85 5.19
CA ASP A 25 -13.19 2.39 5.12
C ASP A 25 -13.58 1.94 3.71
N TYR A 26 -12.94 0.88 3.25
CA TYR A 26 -13.21 0.34 1.92
C TYR A 26 -13.24 -1.18 1.93
N GLN A 27 -14.33 -1.76 1.45
CA GLN A 27 -14.48 -3.21 1.41
C GLN A 27 -14.66 -3.70 -0.02
N ALA A 28 -13.56 -4.15 -0.63
CA ALA A 28 -13.59 -4.65 -2.00
C ALA A 28 -14.88 -5.41 -2.27
N ALA A 29 -15.42 -5.25 -3.47
CA ALA A 29 -16.65 -5.93 -3.86
C ALA A 29 -16.36 -7.36 -4.32
N GLY A 30 -15.23 -7.54 -4.98
CA GLY A 30 -14.86 -8.86 -5.47
C GLY A 30 -13.51 -9.31 -4.96
N ASP A 31 -12.89 -10.24 -5.68
CA ASP A 31 -11.58 -10.76 -5.30
C ASP A 31 -10.47 -9.84 -5.79
N ASP A 32 -10.62 -9.34 -7.02
CA ASP A 32 -9.62 -8.45 -7.61
C ASP A 32 -9.36 -7.27 -6.70
N GLU A 33 -10.42 -6.67 -6.17
CA GLU A 33 -10.30 -5.53 -5.27
C GLU A 33 -9.93 -5.96 -3.86
N ILE A 34 -9.25 -5.08 -3.13
CA ILE A 34 -8.84 -5.37 -1.77
C ILE A 34 -9.55 -4.47 -0.77
N SER A 35 -9.82 -5.01 0.43
CA SER A 35 -10.49 -4.25 1.47
C SER A 35 -9.52 -3.83 2.55
N PHE A 36 -9.47 -2.53 2.81
CA PHE A 36 -8.58 -1.99 3.83
C PHE A 36 -9.31 -0.98 4.73
N ASP A 37 -8.85 -0.86 5.97
CA ASP A 37 -9.46 0.06 6.92
C ASP A 37 -8.93 1.48 6.73
N PRO A 38 -9.67 2.46 7.27
CA PRO A 38 -9.30 3.87 7.17
C PRO A 38 -8.06 4.21 7.99
N ASP A 39 -7.22 5.09 7.46
CA ASP A 39 -6.01 5.50 8.15
C ASP A 39 -4.95 4.41 8.08
N ASP A 40 -5.01 3.60 7.03
CA ASP A 40 -4.06 2.51 6.85
C ASP A 40 -3.10 2.81 5.69
N ILE A 41 -1.82 2.56 5.90
CA ILE A 41 -0.81 2.80 4.88
C ILE A 41 -0.58 1.56 4.03
N ILE A 42 -0.41 1.76 2.73
CA ILE A 42 -0.18 0.65 1.81
C ILE A 42 1.24 0.70 1.25
N THR A 43 1.76 -0.47 0.88
CA THR A 43 3.10 -0.57 0.32
C THR A 43 3.10 -1.28 -1.02
N ASN A 44 4.12 -1.03 -1.83
CA ASN A 44 4.23 -1.65 -3.15
C ASN A 44 3.08 -1.24 -4.05
N ILE A 45 2.70 0.04 -3.97
CA ILE A 45 1.61 0.57 -4.77
C ILE A 45 2.05 0.78 -6.22
N GLU A 46 1.26 0.23 -7.15
CA GLU A 46 1.57 0.36 -8.57
C GLU A 46 0.57 1.27 -9.27
N MET A 47 1.08 2.23 -10.04
CA MET A 47 0.22 3.17 -10.75
C MET A 47 -0.13 2.62 -12.14
N ILE A 48 -1.34 2.09 -12.27
CA ILE A 48 -1.79 1.54 -13.54
C ILE A 48 -2.76 2.49 -14.24
N ASP A 49 -3.89 2.77 -13.58
CA ASP A 49 -4.89 3.66 -14.13
C ASP A 49 -4.85 5.02 -13.45
N ASP A 50 -5.52 6.00 -14.04
CA ASP A 50 -5.56 7.35 -13.50
C ASP A 50 -6.64 7.47 -12.42
N GLY A 51 -6.92 6.35 -11.75
CA GLY A 51 -7.93 6.36 -10.71
C GLY A 51 -7.81 5.17 -9.78
N TRP A 52 -7.36 4.04 -10.32
CA TRP A 52 -7.21 2.82 -9.54
C TRP A 52 -5.75 2.39 -9.48
N TRP A 53 -5.35 1.82 -8.35
CA TRP A 53 -3.97 1.37 -8.17
C TRP A 53 -3.94 -0.05 -7.60
N ARG A 54 -2.77 -0.68 -7.66
CA ARG A 54 -2.59 -2.02 -7.14
C ARG A 54 -1.34 -2.13 -6.28
N GLY A 55 -1.54 -2.41 -4.98
CA GLY A 55 -0.43 -2.53 -4.08
C GLY A 55 -0.64 -3.59 -3.02
N VAL A 56 0.42 -3.95 -2.30
CA VAL A 56 0.34 -4.96 -1.27
C VAL A 56 -0.09 -4.34 0.07
N CYS A 57 -1.34 -4.57 0.44
CA CYS A 57 -1.88 -4.04 1.68
C CYS A 57 -2.28 -5.16 2.63
N LYS A 58 -1.92 -5.01 3.90
CA LYS A 58 -2.24 -6.02 4.91
C LYS A 58 -2.05 -7.43 4.35
N GLY A 59 -1.12 -7.57 3.41
CA GLY A 59 -0.85 -8.86 2.81
C GLY A 59 -1.85 -9.21 1.72
N ARG A 60 -2.30 -8.20 0.98
CA ARG A 60 -3.25 -8.39 -0.10
C ARG A 60 -2.96 -7.46 -1.26
N TYR A 61 -2.75 -8.02 -2.44
CA TYR A 61 -2.47 -7.23 -3.63
C TYR A 61 -3.64 -7.26 -4.60
N GLY A 62 -4.31 -6.12 -4.76
CA GLY A 62 -5.44 -6.04 -5.66
C GLY A 62 -5.73 -4.61 -6.10
N LEU A 63 -6.79 -4.43 -6.87
CA LEU A 63 -7.17 -3.12 -7.37
C LEU A 63 -7.89 -2.32 -6.28
N PHE A 64 -7.65 -1.01 -6.26
CA PHE A 64 -8.26 -0.14 -5.27
C PHE A 64 -8.26 1.32 -5.76
N PRO A 65 -9.35 2.04 -5.46
CA PRO A 65 -9.51 3.44 -5.86
C PRO A 65 -8.57 4.37 -5.09
N ALA A 66 -7.87 5.23 -5.82
CA ALA A 66 -6.93 6.16 -5.21
C ALA A 66 -7.67 7.33 -4.57
N ASN A 67 -9.00 7.31 -4.67
CA ASN A 67 -9.82 8.37 -4.09
C ASN A 67 -10.05 8.13 -2.60
N TYR A 68 -10.07 6.87 -2.20
CA TYR A 68 -10.27 6.50 -0.81
C TYR A 68 -8.94 6.50 -0.04
N VAL A 69 -7.88 6.94 -0.71
CA VAL A 69 -6.56 6.99 -0.10
C VAL A 69 -5.82 8.26 -0.51
N GLU A 70 -4.76 8.58 0.23
CA GLU A 70 -3.96 9.76 -0.06
C GLU A 70 -2.47 9.42 -0.09
N LEU A 71 -1.84 9.65 -1.24
CA LEU A 71 -0.42 9.37 -1.40
C LEU A 71 0.40 10.10 -0.35
N ARG A 72 1.43 9.41 0.17
CA ARG A 72 2.29 10.00 1.19
C ARG A 72 3.62 10.41 0.59
N GLN A 73 3.81 10.12 -0.70
CA GLN A 73 5.04 10.46 -1.39
C GLN A 73 5.17 11.98 -1.57
N SER A 74 4.10 12.60 -2.05
CA SER A 74 4.08 14.04 -2.27
C SER A 74 3.69 14.78 -1.01
N GLY A 75 2.47 14.50 -0.53
CA GLY A 75 1.99 15.16 0.67
C GLY A 75 1.86 16.66 0.51
N PRO A 76 0.74 17.10 -0.10
CA PRO A 76 0.47 18.51 -0.34
C PRO A 76 0.17 19.28 0.95
N SER A 77 0.55 20.55 0.99
CA SER A 77 0.33 21.38 2.16
C SER A 77 -1.14 21.76 2.29
N SER A 78 -1.91 21.48 1.25
CA SER A 78 -3.33 21.79 1.23
C SER A 78 -4.17 20.53 1.02
N GLY A 79 -4.37 19.76 2.09
CA GLY A 79 -5.15 18.54 1.99
C GLY A 79 -5.54 18.00 3.35
N GLY A 1 24.46 -35.83 2.66
CA GLY A 1 23.04 -35.84 2.40
C GLY A 1 22.69 -35.20 1.07
N SER A 2 21.40 -35.01 0.83
CA SER A 2 20.94 -34.41 -0.43
C SER A 2 21.04 -32.89 -0.37
N SER A 3 20.32 -32.30 0.60
CA SER A 3 20.32 -30.85 0.76
C SER A 3 21.59 -30.38 1.46
N GLY A 4 21.82 -30.91 2.66
CA GLY A 4 23.01 -30.53 3.41
C GLY A 4 22.80 -29.26 4.22
N SER A 5 21.66 -28.61 4.02
CA SER A 5 21.36 -27.38 4.71
C SER A 5 19.93 -27.40 5.26
N SER A 6 19.73 -26.75 6.40
CA SER A 6 18.41 -26.70 7.04
C SER A 6 17.54 -25.64 6.38
N GLY A 7 18.04 -24.40 6.35
CA GLY A 7 17.29 -23.32 5.75
C GLY A 7 18.19 -22.29 5.09
N THR A 8 17.66 -21.63 4.06
CA THR A 8 18.43 -20.61 3.34
C THR A 8 17.84 -19.22 3.55
N TYR A 9 18.70 -18.24 3.72
CA TYR A 9 18.27 -16.86 3.94
C TYR A 9 18.24 -16.09 2.62
N ASP A 10 17.68 -14.89 2.66
CA ASP A 10 17.59 -14.05 1.48
C ASP A 10 17.52 -12.57 1.85
N GLU A 11 18.54 -11.81 1.48
CA GLU A 11 18.59 -10.39 1.78
C GLU A 11 18.72 -9.57 0.50
N TYR A 12 17.59 -9.37 -0.18
CA TYR A 12 17.58 -8.60 -1.42
C TYR A 12 17.26 -7.13 -1.15
N GLU A 13 17.47 -6.29 -2.15
CA GLU A 13 17.19 -4.87 -2.02
C GLU A 13 15.70 -4.61 -1.88
N ASN A 14 15.23 -4.58 -0.64
CA ASN A 14 13.81 -4.34 -0.36
C ASN A 14 13.44 -2.90 -0.69
N ASP A 15 12.22 -2.72 -1.21
CA ASP A 15 11.74 -1.40 -1.57
C ASP A 15 10.21 -1.35 -1.51
N LEU A 16 9.69 -0.45 -0.67
CA LEU A 16 8.24 -0.30 -0.51
C LEU A 16 7.67 0.61 -1.60
N GLY A 17 8.42 0.77 -2.67
CA GLY A 17 7.97 1.61 -3.78
C GLY A 17 7.16 2.79 -3.30
N ILE A 18 5.96 2.94 -3.84
CA ILE A 18 5.07 4.04 -3.47
C ILE A 18 4.17 3.66 -2.31
N THR A 19 3.99 4.59 -1.36
CA THR A 19 3.15 4.34 -0.20
C THR A 19 2.05 5.38 -0.09
N ALA A 20 0.86 4.93 0.30
CA ALA A 20 -0.28 5.83 0.46
C ALA A 20 -1.04 5.54 1.74
N VAL A 21 -1.91 6.47 2.14
CA VAL A 21 -2.71 6.31 3.35
C VAL A 21 -4.20 6.36 3.04
N ALA A 22 -4.94 5.40 3.60
CA ALA A 22 -6.38 5.34 3.38
C ALA A 22 -7.09 6.50 4.05
N LEU A 23 -8.17 6.97 3.45
CA LEU A 23 -8.95 8.08 3.99
C LEU A 23 -10.25 7.59 4.61
N TYR A 24 -10.90 6.66 3.94
CA TYR A 24 -12.16 6.10 4.43
C TYR A 24 -12.21 4.59 4.23
N ASP A 25 -12.89 3.90 5.13
CA ASP A 25 -13.02 2.46 5.05
C ASP A 25 -13.42 2.02 3.64
N TYR A 26 -12.94 0.85 3.23
CA TYR A 26 -13.25 0.32 1.91
C TYR A 26 -13.27 -1.20 1.92
N GLN A 27 -14.36 -1.78 1.42
CA GLN A 27 -14.50 -3.23 1.38
C GLN A 27 -14.53 -3.73 -0.07
N ALA A 28 -13.48 -4.47 -0.44
CA ALA A 28 -13.39 -5.01 -1.80
C ALA A 28 -14.76 -5.42 -2.33
N ALA A 29 -15.03 -5.09 -3.58
CA ALA A 29 -16.30 -5.43 -4.21
C ALA A 29 -16.29 -6.86 -4.75
N GLY A 30 -15.16 -7.26 -5.34
CA GLY A 30 -15.05 -8.59 -5.88
C GLY A 30 -14.09 -8.66 -7.06
N ASP A 31 -14.02 -7.58 -7.83
CA ASP A 31 -13.13 -7.51 -8.98
C ASP A 31 -11.67 -7.46 -8.55
N ASP A 32 -11.18 -8.57 -8.01
CA ASP A 32 -9.79 -8.64 -7.55
C ASP A 32 -9.44 -7.43 -6.70
N GLU A 33 -10.45 -6.84 -6.07
CA GLU A 33 -10.24 -5.67 -5.22
C GLU A 33 -9.80 -6.08 -3.82
N ILE A 34 -9.19 -5.15 -3.10
CA ILE A 34 -8.71 -5.42 -1.74
C ILE A 34 -9.50 -4.62 -0.72
N SER A 35 -9.43 -5.04 0.54
CA SER A 35 -10.14 -4.36 1.62
C SER A 35 -9.17 -3.87 2.69
N PHE A 36 -9.21 -2.57 2.95
CA PHE A 36 -8.34 -1.98 3.96
C PHE A 36 -9.10 -1.00 4.84
N ASP A 37 -8.66 -0.85 6.08
CA ASP A 37 -9.31 0.05 7.02
C ASP A 37 -8.88 1.50 6.77
N PRO A 38 -9.66 2.45 7.29
CA PRO A 38 -9.38 3.88 7.13
C PRO A 38 -8.16 4.32 7.94
N ASP A 39 -7.32 5.15 7.32
CA ASP A 39 -6.12 5.64 7.97
C ASP A 39 -5.04 4.56 8.03
N ASP A 40 -5.07 3.65 7.06
CA ASP A 40 -4.10 2.57 7.01
C ASP A 40 -2.97 2.90 6.04
N ILE A 41 -1.88 2.13 6.13
CA ILE A 41 -0.73 2.35 5.26
C ILE A 41 -0.57 1.20 4.27
N ILE A 42 -0.20 1.55 3.04
CA ILE A 42 -0.01 0.56 1.99
C ILE A 42 1.38 0.65 1.38
N THR A 43 1.93 -0.49 0.99
CA THR A 43 3.26 -0.52 0.38
C THR A 43 3.21 -1.13 -1.01
N ASN A 44 4.27 -0.90 -1.80
CA ASN A 44 4.34 -1.42 -3.16
C ASN A 44 3.12 -0.99 -3.97
N ILE A 45 2.82 0.30 -3.93
CA ILE A 45 1.68 0.83 -4.67
C ILE A 45 2.04 1.09 -6.13
N GLU A 46 1.50 0.27 -7.02
CA GLU A 46 1.77 0.41 -8.44
C GLU A 46 0.66 1.20 -9.13
N MET A 47 0.95 2.45 -9.47
CA MET A 47 -0.02 3.30 -10.13
C MET A 47 -0.26 2.85 -11.57
N ILE A 48 -1.37 2.15 -11.78
CA ILE A 48 -1.71 1.66 -13.12
C ILE A 48 -2.37 2.75 -13.96
N ASP A 49 -3.52 3.24 -13.48
CA ASP A 49 -4.25 4.29 -14.18
C ASP A 49 -4.41 5.52 -13.30
N ASP A 50 -5.15 6.50 -13.79
CA ASP A 50 -5.38 7.74 -13.05
C ASP A 50 -6.68 7.66 -12.26
N GLY A 51 -6.98 6.48 -11.74
CA GLY A 51 -8.19 6.30 -10.97
C GLY A 51 -8.09 5.17 -9.97
N TRP A 52 -7.45 4.07 -10.39
CA TRP A 52 -7.28 2.91 -9.51
C TRP A 52 -5.82 2.47 -9.49
N TRP A 53 -5.39 1.93 -8.36
CA TRP A 53 -4.02 1.46 -8.20
C TRP A 53 -3.99 0.07 -7.56
N ARG A 54 -2.84 -0.60 -7.68
CA ARG A 54 -2.69 -1.93 -7.12
C ARG A 54 -1.48 -1.99 -6.18
N GLY A 55 -1.73 -2.34 -4.93
CA GLY A 55 -0.66 -2.43 -3.95
C GLY A 55 -0.85 -3.58 -2.98
N VAL A 56 0.19 -3.87 -2.20
CA VAL A 56 0.14 -4.96 -1.23
C VAL A 56 -0.29 -4.45 0.14
N CYS A 57 -1.54 -4.73 0.50
CA CYS A 57 -2.07 -4.30 1.79
C CYS A 57 -2.43 -5.50 2.66
N LYS A 58 -1.95 -5.49 3.90
CA LYS A 58 -2.23 -6.58 4.83
C LYS A 58 -2.06 -7.94 4.15
N GLY A 59 -1.03 -8.04 3.31
CA GLY A 59 -0.78 -9.29 2.61
C GLY A 59 -1.83 -9.57 1.55
N ARG A 60 -2.21 -8.53 0.81
CA ARG A 60 -3.21 -8.68 -0.25
C ARG A 60 -2.96 -7.67 -1.37
N TYR A 61 -2.79 -8.17 -2.58
CA TYR A 61 -2.55 -7.31 -3.74
C TYR A 61 -3.72 -7.35 -4.70
N GLY A 62 -4.40 -6.21 -4.86
CA GLY A 62 -5.54 -6.14 -5.75
C GLY A 62 -5.82 -4.72 -6.20
N LEU A 63 -6.92 -4.55 -6.94
CA LEU A 63 -7.30 -3.24 -7.43
C LEU A 63 -8.01 -2.43 -6.36
N PHE A 64 -7.71 -1.13 -6.30
CA PHE A 64 -8.32 -0.26 -5.31
C PHE A 64 -8.37 1.19 -5.82
N PRO A 65 -9.46 1.90 -5.49
CA PRO A 65 -9.66 3.29 -5.90
C PRO A 65 -8.70 4.24 -5.20
N ALA A 66 -8.09 5.14 -5.96
CA ALA A 66 -7.15 6.10 -5.41
C ALA A 66 -7.89 7.24 -4.71
N ASN A 67 -9.22 7.23 -4.80
CA ASN A 67 -10.04 8.26 -4.17
C ASN A 67 -10.16 8.01 -2.67
N TYR A 68 -10.19 6.74 -2.29
CA TYR A 68 -10.31 6.36 -0.89
C TYR A 68 -8.94 6.32 -0.21
N VAL A 69 -7.94 6.85 -0.91
CA VAL A 69 -6.58 6.88 -0.38
C VAL A 69 -5.88 8.19 -0.74
N GLU A 70 -4.75 8.45 -0.08
CA GLU A 70 -3.99 9.67 -0.33
C GLU A 70 -2.49 9.38 -0.33
N LEU A 71 -1.82 9.69 -1.44
CA LEU A 71 -0.39 9.47 -1.56
C LEU A 71 0.36 10.14 -0.42
N ARG A 72 1.44 9.50 0.03
CA ARG A 72 2.25 10.04 1.12
C ARG A 72 3.55 10.66 0.58
N GLN A 73 4.06 11.66 1.28
CA GLN A 73 5.29 12.32 0.88
C GLN A 73 5.89 13.11 2.03
N SER A 74 7.19 12.92 2.26
CA SER A 74 7.89 13.60 3.35
C SER A 74 9.38 13.33 3.29
N GLY A 75 10.17 14.39 3.13
CA GLY A 75 11.61 14.24 3.07
C GLY A 75 12.20 13.74 4.38
N PRO A 76 13.52 13.87 4.53
CA PRO A 76 14.24 13.43 5.72
C PRO A 76 13.92 14.29 6.94
N SER A 77 13.74 15.58 6.70
CA SER A 77 13.44 16.52 7.78
C SER A 77 12.80 17.79 7.22
N SER A 78 11.99 18.46 8.04
CA SER A 78 11.32 19.69 7.64
C SER A 78 11.10 20.61 8.83
N GLY A 79 10.63 21.82 8.56
CA GLY A 79 10.38 22.78 9.62
C GLY A 79 9.67 22.16 10.80
N GLY A 1 -2.01 -36.17 7.76
CA GLY A 1 -1.94 -35.14 8.78
C GLY A 1 -1.50 -33.80 8.23
N SER A 2 -2.34 -32.78 8.41
CA SER A 2 -2.03 -31.45 7.92
C SER A 2 -2.29 -30.40 9.00
N SER A 3 -1.90 -30.72 10.23
CA SER A 3 -2.10 -29.81 11.35
C SER A 3 -1.89 -28.37 10.92
N GLY A 4 -0.73 -28.09 10.33
CA GLY A 4 -0.42 -26.74 9.88
C GLY A 4 0.58 -26.05 10.77
N SER A 5 1.65 -26.76 11.13
CA SER A 5 2.69 -26.20 11.98
C SER A 5 3.12 -24.83 11.51
N SER A 6 3.52 -24.75 10.24
CA SER A 6 3.96 -23.49 9.65
C SER A 6 2.81 -22.49 9.58
N GLY A 7 3.14 -21.25 9.24
CA GLY A 7 2.12 -20.21 9.16
C GLY A 7 2.27 -19.37 7.90
N THR A 8 3.14 -18.37 7.96
CA THR A 8 3.37 -17.48 6.83
C THR A 8 4.83 -17.06 6.75
N TYR A 9 5.34 -16.92 5.53
CA TYR A 9 6.72 -16.53 5.31
C TYR A 9 6.87 -15.01 5.41
N ASP A 10 5.98 -14.29 4.75
CA ASP A 10 6.01 -12.83 4.76
C ASP A 10 7.36 -12.31 4.29
N GLU A 11 7.94 -13.00 3.31
CA GLU A 11 9.24 -12.60 2.77
C GLU A 11 9.34 -11.09 2.64
N TYR A 12 10.07 -10.46 3.56
CA TYR A 12 10.24 -9.02 3.54
C TYR A 12 10.61 -8.52 2.15
N GLU A 13 10.41 -7.23 1.90
CA GLU A 13 10.72 -6.64 0.62
C GLU A 13 11.83 -5.60 0.75
N ASN A 14 12.57 -5.38 -0.34
CA ASN A 14 13.66 -4.42 -0.33
C ASN A 14 13.13 -2.99 -0.41
N ASP A 15 12.33 -2.73 -1.44
CA ASP A 15 11.75 -1.40 -1.63
C ASP A 15 10.25 -1.42 -1.36
N LEU A 16 9.71 -0.28 -0.96
CA LEU A 16 8.28 -0.16 -0.67
C LEU A 16 7.58 0.69 -1.71
N GLY A 17 8.22 0.85 -2.87
CA GLY A 17 7.63 1.63 -3.94
C GLY A 17 6.87 2.84 -3.42
N ILE A 18 5.65 3.03 -3.92
CA ILE A 18 4.83 4.16 -3.51
C ILE A 18 3.95 3.79 -2.32
N THR A 19 3.85 4.71 -1.36
CA THR A 19 3.03 4.48 -0.17
C THR A 19 1.92 5.51 -0.06
N ALA A 20 0.83 5.12 0.57
CA ALA A 20 -0.32 6.01 0.75
C ALA A 20 -1.11 5.64 2.01
N VAL A 21 -2.04 6.51 2.39
CA VAL A 21 -2.87 6.27 3.57
C VAL A 21 -4.35 6.29 3.21
N ALA A 22 -5.11 5.42 3.86
CA ALA A 22 -6.55 5.32 3.62
C ALA A 22 -7.29 6.49 4.26
N LEU A 23 -8.30 7.00 3.56
CA LEU A 23 -9.09 8.12 4.07
C LEU A 23 -10.46 7.64 4.55
N TYR A 24 -10.97 6.60 3.91
CA TYR A 24 -12.27 6.04 4.27
C TYR A 24 -12.28 4.53 4.11
N ASP A 25 -13.07 3.86 4.95
CA ASP A 25 -13.17 2.41 4.90
C ASP A 25 -13.54 1.93 3.49
N TYR A 26 -13.00 0.78 3.11
CA TYR A 26 -13.27 0.22 1.79
C TYR A 26 -13.34 -1.30 1.84
N GLN A 27 -14.47 -1.85 1.43
CA GLN A 27 -14.67 -3.29 1.43
C GLN A 27 -14.72 -3.84 0.01
N ALA A 28 -13.60 -4.38 -0.46
CA ALA A 28 -13.52 -4.94 -1.80
C ALA A 28 -14.79 -5.70 -2.15
N ALA A 29 -15.32 -5.43 -3.34
CA ALA A 29 -16.54 -6.10 -3.80
C ALA A 29 -16.27 -7.57 -4.13
N GLY A 30 -15.15 -7.82 -4.80
CA GLY A 30 -14.80 -9.18 -5.17
C GLY A 30 -13.44 -9.59 -4.64
N ASP A 31 -12.77 -10.48 -5.38
CA ASP A 31 -11.45 -10.95 -4.97
C ASP A 31 -10.36 -10.01 -5.49
N ASP A 32 -10.53 -9.53 -6.71
CA ASP A 32 -9.56 -8.63 -7.32
C ASP A 32 -9.31 -7.41 -6.43
N GLU A 33 -10.40 -6.79 -5.97
CA GLU A 33 -10.30 -5.62 -5.11
C GLU A 33 -9.87 -6.01 -3.71
N ILE A 34 -9.22 -5.08 -3.02
CA ILE A 34 -8.74 -5.33 -1.66
C ILE A 34 -9.53 -4.50 -0.65
N SER A 35 -9.68 -5.05 0.56
CA SER A 35 -10.42 -4.36 1.62
C SER A 35 -9.46 -3.87 2.71
N PHE A 36 -9.51 -2.57 2.99
CA PHE A 36 -8.65 -1.98 4.01
C PHE A 36 -9.42 -0.97 4.85
N ASP A 37 -8.92 -0.68 6.04
CA ASP A 37 -9.55 0.27 6.94
C ASP A 37 -9.00 1.68 6.73
N PRO A 38 -9.73 2.68 7.22
CA PRO A 38 -9.34 4.09 7.09
C PRO A 38 -8.13 4.43 7.96
N ASP A 39 -7.22 5.24 7.42
CA ASP A 39 -6.01 5.64 8.14
C ASP A 39 -5.01 4.50 8.19
N ASP A 40 -5.05 3.63 7.18
CA ASP A 40 -4.13 2.50 7.10
C ASP A 40 -2.92 2.83 6.25
N ILE A 41 -1.97 1.90 6.18
CA ILE A 41 -0.76 2.10 5.40
C ILE A 41 -0.63 1.04 4.31
N ILE A 42 -0.32 1.48 3.09
CA ILE A 42 -0.16 0.57 1.97
C ILE A 42 1.20 0.75 1.30
N THR A 43 1.79 -0.36 0.87
CA THR A 43 3.09 -0.33 0.21
C THR A 43 3.05 -1.07 -1.13
N ASN A 44 4.01 -0.77 -1.99
CA ASN A 44 4.08 -1.41 -3.29
C ASN A 44 2.91 -0.98 -4.17
N ILE A 45 2.48 0.26 -4.01
CA ILE A 45 1.38 0.80 -4.79
C ILE A 45 1.76 0.98 -6.26
N GLU A 46 1.22 0.13 -7.12
CA GLU A 46 1.51 0.20 -8.55
C GLU A 46 0.56 1.16 -9.25
N MET A 47 1.11 2.06 -10.04
CA MET A 47 0.31 3.03 -10.78
C MET A 47 -0.03 2.51 -12.17
N ILE A 48 -1.25 2.03 -12.33
CA ILE A 48 -1.72 1.50 -13.62
C ILE A 48 -2.64 2.48 -14.31
N ASP A 49 -3.77 2.78 -13.68
CA ASP A 49 -4.74 3.71 -14.24
C ASP A 49 -4.75 5.03 -13.46
N ASP A 50 -5.38 6.04 -14.05
CA ASP A 50 -5.45 7.36 -13.41
C ASP A 50 -6.62 7.41 -12.42
N GLY A 51 -6.95 6.26 -11.84
CA GLY A 51 -8.04 6.21 -10.88
C GLY A 51 -7.92 5.02 -9.94
N TRP A 52 -7.39 3.91 -10.45
CA TRP A 52 -7.22 2.71 -9.65
C TRP A 52 -5.76 2.30 -9.58
N TRP A 53 -5.37 1.71 -8.45
CA TRP A 53 -3.98 1.27 -8.26
C TRP A 53 -3.94 -0.13 -7.67
N ARG A 54 -2.79 -0.77 -7.77
CA ARG A 54 -2.61 -2.13 -7.25
C ARG A 54 -1.37 -2.22 -6.37
N GLY A 55 -1.58 -2.38 -5.07
CA GLY A 55 -0.46 -2.48 -4.14
C GLY A 55 -0.68 -3.52 -3.07
N VAL A 56 0.37 -3.84 -2.33
CA VAL A 56 0.29 -4.84 -1.27
C VAL A 56 -0.13 -4.19 0.05
N CYS A 57 -1.39 -4.39 0.43
CA CYS A 57 -1.91 -3.83 1.67
C CYS A 57 -2.31 -4.94 2.64
N LYS A 58 -1.86 -4.83 3.88
CA LYS A 58 -2.19 -5.81 4.91
C LYS A 58 -2.00 -7.23 4.37
N GLY A 59 -1.03 -7.40 3.48
CA GLY A 59 -0.77 -8.71 2.90
C GLY A 59 -1.77 -9.08 1.84
N ARG A 60 -2.19 -8.10 1.04
CA ARG A 60 -3.16 -8.34 -0.02
C ARG A 60 -2.91 -7.39 -1.20
N TYR A 61 -2.71 -7.96 -2.37
CA TYR A 61 -2.46 -7.17 -3.57
C TYR A 61 -3.67 -7.22 -4.52
N GLY A 62 -4.32 -6.07 -4.69
CA GLY A 62 -5.48 -6.02 -5.56
C GLY A 62 -5.76 -4.61 -6.05
N LEU A 63 -6.84 -4.44 -6.81
CA LEU A 63 -7.22 -3.14 -7.34
C LEU A 63 -7.93 -2.30 -6.28
N PHE A 64 -7.62 -1.01 -6.25
CA PHE A 64 -8.22 -0.11 -5.28
C PHE A 64 -8.24 1.32 -5.81
N PRO A 65 -9.32 2.06 -5.51
CA PRO A 65 -9.47 3.45 -5.94
C PRO A 65 -8.51 4.39 -5.24
N ALA A 66 -7.80 5.19 -6.02
CA ALA A 66 -6.84 6.14 -5.47
C ALA A 66 -7.56 7.28 -4.75
N ASN A 67 -8.88 7.25 -4.76
CA ASN A 67 -9.68 8.28 -4.11
C ASN A 67 -9.85 7.99 -2.63
N TYR A 68 -10.03 6.71 -2.31
CA TYR A 68 -10.20 6.29 -0.91
C TYR A 68 -8.87 6.30 -0.18
N VAL A 69 -7.83 6.80 -0.85
CA VAL A 69 -6.50 6.86 -0.25
C VAL A 69 -5.80 8.16 -0.62
N GLU A 70 -4.69 8.44 0.05
CA GLU A 70 -3.92 9.65 -0.21
C GLU A 70 -2.42 9.35 -0.22
N LEU A 71 -1.73 9.90 -1.22
CA LEU A 71 -0.29 9.69 -1.35
C LEU A 71 0.47 10.41 -0.23
N ARG A 72 1.23 9.63 0.55
CA ARG A 72 2.01 10.20 1.65
C ARG A 72 2.97 11.26 1.14
N GLN A 73 3.36 12.17 2.03
CA GLN A 73 4.28 13.24 1.68
C GLN A 73 5.56 13.16 2.50
N SER A 74 6.70 13.33 1.84
CA SER A 74 7.99 13.26 2.52
C SER A 74 8.52 14.67 2.82
N GLY A 75 9.44 14.76 3.77
CA GLY A 75 10.01 16.04 4.14
C GLY A 75 11.52 16.06 4.07
N PRO A 76 12.12 17.24 4.25
CA PRO A 76 13.58 17.40 4.22
C PRO A 76 14.27 16.76 5.42
N SER A 77 15.18 15.83 5.13
CA SER A 77 15.91 15.14 6.19
C SER A 77 17.12 15.94 6.63
N SER A 78 17.58 16.83 5.76
CA SER A 78 18.74 17.67 6.05
C SER A 78 19.82 16.86 6.77
N GLY A 79 20.01 15.62 6.34
CA GLY A 79 21.01 14.77 6.94
C GLY A 79 22.38 14.91 6.29
N GLY A 1 -3.88 14.65 16.25
CA GLY A 1 -2.87 15.38 15.49
C GLY A 1 -1.56 14.61 15.38
N SER A 2 -1.38 13.96 14.23
CA SER A 2 -0.17 13.17 14.00
C SER A 2 0.91 14.03 13.33
N SER A 3 1.92 14.40 14.09
CA SER A 3 3.02 15.21 13.58
C SER A 3 4.08 14.35 12.93
N GLY A 4 4.51 13.32 13.65
CA GLY A 4 5.53 12.43 13.12
C GLY A 4 5.97 11.38 14.13
N SER A 5 5.38 10.19 14.05
CA SER A 5 5.71 9.11 14.97
C SER A 5 6.75 8.17 14.35
N SER A 6 7.57 7.57 15.21
CA SER A 6 8.60 6.65 14.76
C SER A 6 8.85 5.55 15.78
N GLY A 7 9.66 4.56 15.41
CA GLY A 7 9.95 3.46 16.31
C GLY A 7 9.94 2.13 15.61
N THR A 8 10.59 2.04 14.45
CA THR A 8 10.64 0.81 13.68
C THR A 8 12.01 0.61 13.05
N TYR A 9 12.66 -0.48 13.41
CA TYR A 9 13.99 -0.79 12.88
C TYR A 9 13.96 -0.92 11.37
N ASP A 10 15.08 -0.61 10.73
CA ASP A 10 15.19 -0.69 9.28
C ASP A 10 15.56 -2.09 8.82
N GLU A 11 14.75 -2.66 7.94
CA GLU A 11 15.00 -4.01 7.43
C GLU A 11 16.29 -4.05 6.62
N TYR A 12 17.11 -5.07 6.90
CA TYR A 12 18.39 -5.22 6.20
C TYR A 12 18.21 -5.01 4.70
N GLU A 13 17.46 -5.91 4.06
CA GLU A 13 17.21 -5.82 2.63
C GLU A 13 15.72 -5.92 2.32
N ASN A 14 15.15 -4.84 1.80
CA ASN A 14 13.74 -4.81 1.46
C ASN A 14 13.37 -3.52 0.74
N ASP A 15 12.26 -3.54 0.02
CA ASP A 15 11.80 -2.37 -0.73
C ASP A 15 10.28 -2.27 -0.71
N LEU A 16 9.77 -1.11 -0.29
CA LEU A 16 8.33 -0.89 -0.21
C LEU A 16 7.84 -0.11 -1.42
N GLY A 17 8.62 0.89 -1.83
CA GLY A 17 8.25 1.71 -2.97
C GLY A 17 7.35 2.87 -2.60
N ILE A 18 6.25 3.01 -3.32
CA ILE A 18 5.30 4.09 -3.06
C ILE A 18 4.30 3.70 -1.97
N THR A 19 4.13 4.59 -0.99
CA THR A 19 3.21 4.34 0.11
C THR A 19 2.07 5.34 0.11
N ALA A 20 0.94 4.95 0.68
CA ALA A 20 -0.23 5.82 0.76
C ALA A 20 -1.04 5.56 2.03
N VAL A 21 -1.92 6.49 2.37
CA VAL A 21 -2.76 6.37 3.55
C VAL A 21 -4.24 6.43 3.20
N ALA A 22 -5.00 5.44 3.65
CA ALA A 22 -6.43 5.39 3.39
C ALA A 22 -7.15 6.54 4.08
N LEU A 23 -8.20 7.04 3.42
CA LEU A 23 -8.98 8.15 3.97
C LEU A 23 -10.28 7.65 4.58
N TYR A 24 -10.91 6.69 3.90
CA TYR A 24 -12.17 6.12 4.37
C TYR A 24 -12.17 4.60 4.21
N ASP A 25 -12.96 3.93 5.05
CA ASP A 25 -13.05 2.48 5.00
C ASP A 25 -13.60 2.00 3.66
N TYR A 26 -13.05 0.91 3.15
CA TYR A 26 -13.48 0.36 1.87
C TYR A 26 -13.73 -1.15 1.97
N GLN A 27 -14.67 -1.65 1.17
CA GLN A 27 -14.99 -3.06 1.17
C GLN A 27 -14.93 -3.64 -0.24
N ALA A 28 -13.82 -4.27 -0.57
CA ALA A 28 -13.63 -4.87 -1.89
C ALA A 28 -14.81 -5.76 -2.25
N ALA A 29 -15.51 -5.41 -3.32
CA ALA A 29 -16.65 -6.18 -3.78
C ALA A 29 -16.27 -7.64 -4.02
N GLY A 30 -15.08 -7.84 -4.58
CA GLY A 30 -14.63 -9.19 -4.86
C GLY A 30 -13.16 -9.39 -4.52
N ASP A 31 -12.61 -10.52 -4.94
CA ASP A 31 -11.20 -10.82 -4.68
C ASP A 31 -10.29 -9.83 -5.40
N ASP A 32 -10.61 -9.55 -6.66
CA ASP A 32 -9.82 -8.63 -7.46
C ASP A 32 -9.50 -7.36 -6.68
N GLU A 33 -10.49 -6.84 -5.95
CA GLU A 33 -10.32 -5.64 -5.16
C GLU A 33 -9.89 -5.99 -3.73
N ILE A 34 -9.13 -5.10 -3.11
CA ILE A 34 -8.66 -5.30 -1.76
C ILE A 34 -9.42 -4.42 -0.76
N SER A 35 -9.58 -4.91 0.45
CA SER A 35 -10.28 -4.17 1.50
C SER A 35 -9.33 -3.73 2.60
N PHE A 36 -9.31 -2.44 2.91
CA PHE A 36 -8.45 -1.91 3.95
C PHE A 36 -9.22 -0.96 4.86
N ASP A 37 -8.63 -0.68 6.02
CA ASP A 37 -9.26 0.22 6.99
C ASP A 37 -8.85 1.66 6.73
N PRO A 38 -9.63 2.60 7.30
CA PRO A 38 -9.37 4.04 7.15
C PRO A 38 -8.11 4.48 7.90
N ASP A 39 -7.26 5.25 7.21
CA ASP A 39 -6.03 5.74 7.82
C ASP A 39 -5.00 4.62 7.92
N ASP A 40 -5.11 3.63 7.05
CA ASP A 40 -4.18 2.50 7.04
C ASP A 40 -2.95 2.82 6.19
N ILE A 41 -1.93 1.99 6.32
CA ILE A 41 -0.70 2.17 5.56
C ILE A 41 -0.52 1.08 4.50
N ILE A 42 -0.21 1.49 3.28
CA ILE A 42 -0.02 0.55 2.19
C ILE A 42 1.38 0.69 1.58
N THR A 43 1.89 -0.42 1.05
CA THR A 43 3.22 -0.42 0.44
C THR A 43 3.18 -1.01 -0.96
N ASN A 44 4.25 -0.79 -1.73
CA ASN A 44 4.33 -1.29 -3.09
C ASN A 44 3.13 -0.85 -3.92
N ILE A 45 2.84 0.45 -3.89
CA ILE A 45 1.72 1.01 -4.63
C ILE A 45 2.07 1.17 -6.11
N GLU A 46 1.43 0.35 -6.95
CA GLU A 46 1.67 0.41 -8.39
C GLU A 46 0.51 1.08 -9.10
N MET A 47 0.67 2.36 -9.40
CA MET A 47 -0.37 3.12 -10.09
C MET A 47 -0.69 2.50 -11.46
N ILE A 48 -1.80 1.77 -11.53
CA ILE A 48 -2.21 1.12 -12.76
C ILE A 48 -2.79 2.13 -13.74
N ASP A 49 -3.88 2.77 -13.34
CA ASP A 49 -4.54 3.76 -14.18
C ASP A 49 -4.76 5.07 -13.40
N ASP A 50 -5.46 6.01 -14.04
CA ASP A 50 -5.73 7.30 -13.41
C ASP A 50 -7.00 7.24 -12.57
N GLY A 51 -7.19 6.11 -11.89
CA GLY A 51 -8.37 5.95 -11.06
C GLY A 51 -8.23 4.80 -10.08
N TRP A 52 -7.62 3.71 -10.53
CA TRP A 52 -7.42 2.54 -9.68
C TRP A 52 -5.95 2.14 -9.64
N TRP A 53 -5.47 1.82 -8.43
CA TRP A 53 -4.08 1.42 -8.26
C TRP A 53 -3.99 0.01 -7.69
N ARG A 54 -2.80 -0.60 -7.80
CA ARG A 54 -2.58 -1.94 -7.29
C ARG A 54 -1.39 -1.98 -6.34
N GLY A 55 -1.66 -2.30 -5.08
CA GLY A 55 -0.60 -2.37 -4.09
C GLY A 55 -0.80 -3.51 -3.11
N VAL A 56 0.23 -3.78 -2.31
CA VAL A 56 0.17 -4.85 -1.33
C VAL A 56 -0.26 -4.31 0.04
N CYS A 57 -1.47 -4.65 0.45
CA CYS A 57 -1.99 -4.20 1.74
C CYS A 57 -2.25 -5.39 2.67
N LYS A 58 -1.81 -5.26 3.91
CA LYS A 58 -1.99 -6.32 4.89
C LYS A 58 -1.77 -7.69 4.27
N GLY A 59 -0.99 -7.72 3.19
CA GLY A 59 -0.70 -8.98 2.51
C GLY A 59 -1.72 -9.30 1.44
N ARG A 60 -2.23 -8.26 0.78
CA ARG A 60 -3.22 -8.44 -0.28
C ARG A 60 -2.96 -7.47 -1.43
N TYR A 61 -2.79 -8.03 -2.63
CA TYR A 61 -2.53 -7.22 -3.81
C TYR A 61 -3.71 -7.27 -4.78
N GLY A 62 -4.38 -6.14 -4.94
CA GLY A 62 -5.52 -6.08 -5.84
C GLY A 62 -5.81 -4.66 -6.30
N LEU A 63 -6.92 -4.50 -7.02
CA LEU A 63 -7.30 -3.19 -7.54
C LEU A 63 -8.04 -2.38 -6.47
N PHE A 64 -7.70 -1.10 -6.35
CA PHE A 64 -8.33 -0.23 -5.37
C PHE A 64 -8.38 1.20 -5.89
N PRO A 65 -9.46 1.92 -5.51
CA PRO A 65 -9.66 3.31 -5.93
C PRO A 65 -8.68 4.27 -5.27
N ALA A 66 -8.13 5.19 -6.05
CA ALA A 66 -7.17 6.16 -5.54
C ALA A 66 -7.88 7.32 -4.84
N ASN A 67 -9.21 7.27 -4.84
CA ASN A 67 -10.01 8.31 -4.20
C ASN A 67 -10.15 8.05 -2.71
N TYR A 68 -10.06 6.79 -2.31
CA TYR A 68 -10.18 6.42 -0.91
C TYR A 68 -8.81 6.35 -0.24
N VAL A 69 -7.80 6.87 -0.93
CA VAL A 69 -6.44 6.88 -0.41
C VAL A 69 -5.68 8.11 -0.88
N GLU A 70 -4.61 8.46 -0.15
CA GLU A 70 -3.80 9.62 -0.48
C GLU A 70 -2.32 9.26 -0.52
N LEU A 71 -1.62 9.74 -1.53
CA LEU A 71 -0.19 9.47 -1.68
C LEU A 71 0.58 9.92 -0.45
N ARG A 72 1.28 8.99 0.18
CA ARG A 72 2.06 9.29 1.38
C ARG A 72 3.51 9.66 1.01
N GLN A 73 3.76 10.95 0.85
CA GLN A 73 5.09 11.43 0.50
C GLN A 73 6.16 10.71 1.31
N SER A 74 7.10 10.07 0.61
CA SER A 74 8.18 9.34 1.27
C SER A 74 9.54 9.93 0.91
N GLY A 75 9.61 11.26 0.89
CA GLY A 75 10.85 11.94 0.56
C GLY A 75 11.02 13.24 1.31
N PRO A 76 10.31 14.29 0.85
CA PRO A 76 10.36 15.61 1.46
C PRO A 76 9.71 15.65 2.83
N SER A 77 9.06 14.54 3.21
CA SER A 77 8.39 14.45 4.50
C SER A 77 9.25 15.08 5.60
N SER A 78 10.52 14.72 5.64
CA SER A 78 11.43 15.24 6.64
C SER A 78 11.97 16.61 6.22
N GLY A 79 12.65 16.64 5.08
CA GLY A 79 13.21 17.89 4.59
C GLY A 79 12.14 18.91 4.23
#